data_6QIC
#
_entry.id   6QIC
#
_cell.length_a   139.610
_cell.length_b   139.960
_cell.length_c   164.660
_cell.angle_alpha   90.000
_cell.angle_beta   90.000
_cell.angle_gamma   90.000
#
_symmetry.space_group_name_H-M   'P 21 21 21'
#
loop_
_entity.id
_entity.type
_entity.pdbx_description
1 polymer 'Putative pre-mRNA splicing factor'
2 polymer "RNA (5'-R(P*UP*UP*UP*UP*UP*UP*UP*UP*UP*UP*U)-3')"
3 water water
#
loop_
_entity_poly.entity_id
_entity_poly.type
_entity_poly.pdbx_seq_one_letter_code
_entity_poly.pdbx_strand_id
1 'polypeptide(L)'
;TNMSIKEQRESLPVFQFRDQIIQAVKDNQILIVVGETGSGKTTQVTQYLAEAGFTKYGMIGCTQPRRVAAVSVAKRVAEE
VGCQLGQEVGYTIRFEDVTSPATKIKYMTDGMLQREILMDPDLKRYSVIMLDEAHERTIATDVLFALLKKTVKRRPDLKV
IVTSATLDAEKFSEYFNSCPIFTIPGRTFPVEILYSREPEPDYLEAALTTVMQIHLTEPPGDILVFLTGQEEIDTACEIL
YERMKALGPSVPELIILPIYSALPSEMQSRIFEPAPPGSRKVVIATNIAETAITIDYIYYVVDPGFVKQNAYDPKLGMDS
LVVTPISQAQANQRAGRAGRTGPGKCFRLYTEAAYQSEMLPTTIPDIQRQNLANTILLLKAMGINDLLRFDFMDPPPVNT
MLTALEELYALGALDDEGLLTRLGRKMADFPMEPSLSKVLIASVDKGCSDEMVTIVSMLNLQQIFYRPKDKQQQADQKKA
KFHDPTGDHLTLLNVYNAWKNSGYSNAWCFENYIQARAMRRARDVRQQIVKIMERHRHPIISCGRDTDKIRQALCAGFFR
NTARKDPQEGYKTLTEGTPVYLHPSSALFGKQAEWVLYHELVLTTKEYMHFTTAIEPKWLVEAAPTFFKLAPTDRLSKRK
KAERIQPLYNKYEGEDGWRLSAQRRAARPGGGGGTWG
;
A,B,C,D
2 'polyribonucleotide' UUUUUUUUUUU E,F,G,H
#
loop_
_chem_comp.id
_chem_comp.type
_chem_comp.name
_chem_comp.formula
U RNA linking URIDINE-5'-MONOPHOSPHATE 'C9 H13 N2 O9 P'
#
# COMPACT_ATOMS: atom_id res chain seq x y z
N THR A 1 -34.70 -4.13 56.96
CA THR A 1 -33.34 -4.45 57.45
C THR A 1 -33.24 -5.94 57.75
N ASN A 2 -32.04 -6.41 58.10
CA ASN A 2 -31.80 -7.85 58.31
C ASN A 2 -32.65 -8.37 59.47
N MET A 3 -33.36 -9.46 59.22
CA MET A 3 -34.09 -10.21 60.27
C MET A 3 -33.54 -11.63 60.19
N SER A 4 -32.86 -12.08 61.25
CA SER A 4 -32.22 -13.42 61.44
C SER A 4 -30.88 -13.54 60.68
N ILE A 5 -30.42 -12.46 60.04
CA ILE A 5 -29.10 -12.47 59.33
C ILE A 5 -27.97 -12.62 60.36
N LYS A 6 -28.12 -11.95 61.51
CA LYS A 6 -27.11 -12.02 62.60
C LYS A 6 -27.02 -13.47 63.10
N GLU A 7 -28.16 -14.16 63.21
CA GLU A 7 -28.19 -15.56 63.65
C GLU A 7 -27.41 -16.43 62.65
N GLN A 8 -27.54 -16.15 61.35
CA GLN A 8 -26.81 -16.94 60.31
C GLN A 8 -25.30 -16.81 60.50
N ARG A 9 -24.82 -15.59 60.76
CA ARG A 9 -23.36 -15.34 60.94
C ARG A 9 -22.84 -16.05 62.19
N GLU A 10 -23.63 -16.04 63.26
CA GLU A 10 -23.24 -16.56 64.60
C GLU A 10 -23.45 -18.08 64.64
N SER A 11 -24.21 -18.64 63.69
CA SER A 11 -24.49 -20.10 63.55
C SER A 11 -23.28 -20.80 62.94
N LEU A 12 -22.47 -20.07 62.16
CA LEU A 12 -21.28 -20.61 61.44
C LEU A 12 -20.24 -21.06 62.46
N PRO A 13 -19.55 -22.19 62.24
CA PRO A 13 -18.57 -22.68 63.19
C PRO A 13 -17.44 -21.68 63.50
N VAL A 14 -17.12 -20.81 62.57
CA VAL A 14 -15.94 -19.90 62.70
C VAL A 14 -16.24 -18.86 63.78
N PHE A 15 -17.52 -18.57 64.07
CA PHE A 15 -17.93 -17.57 65.11
C PHE A 15 -17.41 -17.97 66.50
N GLN A 16 -17.34 -19.25 66.83
CA GLN A 16 -16.76 -19.79 68.10
C GLN A 16 -15.27 -19.44 68.20
N PHE A 17 -14.61 -19.12 67.09
CA PHE A 17 -13.15 -18.81 67.07
C PHE A 17 -12.89 -17.35 66.67
N ARG A 18 -13.94 -16.52 66.72
CA ARG A 18 -13.89 -15.10 66.28
C ARG A 18 -12.76 -14.35 66.99
N ASP A 19 -12.84 -14.23 68.32
CA ASP A 19 -11.90 -13.41 69.14
C ASP A 19 -10.47 -13.91 68.91
N GLN A 20 -10.29 -15.24 68.84
CA GLN A 20 -8.97 -15.93 68.77
C GLN A 20 -8.25 -15.62 67.44
N ILE A 21 -8.99 -15.59 66.31
CA ILE A 21 -8.36 -15.34 64.99
C ILE A 21 -7.97 -13.86 64.89
N ILE A 22 -8.79 -12.94 65.40
CA ILE A 22 -8.46 -11.49 65.41
C ILE A 22 -7.13 -11.31 66.16
N GLN A 23 -6.96 -12.01 67.29
CA GLN A 23 -5.75 -11.95 68.14
C GLN A 23 -4.54 -12.52 67.36
N ALA A 24 -4.77 -13.65 66.71
CA ALA A 24 -3.76 -14.40 65.93
C ALA A 24 -3.20 -13.51 64.80
N VAL A 25 -4.02 -12.64 64.20
CA VAL A 25 -3.63 -11.77 63.03
C VAL A 25 -2.91 -10.50 63.51
N LYS A 26 -3.18 -10.05 64.75
CA LYS A 26 -2.40 -8.91 65.32
C LYS A 26 -1.07 -9.47 65.85
N ASP A 27 -1.07 -10.71 66.39
CA ASP A 27 0.14 -11.43 66.87
C ASP A 27 1.09 -11.68 65.69
N ASN A 28 0.62 -12.33 64.63
CA ASN A 28 1.47 -12.86 63.53
C ASN A 28 1.25 -12.04 62.25
N GLN A 29 2.33 -11.71 61.55
CA GLN A 29 2.30 -11.00 60.25
C GLN A 29 1.70 -11.94 59.20
N ILE A 30 2.28 -13.13 59.07
CA ILE A 30 1.74 -14.23 58.22
C ILE A 30 1.10 -15.27 59.15
N LEU A 31 -0.04 -15.82 58.73
CA LEU A 31 -0.80 -16.86 59.47
C LEU A 31 -1.39 -17.87 58.47
N ILE A 32 -1.35 -19.15 58.81
CA ILE A 32 -2.04 -20.21 58.01
C ILE A 32 -3.36 -20.50 58.69
N VAL A 33 -4.44 -20.48 57.91
CA VAL A 33 -5.83 -20.80 58.37
C VAL A 33 -6.28 -22.07 57.64
N VAL A 34 -6.46 -23.16 58.39
CA VAL A 34 -7.10 -24.39 57.86
C VAL A 34 -8.55 -24.38 58.34
N GLY A 35 -9.48 -24.25 57.41
CA GLY A 35 -10.93 -24.20 57.70
C GLY A 35 -11.63 -25.26 56.87
N GLU A 36 -12.10 -26.33 57.54
CA GLU A 36 -12.75 -27.47 56.83
C GLU A 36 -14.03 -26.93 56.18
N THR A 37 -14.67 -27.69 55.31
CA THR A 37 -15.55 -27.20 54.20
C THR A 37 -16.59 -26.15 54.71
N GLY A 38 -17.33 -26.43 55.80
CA GLY A 38 -18.48 -25.61 56.22
C GLY A 38 -18.11 -24.40 57.07
N SER A 39 -16.83 -24.20 57.36
CA SER A 39 -16.35 -23.34 58.47
C SER A 39 -16.99 -21.96 58.39
N GLY A 40 -17.05 -21.38 57.19
CA GLY A 40 -17.52 -20.01 56.94
C GLY A 40 -16.39 -18.98 56.97
N LYS A 41 -15.14 -19.44 56.95
CA LYS A 41 -13.93 -18.57 56.97
C LYS A 41 -13.97 -17.56 55.83
N THR A 42 -14.46 -17.97 54.66
CA THR A 42 -14.40 -17.15 53.42
C THR A 42 -15.16 -15.85 53.65
N THR A 43 -16.38 -15.94 54.20
CA THR A 43 -17.34 -14.80 54.34
C THR A 43 -17.08 -13.99 55.62
N GLN A 44 -16.49 -14.58 56.65
CA GLN A 44 -16.48 -14.00 58.01
C GLN A 44 -15.15 -13.32 58.35
N VAL A 45 -14.03 -13.97 58.07
CA VAL A 45 -12.67 -13.55 58.51
C VAL A 45 -12.40 -12.13 57.99
N THR A 46 -12.74 -11.85 56.76
CA THR A 46 -12.64 -10.49 56.18
C THR A 46 -13.40 -9.51 57.10
N GLN A 47 -14.63 -9.84 57.48
CA GLN A 47 -15.52 -8.97 58.29
C GLN A 47 -15.01 -8.84 59.72
N TYR A 48 -14.55 -9.96 60.32
CA TYR A 48 -14.03 -10.00 61.70
C TYR A 48 -12.91 -8.96 61.81
N LEU A 49 -12.00 -8.93 60.85
CA LEU A 49 -10.85 -7.99 60.87
C LEU A 49 -11.36 -6.55 60.70
N ALA A 50 -12.24 -6.28 59.72
CA ALA A 50 -12.84 -4.93 59.50
C ALA A 50 -13.49 -4.43 60.79
N GLU A 51 -14.23 -5.30 61.50
CA GLU A 51 -14.96 -4.99 62.76
C GLU A 51 -13.98 -4.62 63.88
N ALA A 52 -12.73 -5.12 63.80
CA ALA A 52 -11.66 -4.88 64.78
C ALA A 52 -10.81 -3.67 64.38
N GLY A 53 -11.12 -3.02 63.26
CA GLY A 53 -10.55 -1.70 62.88
C GLY A 53 -9.35 -1.83 61.96
N PHE A 54 -9.11 -3.02 61.39
CA PHE A 54 -7.98 -3.32 60.46
C PHE A 54 -8.17 -2.57 59.14
N THR A 55 -9.29 -1.86 58.99
CA THR A 55 -9.72 -1.23 57.73
C THR A 55 -9.37 0.26 57.78
N LYS A 56 -8.81 0.74 58.88
CA LYS A 56 -8.67 2.19 59.19
C LYS A 56 -7.60 2.80 58.27
N TYR A 57 -6.41 2.19 58.22
CA TYR A 57 -5.33 2.76 57.35
C TYR A 57 -5.18 1.94 56.06
N GLY A 58 -5.72 0.72 56.03
CA GLY A 58 -5.55 -0.11 54.82
C GLY A 58 -6.79 -0.89 54.44
N MET A 59 -6.90 -1.21 53.15
CA MET A 59 -8.03 -1.99 52.58
C MET A 59 -7.82 -3.48 52.89
N ILE A 60 -8.89 -4.27 52.88
CA ILE A 60 -8.75 -5.74 53.13
C ILE A 60 -8.99 -6.45 51.80
N GLY A 61 -7.99 -7.21 51.33
CA GLY A 61 -8.10 -7.94 50.05
C GLY A 61 -8.22 -9.43 50.30
N CYS A 62 -9.09 -10.13 49.59
CA CYS A 62 -9.22 -11.59 49.66
C CYS A 62 -9.30 -12.18 48.25
N THR A 63 -8.31 -12.98 47.87
CA THR A 63 -8.23 -13.58 46.51
C THR A 63 -9.11 -14.82 46.50
N GLN A 64 -9.70 -15.12 45.34
CA GLN A 64 -10.41 -16.39 45.06
C GLN A 64 -9.88 -16.92 43.73
N PRO A 65 -9.75 -18.24 43.58
CA PRO A 65 -9.30 -18.84 42.31
C PRO A 65 -10.28 -18.63 41.16
N ARG A 66 -11.57 -18.43 41.47
CA ARG A 66 -12.61 -18.34 40.41
C ARG A 66 -13.35 -16.99 40.45
N ARG A 67 -13.66 -16.44 39.28
CA ARG A 67 -14.42 -15.17 39.14
C ARG A 67 -15.75 -15.30 39.87
N VAL A 68 -16.49 -16.38 39.61
CA VAL A 68 -17.86 -16.52 40.14
C VAL A 68 -17.81 -16.45 41.69
N ALA A 69 -16.75 -16.94 42.32
CA ALA A 69 -16.64 -17.02 43.78
C ALA A 69 -16.31 -15.64 44.31
N ALA A 70 -15.47 -14.87 43.64
CA ALA A 70 -15.22 -13.46 44.00
C ALA A 70 -16.55 -12.70 44.05
N VAL A 71 -17.36 -12.77 42.99
CA VAL A 71 -18.64 -12.02 42.95
C VAL A 71 -19.64 -12.58 43.97
N SER A 72 -19.79 -13.91 44.05
CA SER A 72 -20.78 -14.51 44.97
C SER A 72 -20.42 -14.22 46.43
N VAL A 73 -19.14 -14.38 46.78
CA VAL A 73 -18.68 -14.13 48.17
C VAL A 73 -18.90 -12.65 48.50
N ALA A 74 -18.53 -11.76 47.57
CA ALA A 74 -18.67 -10.31 47.79
C ALA A 74 -20.14 -9.94 47.97
N LYS A 75 -21.02 -10.53 47.16
CA LYS A 75 -22.47 -10.21 47.26
C LYS A 75 -22.97 -10.66 48.63
N ARG A 76 -22.61 -11.86 49.06
CA ARG A 76 -23.04 -12.40 50.39
C ARG A 76 -22.46 -11.56 51.52
N VAL A 77 -21.18 -11.21 51.43
CA VAL A 77 -20.53 -10.38 52.49
C VAL A 77 -21.21 -9.01 52.54
N ALA A 78 -21.52 -8.44 51.38
CA ALA A 78 -22.17 -7.10 51.32
C ALA A 78 -23.52 -7.14 52.01
N GLU A 79 -24.35 -8.16 51.75
CA GLU A 79 -25.67 -8.23 52.42
C GLU A 79 -25.50 -8.39 53.93
N GLU A 80 -24.52 -9.17 54.37
CA GLU A 80 -24.28 -9.33 55.83
C GLU A 80 -23.86 -7.98 56.41
N VAL A 81 -23.00 -7.26 55.68
CA VAL A 81 -22.52 -5.91 56.09
C VAL A 81 -23.71 -4.93 56.06
N GLY A 82 -24.61 -5.08 55.08
CA GLY A 82 -25.78 -4.19 54.96
C GLY A 82 -25.54 -3.02 54.02
N CYS A 83 -24.44 -3.05 53.27
CA CYS A 83 -24.11 -1.96 52.32
C CYS A 83 -24.33 -2.41 50.87
N GLN A 84 -24.52 -1.45 49.97
CA GLN A 84 -24.67 -1.70 48.51
C GLN A 84 -23.39 -2.41 48.05
N LEU A 85 -23.51 -3.33 47.10
CA LEU A 85 -22.35 -4.00 46.48
C LEU A 85 -21.55 -2.95 45.70
N GLY A 86 -20.26 -2.88 45.96
CA GLY A 86 -19.34 -1.90 45.35
C GLY A 86 -19.11 -0.70 46.23
N GLN A 87 -19.74 -0.65 47.41
CA GLN A 87 -19.46 0.39 48.44
C GLN A 87 -18.51 -0.22 49.46
N GLU A 88 -18.85 -0.27 50.75
CA GLU A 88 -17.97 -0.79 51.84
C GLU A 88 -17.39 -2.17 51.46
N VAL A 89 -18.14 -2.99 50.73
CA VAL A 89 -17.77 -4.37 50.30
C VAL A 89 -17.87 -4.41 48.78
N GLY A 90 -16.80 -4.85 48.09
CA GLY A 90 -16.69 -4.83 46.63
C GLY A 90 -15.89 -6.00 46.10
N TYR A 91 -15.87 -6.14 44.78
CA TYR A 91 -15.09 -7.22 44.14
C TYR A 91 -14.43 -6.68 42.87
N THR A 92 -13.25 -7.20 42.53
CA THR A 92 -12.57 -6.80 41.28
C THR A 92 -12.21 -8.05 40.49
N ILE A 93 -12.68 -8.12 39.24
CA ILE A 93 -12.37 -9.24 38.31
C ILE A 93 -12.13 -8.65 36.92
N ARG A 94 -11.55 -9.43 36.01
CA ARG A 94 -11.27 -8.88 34.67
C ARG A 94 -12.60 -8.43 34.06
N PHE A 95 -12.61 -7.17 33.58
CA PHE A 95 -13.72 -6.43 32.90
C PHE A 95 -14.81 -5.98 33.90
N GLU A 96 -14.61 -6.17 35.21
CA GLU A 96 -15.68 -5.85 36.18
C GLU A 96 -15.08 -5.30 37.48
N ASP A 97 -14.61 -4.05 37.51
CA ASP A 97 -14.07 -3.49 38.77
C ASP A 97 -15.20 -2.86 39.57
N VAL A 98 -15.89 -3.66 40.39
CA VAL A 98 -17.03 -3.15 41.20
C VAL A 98 -16.52 -2.67 42.57
N THR A 99 -15.78 -1.56 42.58
CA THR A 99 -15.25 -0.97 43.84
C THR A 99 -15.45 0.55 43.79
N SER A 100 -15.43 1.20 44.95
CA SER A 100 -15.59 2.67 45.04
C SER A 100 -14.67 3.23 46.12
N PRO A 101 -14.36 4.55 46.15
CA PRO A 101 -13.51 5.09 47.21
C PRO A 101 -13.94 4.68 48.63
N ALA A 102 -15.11 4.06 48.80
CA ALA A 102 -15.65 3.67 50.13
C ALA A 102 -15.35 2.22 50.47
N THR A 103 -14.81 1.42 49.56
CA THR A 103 -14.65 -0.04 49.74
C THR A 103 -13.52 -0.30 50.74
N LYS A 104 -13.85 -0.97 51.83
CA LYS A 104 -12.94 -1.35 52.94
C LYS A 104 -12.61 -2.86 52.81
N ILE A 105 -13.55 -3.66 52.31
CA ILE A 105 -13.35 -5.11 52.01
C ILE A 105 -13.50 -5.35 50.50
N LYS A 106 -12.45 -5.92 49.88
CA LYS A 106 -12.36 -6.18 48.43
C LYS A 106 -12.03 -7.65 48.16
N TYR A 107 -12.94 -8.38 47.54
CA TYR A 107 -12.73 -9.76 47.04
C TYR A 107 -12.29 -9.64 45.59
N MET A 108 -11.32 -10.44 45.17
CA MET A 108 -10.77 -10.38 43.80
C MET A 108 -10.30 -11.76 43.39
N THR A 109 -10.11 -12.00 42.11
CA THR A 109 -9.40 -13.21 41.60
C THR A 109 -7.91 -13.08 41.94
N ASP A 110 -7.24 -14.20 42.26
CA ASP A 110 -5.77 -14.26 42.51
C ASP A 110 -5.08 -13.57 41.35
N GLY A 111 -5.48 -13.87 40.11
CA GLY A 111 -4.93 -13.28 38.89
C GLY A 111 -4.87 -11.76 38.96
N MET A 112 -5.90 -11.15 39.53
CA MET A 112 -6.07 -9.69 39.63
C MET A 112 -5.03 -9.15 40.58
N LEU A 113 -4.80 -9.79 41.72
CA LEU A 113 -3.79 -9.32 42.71
C LEU A 113 -2.41 -9.48 42.07
N GLN A 114 -2.21 -10.53 41.28
CA GLN A 114 -0.93 -10.79 40.54
C GLN A 114 -0.65 -9.55 39.68
N ARG A 115 -1.65 -9.16 38.89
CA ARG A 115 -1.56 -8.03 37.93
C ARG A 115 -1.41 -6.72 38.73
N GLU A 116 -2.06 -6.56 39.88
CA GLU A 116 -1.96 -5.33 40.70
C GLU A 116 -0.55 -5.19 41.24
N ILE A 117 0.05 -6.31 41.63
CA ILE A 117 1.33 -6.35 42.40
C ILE A 117 2.48 -5.94 41.47
N LEU A 118 2.27 -6.07 40.16
CA LEU A 118 3.20 -5.58 39.09
C LEU A 118 3.32 -4.06 39.15
N MET A 119 2.19 -3.34 39.19
CA MET A 119 2.12 -1.85 39.24
C MET A 119 2.41 -1.34 40.66
N ASP A 120 2.12 -2.11 41.71
CA ASP A 120 2.36 -1.71 43.12
C ASP A 120 2.97 -2.89 43.86
N PRO A 121 4.30 -3.12 43.77
CA PRO A 121 4.92 -4.26 44.44
C PRO A 121 4.69 -4.34 45.95
N ASP A 122 4.48 -3.21 46.62
CA ASP A 122 4.24 -3.18 48.09
C ASP A 122 2.73 -3.27 48.42
N LEU A 123 1.87 -3.26 47.42
CA LEU A 123 0.38 -3.30 47.59
C LEU A 123 -0.01 -2.28 48.66
N LYS A 124 0.26 -1.00 48.42
CA LYS A 124 0.16 0.05 49.45
C LYS A 124 -1.31 0.22 49.86
N ARG A 125 -2.24 0.03 48.93
CA ARG A 125 -3.68 0.29 49.19
C ARG A 125 -4.24 -0.71 50.21
N TYR A 126 -3.56 -1.86 50.43
CA TYR A 126 -4.12 -2.96 51.25
C TYR A 126 -3.39 -3.06 52.60
N SER A 127 -4.16 -3.21 53.67
CA SER A 127 -3.69 -3.42 55.06
C SER A 127 -3.60 -4.91 55.36
N VAL A 128 -4.41 -5.73 54.70
CA VAL A 128 -4.49 -7.21 54.92
C VAL A 128 -4.76 -7.90 53.60
N ILE A 129 -4.01 -8.95 53.31
CA ILE A 129 -4.22 -9.83 52.13
C ILE A 129 -4.53 -11.22 52.67
N MET A 130 -5.63 -11.79 52.20
CA MET A 130 -6.01 -13.18 52.50
C MET A 130 -6.07 -13.93 51.17
N LEU A 131 -5.32 -15.03 51.06
CA LEU A 131 -5.38 -15.87 49.84
C LEU A 131 -6.32 -17.03 50.16
N ASP A 132 -7.55 -16.98 49.64
CA ASP A 132 -8.54 -18.04 49.91
C ASP A 132 -8.39 -19.16 48.88
N GLU A 133 -8.86 -20.36 49.21
CA GLU A 133 -8.81 -21.52 48.30
C GLU A 133 -7.36 -21.75 47.85
N ALA A 134 -6.41 -21.63 48.79
CA ALA A 134 -4.96 -21.83 48.53
C ALA A 134 -4.66 -23.28 48.13
N HIS A 135 -5.47 -24.25 48.60
CA HIS A 135 -5.34 -25.71 48.33
C HIS A 135 -5.52 -26.04 46.85
N GLU A 136 -6.22 -25.19 46.09
CA GLU A 136 -6.44 -25.32 44.62
C GLU A 136 -5.09 -25.25 43.88
N ARG A 137 -4.15 -24.46 44.40
CA ARG A 137 -2.77 -24.31 43.87
C ARG A 137 -2.75 -23.76 42.44
N THR A 138 -3.56 -22.73 42.17
CA THR A 138 -3.56 -22.06 40.86
C THR A 138 -2.22 -21.33 40.70
N ILE A 139 -1.66 -21.33 39.49
CA ILE A 139 -0.38 -20.64 39.18
C ILE A 139 -0.37 -19.26 39.84
N ALA A 140 -1.46 -18.49 39.74
CA ALA A 140 -1.53 -17.14 40.34
C ALA A 140 -1.34 -17.26 41.84
N THR A 141 -1.97 -18.24 42.49
CA THR A 141 -1.89 -18.32 43.97
C THR A 141 -0.44 -18.68 44.30
N ASP A 142 0.15 -19.67 43.60
CA ASP A 142 1.55 -20.12 43.86
C ASP A 142 2.51 -18.93 43.69
N VAL A 143 2.33 -18.12 42.63
CA VAL A 143 3.13 -16.89 42.37
C VAL A 143 2.96 -15.96 43.56
N LEU A 144 1.73 -15.81 44.06
CA LEU A 144 1.47 -14.83 45.14
C LEU A 144 2.12 -15.28 46.46
N PHE A 145 2.28 -16.58 46.68
CA PHE A 145 3.03 -17.10 47.85
C PHE A 145 4.42 -16.47 47.88
N ALA A 146 5.15 -16.60 46.77
CA ALA A 146 6.55 -16.17 46.65
C ALA A 146 6.63 -14.64 46.79
N LEU A 147 5.79 -13.92 46.03
CA LEU A 147 5.85 -12.43 45.97
C LEU A 147 5.50 -11.86 47.35
N LEU A 148 4.46 -12.39 48.01
CA LEU A 148 3.98 -11.86 49.30
C LEU A 148 4.97 -12.20 50.41
N LYS A 149 5.63 -13.35 50.32
CA LYS A 149 6.72 -13.75 51.24
C LYS A 149 7.83 -12.69 51.22
N LYS A 150 8.12 -12.13 50.03
CA LYS A 150 9.11 -11.03 49.83
C LYS A 150 8.49 -9.69 50.27
N THR A 151 7.20 -9.50 50.00
CA THR A 151 6.48 -8.25 50.36
C THR A 151 6.41 -8.07 51.88
N VAL A 152 6.26 -9.19 52.62
CA VAL A 152 6.14 -9.12 54.11
C VAL A 152 7.42 -8.51 54.69
N LYS A 153 8.59 -8.87 54.17
CA LYS A 153 9.85 -8.28 54.68
C LYS A 153 9.84 -6.78 54.38
N ARG A 154 9.39 -6.40 53.18
CA ARG A 154 9.32 -4.97 52.76
C ARG A 154 8.36 -4.17 53.65
N ARG A 155 7.19 -4.71 53.98
CA ARG A 155 6.22 -3.94 54.81
C ARG A 155 5.87 -4.70 56.09
N PRO A 156 6.33 -4.26 57.28
CA PRO A 156 6.01 -4.93 58.55
C PRO A 156 4.56 -4.73 59.05
N ASP A 157 3.87 -3.68 58.58
CA ASP A 157 2.46 -3.38 58.97
C ASP A 157 1.52 -4.41 58.32
N LEU A 158 1.71 -4.69 57.03
CA LEU A 158 0.83 -5.56 56.20
C LEU A 158 0.70 -6.96 56.81
N LYS A 159 -0.53 -7.44 56.95
CA LYS A 159 -0.85 -8.80 57.47
C LYS A 159 -1.26 -9.68 56.28
N VAL A 160 -0.87 -10.95 56.33
CA VAL A 160 -1.14 -11.95 55.25
C VAL A 160 -1.73 -13.19 55.93
N ILE A 161 -2.90 -13.60 55.46
CA ILE A 161 -3.52 -14.89 55.83
C ILE A 161 -3.42 -15.77 54.59
N VAL A 162 -3.00 -17.02 54.77
CA VAL A 162 -2.99 -18.02 53.69
C VAL A 162 -3.78 -19.23 54.16
N THR A 163 -4.80 -19.63 53.40
CA THR A 163 -5.61 -20.85 53.68
C THR A 163 -4.83 -22.10 53.27
N SER A 164 -5.23 -23.27 53.74
CA SER A 164 -4.58 -24.56 53.44
C SER A 164 -5.50 -25.72 53.79
N ALA A 165 -5.38 -26.81 53.04
CA ALA A 165 -5.95 -28.11 53.41
C ALA A 165 -5.14 -28.63 54.60
N THR A 166 -5.73 -29.56 55.36
CA THR A 166 -5.09 -30.06 56.62
C THR A 166 -3.73 -30.67 56.24
N LEU A 167 -3.67 -31.51 55.20
CA LEU A 167 -2.46 -32.29 54.83
C LEU A 167 -1.25 -31.38 54.51
N ASP A 168 -1.48 -30.19 53.92
CA ASP A 168 -0.38 -29.29 53.47
C ASP A 168 -0.09 -28.19 54.50
N ALA A 169 -0.82 -28.15 55.61
CA ALA A 169 -0.69 -27.10 56.65
C ALA A 169 0.78 -26.93 57.07
N GLU A 170 1.39 -28.02 57.52
CA GLU A 170 2.79 -28.00 58.05
C GLU A 170 3.73 -27.61 56.91
N LYS A 171 3.52 -28.11 55.69
CA LYS A 171 4.31 -27.67 54.51
C LYS A 171 4.24 -26.14 54.32
N PHE A 172 3.02 -25.58 54.22
CA PHE A 172 2.79 -24.13 54.01
C PHE A 172 3.48 -23.38 55.15
N SER A 173 3.40 -23.92 56.38
CA SER A 173 4.01 -23.27 57.56
C SER A 173 5.51 -23.10 57.31
N GLU A 174 6.23 -24.20 57.03
CA GLU A 174 7.72 -24.18 56.93
C GLU A 174 8.09 -23.23 55.78
N TYR A 175 7.29 -23.18 54.70
CA TYR A 175 7.50 -22.21 53.61
C TYR A 175 7.43 -20.77 54.13
N PHE A 176 6.43 -20.45 54.97
CA PHE A 176 6.17 -19.07 55.43
C PHE A 176 6.89 -18.85 56.78
N ASN A 177 8.19 -19.09 56.82
CA ASN A 177 9.04 -18.70 57.98
C ASN A 177 8.51 -19.41 59.25
N SER A 178 7.96 -20.63 59.10
CA SER A 178 7.40 -21.48 60.19
C SER A 178 6.48 -20.66 61.11
N CYS A 179 5.57 -19.87 60.51
CA CYS A 179 4.47 -19.14 61.20
C CYS A 179 3.44 -20.13 61.72
N PRO A 180 2.53 -19.73 62.66
CA PRO A 180 1.56 -20.65 63.24
C PRO A 180 0.42 -21.05 62.29
N ILE A 181 -0.26 -22.16 62.64
CA ILE A 181 -1.39 -22.78 61.91
C ILE A 181 -2.64 -22.67 62.79
N PHE A 182 -3.65 -21.91 62.37
CA PHE A 182 -4.97 -21.82 63.06
C PHE A 182 -5.98 -22.75 62.40
N THR A 183 -6.47 -23.76 63.11
CA THR A 183 -7.46 -24.75 62.58
C THR A 183 -8.88 -24.39 63.06
N ILE A 184 -9.85 -24.48 62.17
CA ILE A 184 -11.28 -24.12 62.39
C ILE A 184 -12.14 -25.27 61.88
N PRO A 185 -12.90 -25.98 62.73
CA PRO A 185 -13.78 -27.06 62.29
C PRO A 185 -14.84 -26.52 61.32
N GLY A 186 -15.36 -27.43 60.49
CA GLY A 186 -16.45 -27.23 59.52
C GLY A 186 -17.74 -27.90 60.00
N ARG A 187 -18.87 -27.62 59.36
CA ARG A 187 -20.10 -28.46 59.45
C ARG A 187 -20.21 -29.21 58.12
N THR A 188 -19.83 -30.49 58.12
CA THR A 188 -19.97 -31.49 57.03
C THR A 188 -20.54 -32.75 57.71
N PHE A 189 -21.09 -33.71 56.95
CA PHE A 189 -21.82 -34.89 57.46
C PHE A 189 -21.08 -36.15 57.11
N PRO A 190 -21.17 -37.25 57.88
CA PRO A 190 -20.41 -38.46 57.56
C PRO A 190 -20.73 -39.02 56.16
N VAL A 191 -19.75 -39.63 55.49
CA VAL A 191 -19.95 -40.27 54.17
C VAL A 191 -19.36 -41.68 54.20
N GLU A 192 -20.19 -42.70 54.00
CA GLU A 192 -19.76 -44.12 54.02
C GLU A 192 -19.02 -44.40 52.70
N ILE A 193 -17.79 -44.89 52.80
CA ILE A 193 -16.89 -45.09 51.63
C ILE A 193 -16.85 -46.59 51.33
N LEU A 194 -17.32 -47.00 50.13
CA LEU A 194 -17.40 -48.39 49.67
C LEU A 194 -16.41 -48.61 48.52
N TYR A 195 -15.35 -49.37 48.82
CA TYR A 195 -14.27 -49.75 47.89
C TYR A 195 -14.71 -51.03 47.19
N SER A 196 -14.37 -51.18 45.90
CA SER A 196 -14.63 -52.41 45.10
C SER A 196 -13.70 -53.54 45.56
N ARG A 197 -14.20 -54.78 45.65
CA ARG A 197 -13.42 -55.99 46.08
C ARG A 197 -12.41 -56.37 44.98
N GLU A 198 -12.84 -56.50 43.71
CA GLU A 198 -11.93 -56.83 42.58
C GLU A 198 -12.01 -55.70 41.55
N PRO A 199 -10.87 -55.13 41.11
CA PRO A 199 -10.87 -53.96 40.22
C PRO A 199 -11.71 -54.17 38.95
N GLU A 200 -12.26 -53.07 38.40
CA GLU A 200 -13.29 -53.09 37.34
C GLU A 200 -12.61 -52.82 36.01
N PRO A 201 -12.64 -53.78 35.06
CA PRO A 201 -11.88 -53.67 33.81
C PRO A 201 -12.29 -52.49 32.92
N ASP A 202 -13.53 -52.04 33.05
CA ASP A 202 -14.11 -50.90 32.30
C ASP A 202 -14.76 -49.93 33.30
N TYR A 203 -14.13 -48.79 33.60
CA TYR A 203 -14.63 -47.84 34.65
C TYR A 203 -15.98 -47.24 34.23
N LEU A 204 -16.14 -46.90 32.95
CA LEU A 204 -17.40 -46.33 32.38
C LEU A 204 -18.55 -47.29 32.71
N GLU A 205 -18.43 -48.55 32.26
CA GLU A 205 -19.49 -49.56 32.49
C GLU A 205 -19.66 -49.80 34.00
N ALA A 206 -18.57 -49.87 34.75
CA ALA A 206 -18.66 -50.12 36.20
C ALA A 206 -19.43 -48.98 36.85
N ALA A 207 -19.14 -47.74 36.45
CA ALA A 207 -19.84 -46.56 37.01
C ALA A 207 -21.33 -46.66 36.68
N LEU A 208 -21.65 -47.03 35.44
CA LEU A 208 -23.08 -47.17 35.03
C LEU A 208 -23.73 -48.29 35.85
N THR A 209 -23.00 -49.39 36.07
CA THR A 209 -23.52 -50.53 36.86
C THR A 209 -23.79 -50.06 38.30
N THR A 210 -22.87 -49.29 38.88
CA THR A 210 -23.02 -48.79 40.26
C THR A 210 -24.22 -47.86 40.35
N VAL A 211 -24.42 -47.02 39.33
CA VAL A 211 -25.55 -46.04 39.33
C VAL A 211 -26.88 -46.81 39.37
N MET A 212 -27.02 -47.86 38.57
CA MET A 212 -28.29 -48.63 38.52
C MET A 212 -28.56 -49.28 39.88
N GLN A 213 -27.54 -49.85 40.52
CA GLN A 213 -27.73 -50.52 41.83
C GLN A 213 -28.20 -49.52 42.87
N ILE A 214 -27.59 -48.33 42.89
CA ILE A 214 -27.92 -47.27 43.88
C ILE A 214 -29.36 -46.84 43.62
N HIS A 215 -29.71 -46.66 42.35
CA HIS A 215 -31.10 -46.23 42.05
C HIS A 215 -32.09 -47.30 42.49
N LEU A 216 -31.75 -48.58 42.32
CA LEU A 216 -32.69 -49.68 42.65
C LEU A 216 -32.50 -50.28 44.04
N THR A 217 -31.29 -50.19 44.61
CA THR A 217 -31.07 -50.84 45.94
C THR A 217 -30.81 -49.82 47.05
N GLU A 218 -31.04 -48.53 46.81
CA GLU A 218 -30.70 -47.55 47.87
C GLU A 218 -31.88 -46.61 48.18
N PRO A 219 -31.89 -45.97 49.36
CA PRO A 219 -32.94 -45.04 49.77
C PRO A 219 -32.87 -43.70 49.00
N PRO A 220 -33.91 -42.85 49.07
CA PRO A 220 -33.96 -41.62 48.28
C PRO A 220 -32.73 -40.72 48.50
N GLY A 221 -32.25 -40.14 47.40
CA GLY A 221 -31.05 -39.28 47.38
C GLY A 221 -30.43 -39.25 45.99
N ASP A 222 -30.04 -38.06 45.54
CA ASP A 222 -29.49 -37.83 44.19
C ASP A 222 -28.05 -38.33 44.14
N ILE A 223 -27.63 -38.69 42.93
CA ILE A 223 -26.33 -39.30 42.60
C ILE A 223 -25.47 -38.31 41.81
N LEU A 224 -24.25 -38.06 42.26
CA LEU A 224 -23.17 -37.39 41.46
C LEU A 224 -22.13 -38.41 41.00
N VAL A 225 -21.98 -38.63 39.69
CA VAL A 225 -20.92 -39.50 39.12
C VAL A 225 -19.88 -38.63 38.40
N PHE A 226 -18.61 -38.87 38.67
CA PHE A 226 -17.48 -38.16 37.98
C PHE A 226 -16.92 -39.01 36.84
N LEU A 227 -17.06 -38.52 35.63
CA LEU A 227 -16.34 -39.03 34.45
C LEU A 227 -15.32 -37.97 33.95
N THR A 228 -14.74 -38.22 32.77
CA THR A 228 -13.57 -37.42 32.32
C THR A 228 -13.85 -36.46 31.17
N GLY A 229 -14.66 -36.84 30.19
CA GLY A 229 -14.85 -35.96 29.03
C GLY A 229 -16.29 -35.75 28.63
N GLN A 230 -16.55 -34.67 27.89
CA GLN A 230 -17.92 -34.33 27.42
C GLN A 230 -18.45 -35.44 26.52
N GLU A 231 -17.62 -35.93 25.58
CA GLU A 231 -18.11 -37.01 24.68
C GLU A 231 -18.42 -38.26 25.51
N GLU A 232 -17.55 -38.60 26.46
CA GLU A 232 -17.78 -39.79 27.32
C GLU A 232 -19.05 -39.58 28.14
N ILE A 233 -19.20 -38.38 28.72
CA ILE A 233 -20.38 -38.04 29.56
C ILE A 233 -21.65 -38.06 28.70
N ASP A 234 -21.58 -37.49 27.49
CA ASP A 234 -22.78 -37.44 26.62
C ASP A 234 -23.19 -38.88 26.27
N THR A 235 -22.21 -39.72 25.95
CA THR A 235 -22.50 -41.14 25.58
C THR A 235 -23.07 -41.91 26.76
N ALA A 236 -22.55 -41.65 27.98
CA ALA A 236 -23.01 -42.35 29.18
C ALA A 236 -24.49 -42.05 29.46
N CYS A 237 -24.90 -40.80 29.27
CA CYS A 237 -26.31 -40.43 29.55
C CYS A 237 -27.23 -41.21 28.60
N GLU A 238 -26.87 -41.31 27.33
CA GLU A 238 -27.70 -42.03 26.33
C GLU A 238 -27.75 -43.51 26.68
N ILE A 239 -26.62 -44.07 27.11
CA ILE A 239 -26.54 -45.52 27.46
C ILE A 239 -27.41 -45.77 28.70
N LEU A 240 -27.34 -44.88 29.70
CA LEU A 240 -28.07 -45.02 31.00
C LEU A 240 -29.57 -44.81 30.76
N TYR A 241 -29.95 -43.91 29.85
CA TYR A 241 -31.35 -43.68 29.42
C TYR A 241 -31.87 -44.99 28.81
N GLU A 242 -31.19 -45.51 27.77
CA GLU A 242 -31.53 -46.74 27.02
C GLU A 242 -31.76 -47.91 28.00
N ARG A 243 -30.96 -47.99 29.06
CA ARG A 243 -30.98 -49.13 30.03
C ARG A 243 -32.18 -49.03 30.96
N MET A 244 -32.54 -47.80 31.36
CA MET A 244 -33.70 -47.52 32.26
C MET A 244 -35.01 -47.74 31.47
N LYS A 245 -35.05 -47.30 30.20
CA LYS A 245 -36.19 -47.60 29.28
C LYS A 245 -36.38 -49.12 29.21
N ALA A 246 -35.32 -49.87 28.89
CA ALA A 246 -35.29 -51.35 28.73
C ALA A 246 -35.96 -52.04 29.92
N LEU A 247 -35.74 -51.55 31.15
CA LEU A 247 -36.49 -51.95 32.38
C LEU A 247 -37.90 -51.35 32.24
N GLY A 248 -38.94 -51.91 32.85
CA GLY A 248 -40.34 -51.54 32.53
C GLY A 248 -40.65 -50.06 32.74
N PRO A 249 -41.93 -49.64 32.65
CA PRO A 249 -42.36 -48.34 33.19
C PRO A 249 -42.78 -48.43 34.68
N SER A 250 -42.70 -49.63 35.27
CA SER A 250 -42.90 -49.92 36.71
C SER A 250 -41.87 -49.18 37.60
N VAL A 251 -40.62 -48.98 37.15
CA VAL A 251 -39.46 -48.50 37.98
C VAL A 251 -39.49 -46.98 38.14
N PRO A 252 -39.17 -46.42 39.33
CA PRO A 252 -39.13 -44.96 39.51
C PRO A 252 -38.31 -44.25 38.42
N GLU A 253 -38.76 -43.06 38.02
CA GLU A 253 -38.04 -42.17 37.07
C GLU A 253 -36.66 -41.87 37.66
N LEU A 254 -35.62 -42.01 36.84
CA LEU A 254 -34.25 -41.50 37.13
C LEU A 254 -33.96 -40.41 36.11
N ILE A 255 -33.73 -39.18 36.57
CA ILE A 255 -33.47 -38.01 35.68
C ILE A 255 -31.95 -37.87 35.47
N ILE A 256 -31.52 -38.00 34.20
CA ILE A 256 -30.09 -38.10 33.79
C ILE A 256 -29.64 -36.74 33.24
N LEU A 257 -28.76 -36.05 33.95
CA LEU A 257 -28.31 -34.68 33.58
C LEU A 257 -26.78 -34.59 33.44
N PRO A 258 -26.28 -34.19 32.26
CA PRO A 258 -24.84 -33.96 32.08
C PRO A 258 -24.44 -32.62 32.69
N ILE A 259 -23.19 -32.50 33.12
CA ILE A 259 -22.62 -31.21 33.59
C ILE A 259 -21.16 -31.11 33.13
N TYR A 260 -20.85 -30.09 32.32
CA TYR A 260 -19.44 -29.82 31.87
C TYR A 260 -19.33 -28.35 31.46
N SER A 261 -18.10 -27.83 31.41
CA SER A 261 -17.84 -26.40 31.09
C SER A 261 -18.38 -26.07 29.70
N ALA A 262 -18.20 -26.98 28.75
CA ALA A 262 -18.62 -26.79 27.34
C ALA A 262 -20.15 -26.61 27.22
N LEU A 263 -20.90 -27.22 28.13
CA LEU A 263 -22.39 -27.21 28.10
C LEU A 263 -22.91 -25.77 28.25
N PRO A 264 -23.94 -25.37 27.47
CA PRO A 264 -24.50 -24.03 27.53
C PRO A 264 -25.15 -23.77 28.91
N SER A 265 -25.13 -22.52 29.34
CA SER A 265 -25.63 -22.14 30.69
C SER A 265 -27.11 -22.52 30.88
N GLU A 266 -27.93 -22.38 29.84
CA GLU A 266 -29.37 -22.72 30.00
C GLU A 266 -29.50 -24.20 30.38
N MET A 267 -28.74 -25.07 29.71
CA MET A 267 -28.74 -26.53 30.01
C MET A 267 -28.12 -26.81 31.37
N GLN A 268 -27.10 -26.04 31.75
CA GLN A 268 -26.38 -26.20 33.05
C GLN A 268 -27.33 -25.96 34.23
N SER A 269 -28.20 -24.97 34.11
CA SER A 269 -29.12 -24.54 35.20
C SER A 269 -30.07 -25.65 35.66
N ARG A 270 -30.47 -26.54 34.75
CA ARG A 270 -31.44 -27.61 35.13
C ARG A 270 -30.88 -28.56 36.18
N ILE A 271 -29.55 -28.70 36.29
CA ILE A 271 -28.99 -29.66 37.29
C ILE A 271 -29.29 -29.19 38.72
N PHE A 272 -29.72 -27.94 38.91
CA PHE A 272 -30.01 -27.35 40.23
C PHE A 272 -31.51 -27.49 40.55
N GLU A 273 -32.37 -27.61 39.55
CA GLU A 273 -33.85 -27.80 39.70
C GLU A 273 -34.08 -29.08 40.50
N PRO A 274 -34.99 -29.09 41.50
CA PRO A 274 -35.16 -30.25 42.37
C PRO A 274 -35.89 -31.37 41.62
N ALA A 275 -35.70 -32.61 42.06
CA ALA A 275 -36.32 -33.83 41.50
C ALA A 275 -37.83 -33.87 41.83
N PRO A 276 -38.73 -34.06 40.82
CA PRO A 276 -40.16 -34.14 41.11
C PRO A 276 -40.37 -35.19 42.21
N PRO A 277 -41.56 -35.26 42.85
CA PRO A 277 -41.83 -36.31 43.85
C PRO A 277 -41.62 -37.73 43.31
N GLY A 278 -40.91 -38.59 44.08
CA GLY A 278 -40.67 -40.03 43.81
C GLY A 278 -39.64 -40.32 42.72
N SER A 279 -38.99 -39.27 42.20
CA SER A 279 -37.94 -39.34 41.16
C SER A 279 -36.56 -39.26 41.84
N ARG A 280 -35.53 -39.74 41.15
CA ARG A 280 -34.13 -39.58 41.60
C ARG A 280 -33.36 -38.86 40.51
N LYS A 281 -32.38 -38.08 40.90
CA LYS A 281 -31.55 -37.25 39.97
C LYS A 281 -30.13 -37.83 39.95
N VAL A 282 -29.58 -38.09 38.78
CA VAL A 282 -28.16 -38.51 38.66
C VAL A 282 -27.47 -37.48 37.76
N VAL A 283 -26.53 -36.74 38.34
CA VAL A 283 -25.71 -35.78 37.57
C VAL A 283 -24.43 -36.49 37.18
N ILE A 284 -24.14 -36.53 35.87
CA ILE A 284 -22.91 -37.09 35.27
C ILE A 284 -21.96 -35.93 34.90
N ALA A 285 -20.88 -35.77 35.65
CA ALA A 285 -20.07 -34.54 35.71
C ALA A 285 -18.61 -34.85 35.36
N THR A 286 -17.87 -33.85 34.93
CA THR A 286 -16.40 -33.83 35.03
C THR A 286 -16.05 -33.37 36.43
N ASN A 287 -14.76 -33.14 36.68
CA ASN A 287 -14.26 -32.65 37.98
C ASN A 287 -14.74 -31.23 38.20
N ILE A 288 -15.47 -30.65 37.26
CA ILE A 288 -16.13 -29.33 37.46
C ILE A 288 -16.97 -29.39 38.74
N ALA A 289 -17.53 -30.55 39.09
CA ALA A 289 -18.48 -30.67 40.23
C ALA A 289 -17.73 -30.99 41.54
N GLU A 290 -16.39 -30.98 41.56
CA GLU A 290 -15.61 -31.10 42.82
C GLU A 290 -15.61 -29.79 43.63
N THR A 291 -15.50 -28.65 42.98
CA THR A 291 -15.25 -27.33 43.64
C THR A 291 -16.06 -26.23 42.96
N ALA A 292 -16.08 -26.19 41.63
CA ALA A 292 -16.54 -25.03 40.81
C ALA A 292 -18.05 -24.91 40.84
N ILE A 293 -18.77 -26.02 40.62
CA ILE A 293 -20.25 -26.13 40.62
C ILE A 293 -20.68 -26.90 41.87
N THR A 294 -21.59 -26.31 42.65
CA THR A 294 -22.11 -26.93 43.89
C THR A 294 -23.57 -27.27 43.65
N ILE A 295 -23.95 -28.52 43.89
CA ILE A 295 -25.29 -29.08 43.59
C ILE A 295 -25.88 -29.50 44.92
N ASP A 296 -27.04 -28.93 45.28
CA ASP A 296 -27.74 -29.25 46.56
C ASP A 296 -28.43 -30.62 46.46
N TYR A 297 -28.45 -31.33 47.57
CA TYR A 297 -29.28 -32.56 47.75
C TYR A 297 -28.64 -33.69 46.98
N ILE A 298 -27.31 -33.76 47.09
CA ILE A 298 -26.49 -34.90 46.60
C ILE A 298 -26.14 -35.71 47.84
N TYR A 299 -26.39 -37.02 47.77
CA TYR A 299 -26.16 -37.96 48.91
C TYR A 299 -25.39 -39.20 48.47
N TYR A 300 -25.23 -39.44 47.17
CA TYR A 300 -24.47 -40.59 46.63
C TYR A 300 -23.49 -40.07 45.61
N VAL A 301 -22.23 -40.49 45.72
CA VAL A 301 -21.18 -40.17 44.71
C VAL A 301 -20.63 -41.48 44.14
N VAL A 302 -20.51 -41.53 42.83
CA VAL A 302 -19.81 -42.61 42.09
C VAL A 302 -18.48 -42.05 41.57
N ASP A 303 -17.39 -42.54 42.16
CA ASP A 303 -15.99 -42.09 41.94
C ASP A 303 -15.23 -43.19 41.21
N PRO A 304 -15.25 -43.24 39.86
CA PRO A 304 -14.45 -44.23 39.13
C PRO A 304 -12.94 -43.97 39.21
N GLY A 305 -12.53 -42.80 39.71
CA GLY A 305 -11.13 -42.49 40.07
C GLY A 305 -10.27 -42.03 38.89
N PHE A 306 -10.88 -41.44 37.86
CA PHE A 306 -10.17 -40.93 36.67
C PHE A 306 -10.55 -39.47 36.45
N VAL A 307 -9.52 -38.67 36.16
CA VAL A 307 -9.64 -37.28 35.68
C VAL A 307 -8.75 -37.15 34.45
N LYS A 308 -9.09 -36.23 33.56
CA LYS A 308 -8.23 -35.80 32.46
C LYS A 308 -7.36 -34.66 32.99
N GLN A 309 -6.04 -34.87 33.03
CA GLN A 309 -5.08 -33.86 33.57
C GLN A 309 -4.23 -33.33 32.43
N ASN A 310 -3.89 -32.05 32.53
CA ASN A 310 -2.89 -31.37 31.67
C ASN A 310 -1.49 -31.75 32.16
N ALA A 311 -0.55 -31.99 31.24
CA ALA A 311 0.90 -32.08 31.52
C ALA A 311 1.69 -31.55 30.32
N TYR A 312 2.57 -30.56 30.56
CA TYR A 312 3.36 -29.86 29.51
C TYR A 312 4.71 -30.57 29.36
N ASP A 313 5.04 -30.96 28.12
CA ASP A 313 6.36 -31.47 27.69
C ASP A 313 7.09 -30.34 26.97
N PRO A 314 8.00 -29.61 27.68
CA PRO A 314 8.73 -28.50 27.09
C PRO A 314 9.68 -28.93 25.96
N LYS A 315 10.27 -30.12 26.02
CA LYS A 315 11.20 -30.51 24.94
C LYS A 315 10.39 -30.60 23.63
N LEU A 316 9.11 -30.98 23.67
CA LEU A 316 8.29 -31.17 22.44
C LEU A 316 7.35 -29.99 22.15
N GLY A 317 7.19 -29.06 23.09
CA GLY A 317 6.22 -27.95 23.03
C GLY A 317 4.82 -28.47 22.88
N MET A 318 4.44 -29.46 23.70
CA MET A 318 3.20 -30.25 23.57
C MET A 318 2.52 -30.42 24.93
N ASP A 319 1.23 -30.10 25.06
CA ASP A 319 0.41 -30.46 26.24
C ASP A 319 -0.10 -31.88 26.01
N SER A 320 -0.24 -32.65 27.09
CA SER A 320 -0.90 -33.98 27.10
C SER A 320 -2.15 -33.92 27.96
N LEU A 321 -3.31 -34.23 27.38
CA LEU A 321 -4.58 -34.54 28.10
C LEU A 321 -4.76 -36.04 28.15
N VAL A 322 -4.25 -36.65 29.19
CA VAL A 322 -4.36 -38.11 29.39
C VAL A 322 -5.33 -38.38 30.59
N VAL A 323 -6.19 -39.39 30.44
CA VAL A 323 -7.03 -39.90 31.57
C VAL A 323 -6.08 -40.56 32.56
N THR A 324 -5.96 -40.05 33.78
CA THR A 324 -4.98 -40.54 34.78
C THR A 324 -5.72 -40.73 36.09
N PRO A 325 -5.23 -41.63 36.97
CA PRO A 325 -5.79 -41.82 38.30
C PRO A 325 -5.79 -40.49 39.05
N ILE A 326 -6.89 -40.24 39.78
CA ILE A 326 -7.09 -39.00 40.58
C ILE A 326 -6.23 -39.10 41.85
N SER A 327 -5.96 -37.97 42.50
CA SER A 327 -5.17 -37.94 43.75
C SER A 327 -6.07 -38.33 44.93
N GLN A 328 -5.47 -38.68 46.07
CA GLN A 328 -6.28 -39.08 47.25
C GLN A 328 -7.15 -37.89 47.67
N ALA A 329 -6.57 -36.69 47.68
CA ALA A 329 -7.33 -35.47 48.07
C ALA A 329 -8.50 -35.29 47.12
N GLN A 330 -8.27 -35.53 45.81
CA GLN A 330 -9.32 -35.39 44.78
C GLN A 330 -10.43 -36.39 45.08
N ALA A 331 -10.07 -37.62 45.46
CA ALA A 331 -11.04 -38.68 45.82
C ALA A 331 -11.84 -38.23 47.05
N ASN A 332 -11.17 -37.60 48.00
CA ASN A 332 -11.77 -37.12 49.25
C ASN A 332 -12.67 -35.92 48.93
N GLN A 333 -12.27 -35.08 47.99
CA GLN A 333 -13.13 -33.93 47.61
C GLN A 333 -14.38 -34.49 46.95
N ARG A 334 -14.22 -35.52 46.10
CA ARG A 334 -15.33 -36.17 45.36
C ARG A 334 -16.29 -36.83 46.38
N ALA A 335 -15.74 -37.61 47.32
CA ALA A 335 -16.52 -38.27 48.39
C ALA A 335 -17.29 -37.21 49.17
N GLY A 336 -16.66 -36.11 49.57
CA GLY A 336 -17.23 -35.12 50.48
C GLY A 336 -18.48 -34.44 49.91
N ARG A 337 -18.74 -34.61 48.59
CA ARG A 337 -19.85 -33.92 47.89
C ARG A 337 -21.18 -34.57 48.29
N ALA A 338 -21.13 -35.77 48.85
CA ALA A 338 -22.35 -36.49 49.28
C ALA A 338 -22.69 -36.16 50.74
N GLY A 339 -21.76 -35.51 51.46
CA GLY A 339 -22.01 -35.20 52.88
C GLY A 339 -22.26 -33.73 53.17
N ARG A 340 -22.29 -32.89 52.12
CA ARG A 340 -22.48 -31.42 52.21
C ARG A 340 -23.85 -31.01 52.73
N THR A 341 -24.91 -31.59 52.18
CA THR A 341 -26.33 -31.32 52.53
C THR A 341 -26.77 -32.14 53.76
N GLY A 342 -26.45 -33.43 53.75
CA GLY A 342 -26.82 -34.40 54.80
C GLY A 342 -25.94 -35.62 54.71
N PRO A 343 -26.03 -36.63 55.61
CA PRO A 343 -25.14 -37.77 55.51
C PRO A 343 -25.37 -38.56 54.21
N GLY A 344 -24.32 -39.23 53.71
CA GLY A 344 -24.31 -39.87 52.38
C GLY A 344 -23.31 -41.02 52.21
N LYS A 345 -23.31 -41.64 51.03
CA LYS A 345 -22.43 -42.78 50.65
C LYS A 345 -21.65 -42.39 49.40
N CYS A 346 -20.43 -42.90 49.24
CA CYS A 346 -19.56 -42.73 48.04
C CYS A 346 -19.03 -44.09 47.62
N PHE A 347 -19.28 -44.45 46.35
CA PHE A 347 -18.91 -45.74 45.74
C PHE A 347 -17.61 -45.55 44.93
N ARG A 348 -16.47 -45.89 45.51
CA ARG A 348 -15.18 -45.77 44.77
C ARG A 348 -14.97 -47.09 44.05
N LEU A 349 -14.85 -47.08 42.72
CA LEU A 349 -14.67 -48.34 41.95
C LEU A 349 -13.20 -48.75 41.88
N TYR A 350 -12.57 -48.88 43.05
CA TYR A 350 -11.16 -49.33 43.18
C TYR A 350 -10.94 -49.89 44.59
N THR A 351 -9.88 -50.69 44.75
CA THR A 351 -9.58 -51.34 46.06
C THR A 351 -9.10 -50.31 47.08
N GLU A 352 -9.29 -50.59 48.38
CA GLU A 352 -8.85 -49.67 49.45
C GLU A 352 -7.33 -49.54 49.40
N ALA A 353 -6.64 -50.66 49.14
CA ALA A 353 -5.15 -50.68 49.03
C ALA A 353 -4.74 -49.80 47.85
N ALA A 354 -5.49 -49.85 46.74
CA ALA A 354 -5.19 -49.01 45.56
C ALA A 354 -5.29 -47.55 45.98
N TYR A 355 -6.31 -47.18 46.76
CA TYR A 355 -6.41 -45.78 47.23
C TYR A 355 -5.20 -45.47 48.12
N GLN A 356 -4.89 -46.38 49.04
CA GLN A 356 -3.80 -46.16 50.03
C GLN A 356 -2.38 -46.21 49.42
N SER A 357 -2.10 -47.17 48.55
CA SER A 357 -0.70 -47.33 48.05
C SER A 357 -0.53 -47.09 46.55
N GLU A 358 -1.63 -46.93 45.79
CA GLU A 358 -1.46 -46.73 44.32
C GLU A 358 -1.96 -45.33 43.91
N MET A 359 -2.27 -44.47 44.88
CA MET A 359 -2.78 -43.10 44.56
C MET A 359 -1.91 -42.06 45.27
N LEU A 360 -1.49 -41.03 44.54
CA LEU A 360 -0.67 -39.94 45.14
C LEU A 360 -1.53 -39.21 46.18
N PRO A 361 -0.96 -38.78 47.32
CA PRO A 361 -1.75 -38.09 48.35
C PRO A 361 -2.34 -36.78 47.81
N THR A 362 -1.57 -36.03 47.02
CA THR A 362 -2.05 -34.74 46.48
C THR A 362 -1.84 -34.66 44.97
N THR A 363 -2.68 -33.87 44.29
CA THR A 363 -2.55 -33.65 42.83
C THR A 363 -1.37 -32.71 42.58
N ILE A 364 -0.59 -32.98 41.53
CA ILE A 364 0.59 -32.16 41.19
C ILE A 364 0.09 -30.73 41.00
N PRO A 365 0.65 -29.72 41.69
CA PRO A 365 0.26 -28.33 41.47
C PRO A 365 0.49 -27.83 40.03
N ASP A 366 -0.32 -26.90 39.57
CA ASP A 366 -0.43 -26.49 38.14
C ASP A 366 0.92 -25.92 37.69
N ILE A 367 1.58 -25.15 38.55
CA ILE A 367 2.85 -24.49 38.18
C ILE A 367 3.90 -25.54 37.74
N GLN A 368 3.75 -26.80 38.15
CA GLN A 368 4.70 -27.88 37.79
C GLN A 368 4.25 -28.65 36.53
N ARG A 369 3.17 -28.28 35.85
CA ARG A 369 2.77 -29.06 34.65
C ARG A 369 2.12 -28.17 33.58
N GLN A 370 2.30 -26.86 33.61
CA GLN A 370 1.83 -25.94 32.52
C GLN A 370 3.04 -25.26 31.88
N ASN A 371 2.90 -24.79 30.65
CA ASN A 371 3.87 -23.85 30.01
C ASN A 371 3.91 -22.60 30.90
N LEU A 372 5.09 -22.03 31.14
CA LEU A 372 5.31 -20.91 32.10
C LEU A 372 5.86 -19.66 31.39
N ALA A 373 5.83 -19.62 30.05
CA ALA A 373 6.27 -18.44 29.26
C ALA A 373 5.57 -17.19 29.82
N ASN A 374 4.25 -17.28 30.11
CA ASN A 374 3.43 -16.17 30.65
C ASN A 374 3.94 -15.74 32.01
N THR A 375 4.03 -16.67 32.94
CA THR A 375 4.40 -16.41 34.35
C THR A 375 5.79 -15.79 34.39
N ILE A 376 6.70 -16.30 33.57
CA ILE A 376 8.12 -15.84 33.59
C ILE A 376 8.21 -14.42 33.04
N LEU A 377 7.48 -14.09 31.98
CA LEU A 377 7.45 -12.69 31.47
C LEU A 377 6.99 -11.74 32.58
N LEU A 378 5.96 -12.11 33.34
CA LEU A 378 5.43 -11.24 34.41
C LEU A 378 6.51 -11.07 35.47
N LEU A 379 7.17 -12.15 35.91
CA LEU A 379 8.20 -12.05 36.97
C LEU A 379 9.40 -11.21 36.47
N LYS A 380 9.78 -11.35 35.20
CA LYS A 380 10.82 -10.48 34.61
C LYS A 380 10.37 -9.02 34.70
N ALA A 381 9.13 -8.71 34.32
CA ALA A 381 8.60 -7.33 34.40
C ALA A 381 8.64 -6.82 35.85
N MET A 382 8.47 -7.69 36.85
CA MET A 382 8.47 -7.27 38.28
C MET A 382 9.89 -7.05 38.80
N GLY A 383 10.91 -7.29 37.96
CA GLY A 383 12.33 -6.99 38.22
C GLY A 383 13.06 -8.17 38.86
N ILE A 384 12.66 -9.41 38.57
CA ILE A 384 13.25 -10.67 39.12
C ILE A 384 14.00 -11.39 38.01
N ASN A 385 15.25 -11.81 38.23
CA ASN A 385 16.12 -12.29 37.13
C ASN A 385 16.54 -13.77 37.29
N ASP A 386 17.19 -14.14 38.38
CA ASP A 386 17.66 -15.53 38.55
C ASP A 386 16.44 -16.39 38.90
N LEU A 387 15.58 -16.65 37.93
CA LEU A 387 14.26 -17.31 38.16
C LEU A 387 14.46 -18.79 38.40
N LEU A 388 15.56 -19.37 37.92
CA LEU A 388 15.94 -20.75 38.33
C LEU A 388 16.02 -20.79 39.86
N ARG A 389 16.49 -19.75 40.54
CA ARG A 389 16.69 -19.79 42.02
C ARG A 389 15.48 -19.18 42.75
N PHE A 390 14.41 -18.80 42.04
CA PHE A 390 13.25 -18.10 42.63
C PHE A 390 12.54 -19.01 43.64
N ASP A 391 12.01 -18.42 44.70
CA ASP A 391 11.51 -19.07 45.93
C ASP A 391 10.07 -19.61 45.79
N PHE A 392 9.79 -20.48 44.82
CA PHE A 392 8.49 -21.18 44.65
C PHE A 392 8.33 -22.24 45.73
N MET A 393 7.16 -22.31 46.35
CA MET A 393 6.82 -23.40 47.29
C MET A 393 7.11 -24.76 46.64
N ASP A 394 6.55 -24.97 45.46
CA ASP A 394 6.84 -26.21 44.69
C ASP A 394 7.50 -25.74 43.38
N PRO A 395 8.83 -25.85 43.23
CA PRO A 395 9.49 -25.39 42.00
C PRO A 395 9.10 -26.22 40.78
N PRO A 396 8.87 -25.57 39.62
CA PRO A 396 8.50 -26.26 38.39
C PRO A 396 9.73 -26.97 37.81
N PRO A 397 9.56 -27.93 36.87
CA PRO A 397 10.70 -28.64 36.30
C PRO A 397 11.67 -27.63 35.66
N VAL A 398 12.97 -27.87 35.87
CA VAL A 398 14.05 -26.95 35.40
C VAL A 398 14.00 -26.83 33.88
N ASN A 399 13.74 -27.93 33.16
CA ASN A 399 13.69 -27.89 31.68
C ASN A 399 12.56 -26.95 31.24
N THR A 400 11.41 -27.00 31.93
CA THR A 400 10.25 -26.15 31.58
C THR A 400 10.60 -24.67 31.71
N MET A 401 11.26 -24.27 32.80
CA MET A 401 11.63 -22.84 32.97
C MET A 401 12.65 -22.40 31.92
N LEU A 402 13.65 -23.24 31.66
CA LEU A 402 14.71 -22.95 30.67
C LEU A 402 14.07 -22.75 29.30
N THR A 403 13.14 -23.59 28.86
CA THR A 403 12.52 -23.45 27.51
C THR A 403 11.68 -22.15 27.47
N ALA A 404 10.98 -21.84 28.55
CA ALA A 404 10.20 -20.59 28.65
C ALA A 404 11.13 -19.39 28.48
N LEU A 405 12.28 -19.39 29.16
CA LEU A 405 13.31 -18.33 29.05
C LEU A 405 13.83 -18.28 27.62
N GLU A 406 14.02 -19.42 26.97
CA GLU A 406 14.54 -19.46 25.56
C GLU A 406 13.48 -18.86 24.63
N GLU A 407 12.20 -19.09 24.90
CA GLU A 407 11.11 -18.61 24.03
C GLU A 407 11.00 -17.08 24.16
N LEU A 408 11.10 -16.56 25.38
CA LEU A 408 11.08 -15.10 25.62
C LEU A 408 12.26 -14.44 24.93
N TYR A 409 13.42 -15.11 24.93
CA TYR A 409 14.62 -14.63 24.21
C TYR A 409 14.27 -14.56 22.72
N ALA A 410 13.72 -15.62 22.13
CA ALA A 410 13.47 -15.67 20.67
C ALA A 410 12.46 -14.61 20.22
N LEU A 411 11.58 -14.13 21.11
CA LEU A 411 10.51 -13.16 20.77
C LEU A 411 11.03 -11.73 20.92
N GLY A 412 12.14 -11.56 21.63
CA GLY A 412 12.76 -10.23 21.78
C GLY A 412 12.38 -9.61 23.11
N ALA A 413 11.80 -10.41 24.01
CA ALA A 413 11.36 -9.97 25.35
C ALA A 413 12.53 -9.95 26.32
N LEU A 414 13.57 -10.73 26.04
CA LEU A 414 14.85 -10.79 26.82
C LEU A 414 16.05 -10.60 25.87
N ASP A 415 17.11 -9.96 26.37
CA ASP A 415 18.38 -9.84 25.61
C ASP A 415 19.25 -11.09 25.88
N ASP A 416 20.47 -11.12 25.32
CA ASP A 416 21.44 -12.25 25.37
C ASP A 416 21.82 -12.63 26.81
N GLU A 417 21.67 -11.69 27.77
CA GLU A 417 22.00 -11.84 29.23
C GLU A 417 20.73 -12.26 29.99
N GLY A 418 19.58 -12.31 29.32
CA GLY A 418 18.28 -12.67 29.94
C GLY A 418 17.59 -11.52 30.67
N LEU A 419 18.03 -10.27 30.50
CA LEU A 419 17.35 -9.09 31.10
C LEU A 419 16.17 -8.66 30.21
N LEU A 420 15.14 -8.08 30.83
CA LEU A 420 13.88 -7.66 30.16
C LEU A 420 14.20 -6.51 29.19
N THR A 421 13.80 -6.63 27.94
CA THR A 421 13.93 -5.58 26.90
C THR A 421 12.75 -4.60 26.98
N ARG A 422 12.83 -3.48 26.25
CA ARG A 422 11.73 -2.49 26.19
C ARG A 422 10.52 -3.21 25.61
N LEU A 423 10.70 -4.00 24.55
CA LEU A 423 9.62 -4.83 23.93
C LEU A 423 9.00 -5.77 24.98
N GLY A 424 9.82 -6.51 25.72
CA GLY A 424 9.34 -7.41 26.79
C GLY A 424 8.43 -6.68 27.77
N ARG A 425 8.83 -5.51 28.24
CA ARG A 425 8.04 -4.76 29.25
C ARG A 425 6.69 -4.40 28.62
N LYS A 426 6.66 -4.09 27.34
CA LYS A 426 5.41 -3.74 26.60
C LYS A 426 4.54 -4.99 26.53
N MET A 427 5.15 -6.13 26.25
CA MET A 427 4.43 -7.43 26.04
C MET A 427 3.83 -7.91 27.36
N ALA A 428 4.43 -7.51 28.48
CA ALA A 428 3.96 -7.83 29.83
C ALA A 428 2.67 -7.07 30.15
N ASP A 429 2.38 -5.97 29.48
CA ASP A 429 1.13 -5.21 29.71
C ASP A 429 -0.06 -5.98 29.14
N PHE A 430 0.15 -6.86 28.14
CA PHE A 430 -0.92 -7.59 27.43
C PHE A 430 -1.27 -8.84 28.20
N PRO A 431 -2.55 -9.03 28.59
CA PRO A 431 -2.95 -10.16 29.43
C PRO A 431 -3.16 -11.42 28.60
N MET A 432 -2.09 -11.97 28.06
CA MET A 432 -2.10 -13.14 27.14
C MET A 432 -0.69 -13.74 27.11
N GLU A 433 -0.49 -14.92 26.53
CA GLU A 433 0.86 -15.55 26.46
C GLU A 433 1.74 -14.66 25.58
N PRO A 434 3.06 -14.63 25.78
CA PRO A 434 3.92 -13.73 25.02
C PRO A 434 3.78 -13.85 23.49
N SER A 435 3.68 -15.07 22.97
CA SER A 435 3.58 -15.34 21.52
C SER A 435 2.42 -14.52 20.93
N LEU A 436 1.31 -14.36 21.65
CA LEU A 436 0.13 -13.61 21.14
C LEU A 436 0.45 -12.12 21.16
N SER A 437 1.00 -11.62 22.26
CA SER A 437 1.39 -10.19 22.36
C SER A 437 2.39 -9.90 21.24
N LYS A 438 3.34 -10.79 20.97
CA LYS A 438 4.36 -10.61 19.90
C LYS A 438 3.66 -10.35 18.56
N VAL A 439 2.57 -11.06 18.32
CA VAL A 439 1.87 -11.09 17.01
C VAL A 439 1.02 -9.79 16.89
N LEU A 440 0.45 -9.35 18.00
CA LEU A 440 -0.28 -8.07 18.06
C LEU A 440 0.68 -6.96 17.68
N ILE A 441 1.93 -7.02 18.16
CA ILE A 441 2.89 -5.90 17.93
C ILE A 441 3.46 -6.01 16.51
N ALA A 442 3.76 -7.20 16.04
CA ALA A 442 4.16 -7.45 14.64
C ALA A 442 3.04 -6.97 13.71
N SER A 443 1.79 -7.03 14.11
CA SER A 443 0.64 -6.74 13.21
C SER A 443 0.60 -5.24 12.88
N VAL A 444 1.26 -4.38 13.67
CA VAL A 444 1.21 -2.89 13.41
C VAL A 444 2.07 -2.64 12.18
N ASP A 445 3.32 -3.13 12.19
CA ASP A 445 4.25 -2.93 11.05
C ASP A 445 3.69 -3.58 9.80
N LYS A 446 2.91 -4.66 9.91
CA LYS A 446 2.40 -5.42 8.74
C LYS A 446 1.09 -4.77 8.19
N GLY A 447 0.50 -3.83 8.95
CA GLY A 447 -0.79 -3.15 8.64
C GLY A 447 -2.03 -4.04 8.77
N CYS A 448 -2.13 -4.90 9.79
CA CYS A 448 -3.24 -5.86 9.97
C CYS A 448 -3.64 -5.99 11.47
N SER A 449 -3.40 -4.96 12.29
CA SER A 449 -3.69 -4.97 13.76
C SER A 449 -5.21 -5.10 14.00
N ASP A 450 -6.04 -4.62 13.09
CA ASP A 450 -7.51 -4.62 13.26
C ASP A 450 -7.96 -6.08 13.24
N GLU A 451 -7.49 -6.84 12.26
CA GLU A 451 -7.84 -8.27 12.12
C GLU A 451 -7.15 -9.04 13.26
N MET A 452 -5.91 -8.68 13.57
CA MET A 452 -5.13 -9.47 14.55
C MET A 452 -5.74 -9.33 15.95
N VAL A 453 -6.35 -8.19 16.27
CA VAL A 453 -6.92 -8.05 17.64
C VAL A 453 -8.14 -8.99 17.73
N THR A 454 -8.91 -9.10 16.65
CA THR A 454 -10.04 -10.05 16.59
C THR A 454 -9.49 -11.47 16.73
N ILE A 455 -8.48 -11.82 15.98
CA ILE A 455 -7.98 -13.22 16.01
C ILE A 455 -7.45 -13.54 17.40
N VAL A 456 -6.73 -12.61 18.03
CA VAL A 456 -6.09 -12.87 19.35
C VAL A 456 -7.17 -12.98 20.42
N SER A 457 -8.26 -12.23 20.25
CA SER A 457 -9.45 -12.27 21.14
C SER A 457 -10.10 -13.65 21.11
N MET A 458 -10.02 -14.37 19.97
CA MET A 458 -10.71 -15.67 19.76
C MET A 458 -9.81 -16.84 20.19
N LEU A 459 -8.51 -16.58 20.35
CA LEU A 459 -7.55 -17.63 20.79
C LEU A 459 -7.73 -17.95 22.28
N ASN A 460 -8.08 -16.93 23.06
CA ASN A 460 -8.29 -16.99 24.54
C ASN A 460 -9.47 -17.90 24.88
N LEU A 461 -10.51 -17.88 24.05
CA LEU A 461 -11.83 -18.54 24.28
C LEU A 461 -11.74 -20.07 24.38
N GLN A 462 -12.76 -20.63 25.04
CA GLN A 462 -12.93 -22.08 25.29
C GLN A 462 -14.21 -22.57 24.60
N GLN A 463 -14.15 -23.70 23.90
CA GLN A 463 -15.35 -24.30 23.26
C GLN A 463 -16.09 -23.29 22.38
N ILE A 464 -15.41 -22.72 21.38
CA ILE A 464 -16.06 -21.75 20.45
C ILE A 464 -17.19 -22.43 19.68
N PHE A 465 -16.99 -23.67 19.22
CA PHE A 465 -18.01 -24.37 18.39
C PHE A 465 -18.73 -25.45 19.21
N TYR A 466 -20.06 -25.43 19.18
CA TYR A 466 -20.91 -26.36 19.94
C TYR A 466 -21.25 -27.54 19.02
N ARG A 467 -21.08 -28.74 19.56
CA ARG A 467 -21.19 -29.99 18.81
C ARG A 467 -22.10 -30.98 19.56
N PRO A 468 -23.43 -30.74 19.63
CA PRO A 468 -24.31 -31.62 20.42
C PRO A 468 -24.42 -33.01 19.78
N LYS A 469 -24.59 -34.06 20.58
CA LYS A 469 -24.50 -35.50 20.16
C LYS A 469 -25.40 -35.77 18.95
N ASP A 470 -26.68 -35.40 19.04
CA ASP A 470 -27.71 -35.78 18.03
C ASP A 470 -27.49 -34.97 16.75
N LYS A 471 -26.91 -33.77 16.84
CA LYS A 471 -26.82 -32.86 15.65
C LYS A 471 -25.35 -32.50 15.36
N GLN A 472 -24.46 -33.49 15.35
CA GLN A 472 -23.02 -33.34 15.07
C GLN A 472 -22.78 -32.94 13.61
N GLN A 473 -23.44 -33.60 12.66
CA GLN A 473 -23.23 -33.31 11.22
C GLN A 473 -23.82 -31.94 10.89
N GLN A 474 -24.93 -31.56 11.51
CA GLN A 474 -25.61 -30.25 11.28
C GLN A 474 -24.70 -29.12 11.76
N ALA A 475 -24.05 -29.30 12.92
CA ALA A 475 -23.10 -28.35 13.54
C ALA A 475 -21.87 -28.14 12.64
N ASP A 476 -21.26 -29.23 12.21
CA ASP A 476 -20.05 -29.20 11.33
C ASP A 476 -20.42 -28.54 9.99
N GLN A 477 -21.63 -28.75 9.46
CA GLN A 477 -22.08 -28.15 8.17
C GLN A 477 -22.12 -26.62 8.34
N LYS A 478 -22.61 -26.16 9.50
CA LYS A 478 -22.77 -24.71 9.79
C LYS A 478 -21.39 -24.12 10.02
N LYS A 479 -20.49 -24.85 10.70
CA LYS A 479 -19.10 -24.41 10.97
C LYS A 479 -18.33 -24.18 9.66
N ALA A 480 -18.52 -25.10 8.69
CA ALA A 480 -17.80 -25.13 7.40
C ALA A 480 -18.11 -23.87 6.58
N LYS A 481 -19.24 -23.21 6.83
CA LYS A 481 -19.67 -21.98 6.11
C LYS A 481 -18.62 -20.89 6.38
N PHE A 482 -17.89 -20.97 7.50
CA PHE A 482 -16.90 -19.97 7.95
C PHE A 482 -15.46 -20.35 7.60
N HIS A 483 -15.20 -21.57 7.13
CA HIS A 483 -13.83 -22.06 6.80
C HIS A 483 -13.16 -21.09 5.85
N ASP A 484 -11.95 -20.64 6.19
CA ASP A 484 -11.06 -19.91 5.25
C ASP A 484 -10.12 -20.93 4.62
N PRO A 485 -9.83 -20.83 3.31
CA PRO A 485 -8.89 -21.72 2.64
C PRO A 485 -7.53 -21.80 3.32
N THR A 486 -7.08 -20.73 4.00
CA THR A 486 -5.75 -20.66 4.65
C THR A 486 -5.74 -21.44 5.97
N GLY A 487 -6.91 -21.67 6.58
CA GLY A 487 -6.99 -22.40 7.85
C GLY A 487 -7.73 -21.66 8.95
N ASP A 488 -7.37 -21.94 10.20
CA ASP A 488 -8.23 -21.74 11.40
C ASP A 488 -8.15 -20.28 11.89
N HIS A 489 -7.01 -19.60 11.74
CA HIS A 489 -6.83 -18.23 12.30
C HIS A 489 -7.84 -17.31 11.58
N LEU A 490 -7.93 -17.36 10.26
CA LEU A 490 -8.83 -16.49 9.46
C LEU A 490 -10.28 -17.04 9.55
N THR A 491 -10.47 -18.33 9.88
CA THR A 491 -11.82 -18.86 10.22
C THR A 491 -12.30 -18.14 11.49
N LEU A 492 -11.49 -18.04 12.54
CA LEU A 492 -11.86 -17.31 13.78
C LEU A 492 -12.24 -15.86 13.43
N LEU A 493 -11.52 -15.23 12.51
CA LEU A 493 -11.83 -13.84 12.06
C LEU A 493 -13.22 -13.83 11.41
N ASN A 494 -13.46 -14.78 10.52
CA ASN A 494 -14.76 -14.95 9.81
C ASN A 494 -15.88 -15.09 10.84
N VAL A 495 -15.72 -15.99 11.82
CA VAL A 495 -16.76 -16.25 12.84
C VAL A 495 -17.06 -14.95 13.60
N TYR A 496 -16.03 -14.26 14.09
CA TYR A 496 -16.23 -13.03 14.90
C TYR A 496 -16.99 -12.02 14.03
N ASN A 497 -16.59 -11.88 12.77
CA ASN A 497 -17.17 -10.88 11.82
C ASN A 497 -18.64 -11.25 11.57
N ALA A 498 -18.94 -12.53 11.31
CA ALA A 498 -20.33 -12.95 11.00
C ALA A 498 -21.24 -12.67 12.21
N TRP A 499 -20.76 -12.94 13.42
CA TRP A 499 -21.48 -12.62 14.67
C TRP A 499 -21.74 -11.12 14.80
N LYS A 500 -20.72 -10.30 14.58
CA LYS A 500 -20.84 -8.82 14.61
C LYS A 500 -21.94 -8.42 13.60
N ASN A 501 -21.82 -8.87 12.35
CA ASN A 501 -22.75 -8.51 11.24
C ASN A 501 -24.14 -9.11 11.47
N SER A 502 -24.31 -10.00 12.45
CA SER A 502 -25.61 -10.54 12.90
C SER A 502 -26.22 -9.62 13.98
N GLY A 503 -25.53 -8.54 14.36
CA GLY A 503 -25.91 -7.65 15.48
C GLY A 503 -25.65 -8.30 16.83
N TYR A 504 -24.62 -9.15 16.93
CA TYR A 504 -24.22 -9.84 18.16
C TYR A 504 -25.42 -10.65 18.70
N SER A 505 -26.15 -11.32 17.79
CA SER A 505 -27.42 -12.05 18.07
C SER A 505 -27.16 -13.38 18.79
N ASN A 506 -27.87 -13.64 19.89
CA ASN A 506 -27.83 -14.98 20.57
C ASN A 506 -28.48 -15.99 19.63
N ALA A 507 -29.54 -15.59 18.95
CA ALA A 507 -30.27 -16.47 18.01
C ALA A 507 -29.29 -16.96 16.93
N TRP A 508 -28.46 -16.07 16.39
CA TRP A 508 -27.51 -16.40 15.29
C TRP A 508 -26.45 -17.39 15.79
N CYS A 509 -26.06 -17.27 17.05
CA CYS A 509 -25.15 -18.21 17.72
C CYS A 509 -25.81 -19.58 17.78
N PHE A 510 -27.06 -19.64 18.25
CA PHE A 510 -27.86 -20.88 18.44
C PHE A 510 -28.02 -21.54 17.06
N GLU A 511 -28.44 -20.78 16.06
CA GLU A 511 -28.73 -21.35 14.72
C GLU A 511 -27.43 -21.81 14.03
N ASN A 512 -26.25 -21.26 14.34
CA ASN A 512 -24.96 -21.65 13.69
C ASN A 512 -24.09 -22.50 14.62
N TYR A 513 -24.65 -23.06 15.69
CA TYR A 513 -23.98 -23.95 16.67
C TYR A 513 -22.69 -23.29 17.21
N ILE A 514 -22.79 -22.03 17.63
CA ILE A 514 -21.65 -21.26 18.21
C ILE A 514 -22.03 -20.78 19.60
N GLN A 515 -21.13 -20.95 20.56
CA GLN A 515 -21.33 -20.64 22.00
C GLN A 515 -21.32 -19.12 22.15
N ALA A 516 -22.45 -18.54 22.50
CA ALA A 516 -22.59 -17.08 22.70
C ALA A 516 -21.67 -16.68 23.87
N ARG A 517 -21.47 -17.55 24.88
CA ARG A 517 -20.63 -17.21 26.05
C ARG A 517 -19.23 -16.85 25.56
N ALA A 518 -18.76 -17.59 24.55
CA ALA A 518 -17.39 -17.47 23.99
C ALA A 518 -17.28 -16.17 23.20
N MET A 519 -18.23 -15.93 22.30
CA MET A 519 -18.26 -14.69 21.50
C MET A 519 -18.35 -13.48 22.44
N ARG A 520 -19.14 -13.58 23.50
CA ARG A 520 -19.31 -12.45 24.44
C ARG A 520 -17.98 -12.13 25.13
N ARG A 521 -17.25 -13.15 25.58
CA ARG A 521 -15.93 -12.93 26.23
C ARG A 521 -14.93 -12.39 25.22
N ALA A 522 -14.95 -12.92 24.00
CA ALA A 522 -13.98 -12.46 22.97
C ALA A 522 -14.17 -10.96 22.75
N ARG A 523 -15.43 -10.51 22.69
CA ARG A 523 -15.70 -9.08 22.47
C ARG A 523 -15.13 -8.28 23.63
N ASP A 524 -15.31 -8.75 24.86
CA ASP A 524 -14.82 -8.03 26.07
C ASP A 524 -13.28 -7.97 26.03
N VAL A 525 -12.63 -9.06 25.61
CA VAL A 525 -11.17 -9.14 25.40
C VAL A 525 -10.76 -8.13 24.32
N ARG A 526 -11.43 -8.16 23.18
CA ARG A 526 -11.14 -7.23 22.07
C ARG A 526 -11.19 -5.78 22.56
N GLN A 527 -12.16 -5.42 23.42
CA GLN A 527 -12.24 -4.03 23.91
C GLN A 527 -11.05 -3.71 24.82
N GLN A 528 -10.73 -4.63 25.73
CA GLN A 528 -9.58 -4.43 26.65
C GLN A 528 -8.29 -4.37 25.83
N ILE A 529 -8.15 -5.25 24.84
CA ILE A 529 -6.90 -5.29 24.01
C ILE A 529 -6.76 -3.98 23.25
N VAL A 530 -7.87 -3.47 22.71
CA VAL A 530 -7.81 -2.20 21.91
C VAL A 530 -7.33 -1.08 22.84
N LYS A 531 -7.84 -1.02 24.07
CA LYS A 531 -7.45 0.06 25.02
C LYS A 531 -5.94 -0.04 25.29
N ILE A 532 -5.42 -1.26 25.45
CA ILE A 532 -3.97 -1.46 25.70
C ILE A 532 -3.19 -0.96 24.49
N MET A 533 -3.69 -1.26 23.28
CA MET A 533 -3.03 -0.84 22.03
C MET A 533 -2.98 0.68 21.94
N GLU A 534 -4.06 1.38 22.28
CA GLU A 534 -4.06 2.87 22.20
C GLU A 534 -2.98 3.39 23.16
N ARG A 535 -2.89 2.78 24.34
CA ARG A 535 -1.98 3.25 25.41
C ARG A 535 -0.53 3.23 24.88
N HIS A 536 -0.18 2.23 24.08
CA HIS A 536 1.23 2.09 23.58
C HIS A 536 1.38 2.80 22.23
N ARG A 537 0.33 3.54 21.83
CA ARG A 537 0.29 4.39 20.63
C ARG A 537 0.51 3.52 19.41
N HIS A 538 -0.12 2.34 19.37
CA HIS A 538 -0.17 1.45 18.18
C HIS A 538 -1.50 1.65 17.49
N PRO A 539 -1.49 2.13 16.23
CA PRO A 539 -2.74 2.38 15.54
C PRO A 539 -3.40 1.02 15.29
N ILE A 540 -4.72 1.01 15.19
CA ILE A 540 -5.50 -0.17 14.72
C ILE A 540 -5.72 -0.02 13.21
N ILE A 541 -5.11 -0.91 12.43
CA ILE A 541 -5.09 -0.82 10.95
C ILE A 541 -5.68 -2.10 10.35
N SER A 542 -6.59 -1.92 9.39
CA SER A 542 -7.16 -3.03 8.60
C SER A 542 -6.28 -3.33 7.39
N CYS A 543 -6.12 -4.62 7.09
CA CYS A 543 -5.32 -5.09 5.94
C CYS A 543 -6.25 -5.30 4.74
N GLY A 544 -7.55 -5.03 4.92
CA GLY A 544 -8.53 -5.21 3.84
C GLY A 544 -8.55 -6.65 3.36
N ARG A 545 -8.42 -6.86 2.05
CA ARG A 545 -8.44 -8.23 1.46
C ARG A 545 -7.03 -8.83 1.47
N ASP A 546 -6.03 -8.07 1.90
CA ASP A 546 -4.63 -8.55 1.94
C ASP A 546 -4.40 -9.33 3.24
N THR A 547 -4.99 -10.52 3.33
CA THR A 547 -4.86 -11.39 4.51
C THR A 547 -3.48 -12.09 4.59
N ASP A 548 -2.64 -12.04 3.58
CA ASP A 548 -1.27 -12.57 3.72
C ASP A 548 -0.58 -11.79 4.86
N LYS A 549 -0.92 -10.52 5.07
CA LYS A 549 -0.28 -9.69 6.12
C LYS A 549 -0.55 -10.30 7.50
N ILE A 550 -1.72 -10.89 7.73
CA ILE A 550 -2.08 -11.53 9.02
C ILE A 550 -1.18 -12.76 9.23
N ARG A 551 -1.01 -13.56 8.19
CA ARG A 551 -0.24 -14.82 8.26
C ARG A 551 1.24 -14.49 8.48
N GLN A 552 1.76 -13.45 7.84
CA GLN A 552 3.16 -12.97 8.00
C GLN A 552 3.35 -12.58 9.45
N ALA A 553 2.47 -11.75 9.99
CA ALA A 553 2.54 -11.29 11.40
C ALA A 553 2.51 -12.51 12.36
N LEU A 554 1.69 -13.53 12.10
CA LEU A 554 1.59 -14.72 12.98
C LEU A 554 2.95 -15.41 13.03
N CYS A 555 3.70 -15.41 11.92
CA CYS A 555 5.06 -16.02 11.88
C CYS A 555 5.97 -15.35 12.90
N ALA A 556 5.68 -14.11 13.31
CA ALA A 556 6.55 -13.34 14.25
C ALA A 556 6.55 -13.97 15.62
N GLY A 557 5.44 -14.61 16.02
CA GLY A 557 5.26 -15.14 17.37
C GLY A 557 5.20 -16.67 17.43
N PHE A 558 4.96 -17.36 16.31
CA PHE A 558 4.60 -18.80 16.34
C PHE A 558 5.52 -19.62 15.46
N PHE A 559 6.71 -19.07 15.17
CA PHE A 559 7.68 -19.74 14.27
C PHE A 559 8.07 -21.09 14.86
N ARG A 560 8.18 -21.18 16.19
CA ARG A 560 8.56 -22.46 16.85
C ARG A 560 7.50 -23.51 16.55
N ASN A 561 6.22 -23.13 16.57
CA ASN A 561 5.12 -24.09 16.30
C ASN A 561 4.90 -24.20 14.79
N THR A 562 5.81 -24.85 14.07
CA THR A 562 5.66 -24.98 12.59
C THR A 562 5.88 -26.43 12.17
N ALA A 563 5.25 -26.84 11.06
CA ALA A 563 5.37 -28.22 10.56
C ALA A 563 5.33 -28.21 9.04
N ARG A 564 5.88 -29.26 8.43
CA ARG A 564 5.89 -29.49 6.97
C ARG A 564 5.30 -30.87 6.65
N LYS A 565 4.53 -30.97 5.57
CA LYS A 565 3.73 -32.16 5.23
C LYS A 565 4.64 -33.32 4.81
N ASP A 566 4.37 -34.54 5.33
CA ASP A 566 5.10 -35.80 4.97
C ASP A 566 5.35 -35.85 3.45
N TYR A 571 2.22 -34.63 8.86
CA TYR A 571 3.14 -33.50 9.13
C TYR A 571 4.24 -33.90 10.11
N LYS A 572 5.40 -33.23 10.04
CA LYS A 572 6.50 -33.33 11.03
C LYS A 572 6.90 -31.91 11.48
N THR A 573 7.23 -31.70 12.76
CA THR A 573 7.57 -30.35 13.27
C THR A 573 8.93 -29.95 12.67
N LEU A 574 9.10 -28.71 12.25
CA LEU A 574 10.40 -28.31 11.67
C LEU A 574 11.49 -28.40 12.73
N THR A 575 11.20 -27.93 13.94
CA THR A 575 12.21 -27.86 15.04
C THR A 575 12.71 -29.24 15.49
N GLU A 576 11.81 -30.21 15.71
CA GLU A 576 12.26 -31.53 16.23
C GLU A 576 11.95 -32.64 15.23
N GLY A 577 11.04 -32.40 14.28
CA GLY A 577 10.67 -33.43 13.30
C GLY A 577 9.64 -34.42 13.84
N THR A 578 9.10 -34.17 15.04
CA THR A 578 8.12 -35.10 15.65
C THR A 578 6.84 -35.11 14.80
N PRO A 579 6.26 -36.28 14.52
CA PRO A 579 5.04 -36.39 13.71
C PRO A 579 3.85 -35.80 14.50
N VAL A 580 3.07 -34.95 13.82
CA VAL A 580 1.88 -34.23 14.34
C VAL A 580 0.77 -34.27 13.29
N TYR A 581 -0.48 -34.03 13.69
CA TYR A 581 -1.67 -34.31 12.87
C TYR A 581 -2.63 -33.12 12.90
N LEU A 582 -3.27 -32.85 11.77
CA LEU A 582 -4.40 -31.89 11.67
C LEU A 582 -5.56 -32.40 12.48
N HIS A 583 -6.14 -31.54 13.30
CA HIS A 583 -7.35 -31.83 14.11
C HIS A 583 -8.54 -31.90 13.17
N PRO A 584 -9.48 -32.85 13.37
CA PRO A 584 -10.63 -33.00 12.47
C PRO A 584 -11.53 -31.75 12.43
N SER A 585 -11.51 -30.94 13.50
CA SER A 585 -12.25 -29.66 13.52
C SER A 585 -11.59 -28.62 12.62
N SER A 586 -10.39 -28.85 12.06
CA SER A 586 -9.61 -27.75 11.42
C SER A 586 -10.16 -27.49 10.03
N ALA A 587 -10.15 -26.22 9.63
CA ALA A 587 -10.55 -25.77 8.28
C ALA A 587 -9.61 -26.37 7.23
N LEU A 588 -8.45 -26.88 7.67
CA LEU A 588 -7.41 -27.47 6.81
C LEU A 588 -7.55 -28.98 6.78
N PHE A 589 -8.57 -29.55 7.39
CA PHE A 589 -8.63 -31.02 7.58
C PHE A 589 -8.57 -31.72 6.24
N GLY A 590 -9.57 -31.52 5.38
CA GLY A 590 -9.57 -32.23 4.08
C GLY A 590 -8.51 -31.74 3.09
N LYS A 591 -7.68 -30.76 3.47
CA LYS A 591 -7.04 -29.81 2.53
C LYS A 591 -5.52 -29.98 2.53
N GLN A 592 -4.87 -29.61 1.42
CA GLN A 592 -3.41 -29.74 1.22
C GLN A 592 -2.76 -28.41 1.61
N ALA A 593 -1.64 -28.48 2.30
CA ALA A 593 -0.91 -27.30 2.79
C ALA A 593 0.47 -27.78 3.24
N GLU A 594 1.51 -27.44 2.47
CA GLU A 594 2.84 -28.03 2.72
C GLU A 594 3.38 -27.50 4.05
N TRP A 595 3.37 -26.18 4.23
CA TRP A 595 3.93 -25.52 5.43
C TRP A 595 2.78 -24.99 6.30
N VAL A 596 2.85 -25.25 7.59
CA VAL A 596 1.77 -24.91 8.56
C VAL A 596 2.37 -24.32 9.82
N LEU A 597 1.60 -23.45 10.44
CA LEU A 597 1.88 -22.81 11.75
C LEU A 597 0.65 -23.11 12.59
N TYR A 598 0.84 -23.45 13.87
CA TYR A 598 -0.25 -23.90 14.78
C TYR A 598 -0.18 -23.10 16.06
N HIS A 599 -1.32 -22.88 16.71
CA HIS A 599 -1.35 -22.13 17.99
C HIS A 599 -0.73 -23.00 19.11
N GLU A 600 -1.10 -24.27 19.14
CA GLU A 600 -0.84 -25.17 20.29
C GLU A 600 -0.88 -26.60 19.77
N LEU A 601 -0.02 -27.45 20.32
CA LEU A 601 0.07 -28.88 19.98
C LEU A 601 -0.39 -29.67 21.21
N VAL A 602 -1.41 -30.51 21.10
CA VAL A 602 -1.96 -31.22 22.27
C VAL A 602 -2.18 -32.68 21.92
N LEU A 603 -1.52 -33.56 22.67
CA LEU A 603 -1.70 -35.02 22.63
C LEU A 603 -2.94 -35.42 23.46
N THR A 604 -4.04 -35.76 22.80
CA THR A 604 -5.20 -36.47 23.36
C THR A 604 -5.00 -37.93 22.95
N THR A 605 -5.71 -38.38 21.91
CA THR A 605 -5.60 -39.72 21.30
C THR A 605 -4.54 -39.70 20.21
N LYS A 606 -4.30 -38.53 19.58
CA LYS A 606 -3.14 -38.25 18.70
C LYS A 606 -2.47 -36.93 19.09
N GLU A 607 -1.27 -36.71 18.59
CA GLU A 607 -0.52 -35.42 18.65
C GLU A 607 -1.18 -34.42 17.68
N TYR A 608 -2.21 -33.73 18.12
CA TYR A 608 -3.03 -32.84 17.27
C TYR A 608 -2.54 -31.39 17.34
N MET A 609 -2.39 -30.78 16.15
CA MET A 609 -2.07 -29.33 16.04
C MET A 609 -3.41 -28.60 16.24
N HIS A 610 -3.43 -27.48 16.95
CA HIS A 610 -4.69 -26.74 17.16
C HIS A 610 -4.62 -25.36 16.50
N PHE A 611 -5.70 -24.97 15.79
CA PHE A 611 -5.77 -23.69 15.06
C PHE A 611 -4.63 -23.57 14.05
N THR A 612 -4.45 -24.61 13.23
CA THR A 612 -3.39 -24.66 12.18
C THR A 612 -3.71 -23.73 11.01
N THR A 613 -2.70 -23.02 10.51
CA THR A 613 -2.86 -22.10 9.35
C THR A 613 -1.74 -22.33 8.33
N ALA A 614 -2.08 -22.39 7.04
CA ALA A 614 -1.08 -22.60 5.97
C ALA A 614 -0.19 -21.36 5.88
N ILE A 615 1.13 -21.55 5.74
CA ILE A 615 2.09 -20.41 5.66
C ILE A 615 3.12 -20.68 4.57
N GLU A 616 3.87 -19.65 4.19
CA GLU A 616 4.97 -19.72 3.19
C GLU A 616 6.29 -19.76 3.96
N PRO A 617 7.27 -20.61 3.56
CA PRO A 617 8.54 -20.73 4.26
C PRO A 617 9.34 -19.42 4.34
N LYS A 618 9.23 -18.58 3.31
CA LYS A 618 9.96 -17.28 3.25
C LYS A 618 9.58 -16.40 4.44
N TRP A 619 8.31 -16.40 4.85
CA TRP A 619 7.84 -15.59 6.00
C TRP A 619 8.56 -15.99 7.30
N LEU A 620 8.83 -17.29 7.47
CA LEU A 620 9.51 -17.75 8.71
C LEU A 620 10.90 -17.11 8.81
N VAL A 621 11.66 -17.10 7.72
CA VAL A 621 13.03 -16.51 7.73
C VAL A 621 12.90 -14.97 7.76
N GLU A 622 11.84 -14.41 7.21
CA GLU A 622 11.56 -12.94 7.31
C GLU A 622 11.32 -12.56 8.77
N ALA A 623 10.37 -13.25 9.44
CA ALA A 623 9.87 -12.91 10.79
C ALA A 623 10.87 -13.30 11.89
N ALA A 624 11.70 -14.32 11.70
CA ALA A 624 12.60 -14.84 12.76
C ALA A 624 13.99 -15.13 12.18
N PRO A 625 14.76 -14.09 11.77
CA PRO A 625 15.92 -14.27 10.91
C PRO A 625 17.04 -15.06 11.57
N THR A 626 17.08 -15.07 12.90
CA THR A 626 18.17 -15.69 13.71
C THR A 626 17.82 -17.16 14.01
N PHE A 627 16.53 -17.52 13.98
CA PHE A 627 16.02 -18.88 14.33
C PHE A 627 15.76 -19.72 13.07
N PHE A 628 16.07 -19.24 11.88
CA PHE A 628 16.15 -20.09 10.66
C PHE A 628 17.44 -19.84 9.85
N LYS A 629 18.25 -20.88 9.69
CA LYS A 629 19.44 -20.89 8.80
C LYS A 629 19.06 -21.60 7.49
N LEU A 630 19.59 -21.15 6.37
CA LEU A 630 19.25 -21.71 5.02
C LEU A 630 20.31 -22.73 4.66
N ALA A 631 19.96 -23.74 3.86
CA ALA A 631 20.92 -24.79 3.42
C ALA A 631 20.34 -25.54 2.23
N PRO A 632 21.16 -25.91 1.24
CA PRO A 632 20.69 -26.74 0.13
C PRO A 632 20.35 -28.19 0.50
N ASN C 2 48.39 -0.77 -60.67
CA ASN C 2 48.46 -1.96 -59.73
C ASN C 2 47.84 -3.20 -60.39
N MET C 3 47.28 -4.08 -59.55
CA MET C 3 46.82 -5.46 -59.90
C MET C 3 45.31 -5.46 -60.12
N SER C 4 44.83 -6.11 -61.19
CA SER C 4 43.40 -6.21 -61.59
C SER C 4 42.68 -7.07 -60.56
N ILE C 5 41.34 -7.14 -60.52
CA ILE C 5 40.60 -8.14 -59.67
C ILE C 5 40.76 -9.54 -60.30
N LYS C 6 40.71 -9.68 -61.63
CA LYS C 6 40.91 -11.01 -62.27
C LYS C 6 42.35 -11.45 -62.03
N GLU C 7 43.33 -10.56 -62.23
CA GLU C 7 44.78 -10.84 -62.03
C GLU C 7 45.04 -11.20 -60.57
N GLN C 8 44.29 -10.65 -59.61
CA GLN C 8 44.44 -10.89 -58.16
C GLN C 8 44.01 -12.32 -57.83
N ARG C 9 42.92 -12.77 -58.45
CA ARG C 9 42.25 -14.06 -58.22
C ARG C 9 43.15 -15.21 -58.72
N GLU C 10 43.89 -14.96 -59.80
CA GLU C 10 44.70 -15.98 -60.50
C GLU C 10 46.12 -15.99 -59.94
N SER C 11 46.51 -14.95 -59.19
CA SER C 11 47.83 -14.81 -58.51
C SER C 11 47.84 -15.65 -57.24
N LEU C 12 46.67 -15.93 -56.68
CA LEU C 12 46.51 -16.63 -55.37
C LEU C 12 46.93 -18.07 -55.57
N PRO C 13 47.64 -18.70 -54.60
CA PRO C 13 48.13 -20.07 -54.76
C PRO C 13 47.02 -21.08 -55.03
N VAL C 14 45.82 -20.83 -54.53
CA VAL C 14 44.69 -21.79 -54.62
C VAL C 14 44.27 -21.94 -56.09
N PHE C 15 44.50 -20.95 -56.95
CA PHE C 15 44.10 -20.96 -58.39
C PHE C 15 44.74 -22.14 -59.14
N GLN C 16 45.99 -22.50 -58.81
CA GLN C 16 46.71 -23.66 -59.40
C GLN C 16 45.97 -24.97 -59.04
N PHE C 17 45.12 -24.97 -58.02
CA PHE C 17 44.42 -26.18 -57.52
C PHE C 17 42.90 -26.05 -57.74
N ARG C 18 42.47 -25.07 -58.53
CA ARG C 18 41.04 -24.77 -58.80
C ARG C 18 40.28 -26.03 -59.26
N ASP C 19 40.65 -26.58 -60.42
CA ASP C 19 39.93 -27.72 -61.07
C ASP C 19 39.92 -28.91 -60.08
N GLN C 20 41.05 -29.14 -59.40
CA GLN C 20 41.30 -30.32 -58.51
C GLN C 20 40.37 -30.29 -57.29
N ILE C 21 40.15 -29.11 -56.68
CA ILE C 21 39.30 -29.01 -55.47
C ILE C 21 37.83 -29.17 -55.88
N ILE C 22 37.40 -28.62 -57.00
CA ILE C 22 36.01 -28.81 -57.51
C ILE C 22 35.75 -30.31 -57.66
N GLN C 23 36.72 -31.07 -58.21
CA GLN C 23 36.65 -32.54 -58.42
C GLN C 23 36.58 -33.24 -57.06
N ALA C 24 37.42 -32.82 -56.11
CA ALA C 24 37.54 -33.38 -54.75
C ALA C 24 36.20 -33.26 -54.00
N VAL C 25 35.43 -32.17 -54.23
CA VAL C 25 34.14 -31.87 -53.53
C VAL C 25 32.98 -32.61 -54.21
N LYS C 26 33.09 -32.93 -55.50
CA LYS C 26 32.11 -33.79 -56.21
C LYS C 26 32.35 -35.25 -55.79
N ASP C 27 33.63 -35.63 -55.68
CA ASP C 27 34.09 -36.99 -55.28
C ASP C 27 33.64 -37.27 -53.85
N ASN C 28 33.99 -36.40 -52.89
CA ASN C 28 33.80 -36.66 -51.44
C ASN C 28 32.69 -35.75 -50.88
N GLN C 29 31.83 -36.30 -50.02
CA GLN C 29 30.74 -35.55 -49.36
C GLN C 29 31.37 -34.59 -48.33
N ILE C 30 32.20 -35.14 -47.44
CA ILE C 30 33.01 -34.34 -46.48
C ILE C 30 34.45 -34.31 -46.99
N LEU C 31 35.09 -33.15 -46.89
CA LEU C 31 36.50 -32.92 -47.31
C LEU C 31 37.20 -32.03 -46.29
N ILE C 32 38.46 -32.34 -45.96
CA ILE C 32 39.31 -31.44 -45.15
C ILE C 32 40.18 -30.63 -46.12
N VAL C 33 40.18 -29.30 -45.97
CA VAL C 33 40.97 -28.35 -46.79
C VAL C 33 41.97 -27.67 -45.87
N VAL C 34 43.26 -27.94 -46.06
CA VAL C 34 44.35 -27.29 -45.33
C VAL C 34 44.92 -26.25 -46.27
N GLY C 35 44.73 -24.97 -45.96
CA GLY C 35 45.32 -23.85 -46.69
C GLY C 35 46.13 -23.00 -45.74
N GLU C 36 47.45 -23.01 -45.90
CA GLU C 36 48.39 -22.19 -45.09
C GLU C 36 48.02 -20.72 -45.35
N THR C 37 48.54 -19.77 -44.58
CA THR C 37 47.88 -18.45 -44.30
C THR C 37 47.41 -17.73 -45.59
N GLY C 38 48.27 -17.60 -46.62
CA GLY C 38 47.96 -16.77 -47.80
C GLY C 38 47.27 -17.53 -48.93
N SER C 39 46.80 -18.74 -48.70
CA SER C 39 46.18 -19.66 -49.69
C SER C 39 45.30 -18.90 -50.67
N GLY C 40 44.41 -18.06 -50.12
CA GLY C 40 43.21 -17.52 -50.78
C GLY C 40 42.01 -18.46 -50.65
N LYS C 41 42.07 -19.50 -49.82
CA LYS C 41 40.97 -20.51 -49.74
C LYS C 41 39.65 -19.85 -49.30
N THR C 42 39.75 -18.87 -48.40
CA THR C 42 38.59 -18.24 -47.76
C THR C 42 37.74 -17.58 -48.84
N THR C 43 38.36 -16.82 -49.74
CA THR C 43 37.68 -15.94 -50.75
C THR C 43 37.33 -16.71 -52.03
N GLN C 44 38.05 -17.79 -52.34
CA GLN C 44 37.99 -18.40 -53.71
C GLN C 44 37.10 -19.66 -53.70
N VAL C 45 37.26 -20.55 -52.72
CA VAL C 45 36.65 -21.91 -52.72
C VAL C 45 35.13 -21.77 -52.81
N THR C 46 34.55 -20.84 -52.08
CA THR C 46 33.10 -20.54 -52.18
C THR C 46 32.76 -20.25 -53.65
N GLN C 47 33.53 -19.39 -54.30
CA GLN C 47 33.29 -18.91 -55.69
C GLN C 47 33.54 -20.05 -56.69
N TYR C 48 34.61 -20.83 -56.50
CA TYR C 48 34.99 -21.96 -57.39
C TYR C 48 33.78 -22.90 -57.48
N LEU C 49 33.15 -23.21 -56.35
CA LEU C 49 32.00 -24.14 -56.33
C LEU C 49 30.81 -23.48 -57.04
N ALA C 50 30.48 -22.23 -56.72
CA ALA C 50 29.36 -21.50 -57.37
C ALA C 50 29.55 -21.50 -58.90
N GLU C 51 30.78 -21.28 -59.37
CA GLU C 51 31.16 -21.22 -60.81
C GLU C 51 30.96 -22.58 -61.48
N ALA C 52 31.00 -23.68 -60.70
CA ALA C 52 30.82 -25.08 -61.16
C ALA C 52 29.35 -25.49 -61.07
N GLY C 53 28.47 -24.61 -60.59
CA GLY C 53 27.00 -24.80 -60.62
C GLY C 53 26.46 -25.39 -59.33
N PHE C 54 27.25 -25.45 -58.27
CA PHE C 54 26.87 -26.02 -56.95
C PHE C 54 25.82 -25.12 -56.28
N THR C 55 25.44 -24.03 -56.92
CA THR C 55 24.55 -23.00 -56.36
C THR C 55 23.14 -23.18 -56.92
N LYS C 56 22.95 -24.17 -57.79
CA LYS C 56 21.73 -24.35 -58.64
C LYS C 56 20.55 -24.73 -57.74
N TYR C 57 20.70 -25.69 -56.81
CA TYR C 57 19.58 -26.19 -55.98
C TYR C 57 19.63 -25.55 -54.59
N GLY C 58 20.77 -25.00 -54.16
CA GLY C 58 20.83 -24.34 -52.83
C GLY C 58 22.02 -23.41 -52.66
N MET C 59 22.14 -22.85 -51.45
CA MET C 59 23.13 -21.81 -51.06
C MET C 59 24.48 -22.46 -50.68
N ILE C 60 25.59 -21.75 -50.92
CA ILE C 60 26.92 -22.10 -50.32
C ILE C 60 27.09 -21.27 -49.06
N GLY C 61 27.09 -21.92 -47.90
CA GLY C 61 27.30 -21.27 -46.59
C GLY C 61 28.74 -21.44 -46.16
N CYS C 62 29.36 -20.39 -45.62
CA CYS C 62 30.74 -20.46 -45.09
C CYS C 62 30.78 -19.76 -43.74
N THR C 63 31.07 -20.50 -42.67
CA THR C 63 31.13 -19.95 -41.31
C THR C 63 32.48 -19.28 -41.09
N GLN C 64 32.52 -18.22 -40.30
CA GLN C 64 33.75 -17.57 -39.79
C GLN C 64 33.61 -17.44 -38.29
N PRO C 65 34.66 -17.64 -37.51
CA PRO C 65 34.51 -17.54 -36.06
C PRO C 65 34.29 -16.12 -35.55
N ARG C 66 34.46 -15.10 -36.38
CA ARG C 66 34.45 -13.67 -35.95
C ARG C 66 33.50 -12.85 -36.84
N ARG C 67 32.72 -11.96 -36.25
CA ARG C 67 31.79 -11.07 -36.98
C ARG C 67 32.57 -10.30 -38.05
N VAL C 68 33.65 -9.66 -37.65
CA VAL C 68 34.46 -8.76 -38.51
C VAL C 68 34.84 -9.51 -39.79
N ALA C 69 35.18 -10.79 -39.68
CA ALA C 69 35.72 -11.59 -40.79
C ALA C 69 34.58 -11.98 -41.73
N ALA C 70 33.41 -12.31 -41.19
CA ALA C 70 32.21 -12.56 -42.00
C ALA C 70 31.94 -11.37 -42.91
N VAL C 71 31.99 -10.13 -42.41
CA VAL C 71 31.56 -8.95 -43.22
C VAL C 71 32.73 -8.62 -44.17
N SER C 72 33.96 -8.62 -43.67
CA SER C 72 35.16 -8.23 -44.43
C SER C 72 35.30 -9.17 -45.65
N VAL C 73 35.14 -10.49 -45.44
CA VAL C 73 35.28 -11.52 -46.50
C VAL C 73 34.13 -11.37 -47.49
N ALA C 74 32.90 -11.27 -47.01
CA ALA C 74 31.70 -11.10 -47.85
C ALA C 74 31.85 -9.87 -48.76
N LYS C 75 32.31 -8.74 -48.21
CA LYS C 75 32.46 -7.51 -49.03
C LYS C 75 33.47 -7.77 -50.16
N ARG C 76 34.55 -8.48 -49.84
CA ARG C 76 35.63 -8.75 -50.82
C ARG C 76 35.11 -9.70 -51.90
N VAL C 77 34.46 -10.81 -51.52
CA VAL C 77 33.90 -11.81 -52.48
C VAL C 77 32.84 -11.12 -53.34
N ALA C 78 32.00 -10.28 -52.74
CA ALA C 78 31.04 -9.41 -53.47
C ALA C 78 31.76 -8.63 -54.58
N GLU C 79 32.86 -7.94 -54.26
CA GLU C 79 33.54 -7.10 -55.27
C GLU C 79 34.28 -7.98 -56.30
N GLU C 80 34.64 -9.24 -55.96
CA GLU C 80 35.32 -10.13 -56.95
C GLU C 80 34.27 -10.72 -57.90
N VAL C 81 33.06 -11.01 -57.42
CA VAL C 81 31.93 -11.54 -58.24
C VAL C 81 31.37 -10.39 -59.09
N GLY C 82 31.32 -9.19 -58.52
CA GLY C 82 30.85 -7.97 -59.20
C GLY C 82 29.38 -7.67 -58.94
N CYS C 83 28.87 -8.15 -57.80
CA CYS C 83 27.45 -8.02 -57.38
C CYS C 83 27.39 -7.02 -56.22
N GLN C 84 26.21 -6.43 -56.05
CA GLN C 84 25.88 -5.57 -54.89
C GLN C 84 25.99 -6.46 -53.65
N LEU C 85 26.46 -5.93 -52.53
CA LEU C 85 26.56 -6.70 -51.25
C LEU C 85 25.13 -6.97 -50.76
N GLY C 86 24.84 -8.23 -50.44
CA GLY C 86 23.51 -8.68 -50.00
C GLY C 86 22.67 -9.22 -51.15
N GLN C 87 23.22 -9.24 -52.37
CA GLN C 87 22.59 -9.92 -53.53
C GLN C 87 23.26 -11.27 -53.68
N GLU C 88 23.88 -11.59 -54.83
CA GLU C 88 24.49 -12.91 -55.09
C GLU C 88 25.41 -13.34 -53.93
N VAL C 89 26.10 -12.40 -53.29
CA VAL C 89 27.07 -12.61 -52.19
C VAL C 89 26.60 -11.79 -50.98
N GLY C 90 26.46 -12.45 -49.82
CA GLY C 90 25.85 -11.84 -48.63
C GLY C 90 26.50 -12.36 -47.35
N TYR C 91 26.16 -11.73 -46.23
CA TYR C 91 26.56 -12.19 -44.88
C TYR C 91 25.37 -12.15 -43.94
N THR C 92 25.38 -13.02 -42.92
CA THR C 92 24.42 -12.94 -41.79
C THR C 92 25.20 -13.07 -40.48
N ILE C 93 25.12 -12.03 -39.65
CA ILE C 93 25.67 -12.02 -38.27
C ILE C 93 24.59 -11.47 -37.35
N ARG C 94 24.79 -11.60 -36.04
CA ARG C 94 23.78 -11.15 -35.07
C ARG C 94 23.43 -9.70 -35.37
N PHE C 95 22.15 -9.39 -35.55
CA PHE C 95 21.61 -8.01 -35.70
C PHE C 95 21.68 -7.52 -37.13
N GLU C 96 22.25 -8.28 -38.06
CA GLU C 96 22.70 -7.76 -39.38
C GLU C 96 22.57 -8.90 -40.40
N ASP C 97 21.39 -9.10 -40.96
CA ASP C 97 21.15 -10.11 -42.02
C ASP C 97 21.21 -9.42 -43.39
N VAL C 98 22.41 -9.33 -43.98
CA VAL C 98 22.62 -8.69 -45.33
C VAL C 98 22.61 -9.81 -46.37
N THR C 99 21.45 -10.42 -46.58
CA THR C 99 21.15 -11.40 -47.67
C THR C 99 19.84 -11.00 -48.37
N SER C 100 19.42 -11.76 -49.37
CA SER C 100 18.24 -11.48 -50.22
C SER C 100 17.80 -12.82 -50.80
N PRO C 101 16.61 -12.93 -51.45
CA PRO C 101 16.28 -14.13 -52.20
C PRO C 101 17.25 -14.48 -53.34
N ALA C 102 18.19 -13.59 -53.67
CA ALA C 102 19.14 -13.76 -54.80
C ALA C 102 20.50 -14.27 -54.33
N THR C 103 20.74 -14.38 -53.02
CA THR C 103 22.06 -14.73 -52.45
C THR C 103 22.33 -16.22 -52.69
N LYS C 104 23.42 -16.51 -53.40
CA LYS C 104 23.88 -17.87 -53.73
C LYS C 104 25.10 -18.21 -52.84
N ILE C 105 25.91 -17.21 -52.44
CA ILE C 105 27.06 -17.39 -51.50
C ILE C 105 26.78 -16.55 -50.25
N LYS C 106 26.79 -17.20 -49.08
CA LYS C 106 26.48 -16.59 -47.77
C LYS C 106 27.62 -16.89 -46.79
N TYR C 107 28.31 -15.84 -46.34
CA TYR C 107 29.29 -15.92 -45.24
C TYR C 107 28.55 -15.58 -43.96
N MET C 108 28.81 -16.29 -42.87
CA MET C 108 28.10 -16.08 -41.59
C MET C 108 29.05 -16.43 -40.45
N THR C 109 28.75 -15.99 -39.24
CA THR C 109 29.42 -16.47 -38.01
C THR C 109 28.99 -17.91 -37.75
N ASP C 110 29.91 -18.75 -37.23
CA ASP C 110 29.61 -20.15 -36.81
C ASP C 110 28.36 -20.13 -35.93
N GLY C 111 28.31 -19.21 -34.97
CA GLY C 111 27.20 -19.06 -34.01
C GLY C 111 25.86 -19.01 -34.73
N MET C 112 25.83 -18.35 -35.87
CA MET C 112 24.60 -18.10 -36.66
C MET C 112 24.13 -19.43 -37.26
N LEU C 113 25.04 -20.24 -37.78
CA LEU C 113 24.67 -21.55 -38.37
C LEU C 113 24.19 -22.44 -37.24
N GLN C 114 24.79 -22.34 -36.05
CA GLN C 114 24.41 -23.11 -34.84
C GLN C 114 22.92 -22.83 -34.60
N ARG C 115 22.59 -21.54 -34.54
CA ARG C 115 21.24 -21.06 -34.22
C ARG C 115 20.28 -21.45 -35.34
N GLU C 116 20.70 -21.40 -36.60
CA GLU C 116 19.84 -21.76 -37.76
C GLU C 116 19.48 -23.25 -37.68
N ILE C 117 20.45 -24.08 -37.29
CA ILE C 117 20.38 -25.56 -37.41
C ILE C 117 19.39 -26.09 -36.37
N LEU C 118 19.13 -25.31 -35.31
CA LEU C 118 18.07 -25.58 -34.29
C LEU C 118 16.70 -25.59 -34.95
N MET C 119 16.35 -24.56 -35.73
CA MET C 119 15.02 -24.46 -36.39
C MET C 119 14.99 -25.27 -37.70
N ASP C 120 16.12 -25.56 -38.34
CA ASP C 120 16.19 -26.39 -39.57
C ASP C 120 17.34 -27.38 -39.43
N PRO C 121 17.15 -28.53 -38.76
CA PRO C 121 18.21 -29.51 -38.56
C PRO C 121 18.85 -30.03 -39.86
N ASP C 122 18.11 -30.05 -40.97
CA ASP C 122 18.65 -30.58 -42.26
C ASP C 122 19.23 -29.44 -43.11
N LEU C 123 19.15 -28.19 -42.64
CA LEU C 123 19.68 -26.99 -43.36
C LEU C 123 19.23 -27.03 -44.82
N LYS C 124 17.92 -26.99 -45.05
CA LYS C 124 17.25 -27.15 -46.37
C LYS C 124 17.84 -26.16 -47.38
N ARG C 125 18.01 -24.92 -46.94
CA ARG C 125 18.36 -23.75 -47.79
C ARG C 125 19.77 -23.94 -48.39
N TYR C 126 20.64 -24.79 -47.82
CA TYR C 126 22.07 -24.85 -48.21
C TYR C 126 22.40 -26.13 -48.97
N SER C 127 23.18 -25.99 -50.04
CA SER C 127 23.74 -27.07 -50.88
C SER C 127 25.11 -27.50 -50.36
N VAL C 128 25.85 -26.57 -49.76
CA VAL C 128 27.27 -26.77 -49.34
C VAL C 128 27.53 -25.93 -48.10
N ILE C 129 28.14 -26.53 -47.09
CA ILE C 129 28.58 -25.84 -45.85
C ILE C 129 30.09 -25.97 -45.77
N MET C 130 30.76 -24.84 -45.63
CA MET C 130 32.22 -24.77 -45.42
C MET C 130 32.45 -24.12 -44.05
N LEU C 131 33.14 -24.84 -43.16
CA LEU C 131 33.54 -24.36 -41.82
C LEU C 131 34.95 -23.76 -41.94
N ASP C 132 35.05 -22.44 -42.03
CA ASP C 132 36.35 -21.77 -42.24
C ASP C 132 36.91 -21.40 -40.88
N GLU C 133 38.23 -21.28 -40.83
CA GLU C 133 39.06 -20.96 -39.63
C GLU C 133 38.74 -21.95 -38.52
N ALA C 134 38.32 -23.15 -38.90
CA ALA C 134 38.02 -24.25 -37.96
C ALA C 134 39.18 -24.43 -36.97
N HIS C 135 40.41 -24.10 -37.34
CA HIS C 135 41.60 -24.35 -36.49
C HIS C 135 41.49 -23.56 -35.19
N GLU C 136 40.65 -22.52 -35.18
CA GLU C 136 40.46 -21.65 -34.00
C GLU C 136 39.64 -22.34 -32.93
N ARG C 137 38.93 -23.41 -33.28
CA ARG C 137 38.26 -24.32 -32.31
C ARG C 137 37.40 -23.52 -31.31
N THR C 138 36.49 -22.71 -31.83
CA THR C 138 35.38 -22.10 -31.06
C THR C 138 34.35 -23.17 -30.73
N ILE C 139 33.59 -22.95 -29.65
CA ILE C 139 32.52 -23.87 -29.18
C ILE C 139 31.53 -24.06 -30.33
N ALA C 140 31.11 -22.99 -31.01
CA ALA C 140 30.14 -23.11 -32.13
C ALA C 140 30.74 -24.01 -33.22
N THR C 141 32.02 -23.85 -33.58
CA THR C 141 32.56 -24.65 -34.70
C THR C 141 32.61 -26.10 -34.21
N ASP C 142 33.12 -26.35 -32.99
CA ASP C 142 33.21 -27.74 -32.44
C ASP C 142 31.81 -28.41 -32.45
N VAL C 143 30.76 -27.67 -32.03
CA VAL C 143 29.36 -28.16 -32.04
C VAL C 143 28.98 -28.50 -33.48
N LEU C 144 29.35 -27.65 -34.44
CA LEU C 144 28.94 -27.82 -35.86
C LEU C 144 29.61 -29.07 -36.46
N PHE C 145 30.83 -29.42 -36.01
CA PHE C 145 31.50 -30.68 -36.42
C PHE C 145 30.54 -31.86 -36.19
N ALA C 146 30.05 -31.96 -34.96
CA ALA C 146 29.22 -33.10 -34.50
C ALA C 146 27.88 -33.08 -35.22
N LEU C 147 27.20 -31.92 -35.26
CA LEU C 147 25.84 -31.79 -35.85
C LEU C 147 25.89 -32.10 -37.36
N LEU C 148 26.90 -31.58 -38.06
CA LEU C 148 27.00 -31.74 -39.53
C LEU C 148 27.37 -33.18 -39.87
N LYS C 149 28.19 -33.80 -39.02
CA LYS C 149 28.55 -35.25 -39.15
C LYS C 149 27.26 -36.09 -39.11
N LYS C 150 26.28 -35.69 -38.30
CA LYS C 150 24.93 -36.34 -38.18
C LYS C 150 24.06 -35.90 -39.36
N THR C 151 24.16 -34.66 -39.81
CA THR C 151 23.30 -34.08 -40.88
C THR C 151 23.59 -34.74 -42.23
N VAL C 152 24.81 -35.24 -42.45
CA VAL C 152 25.22 -35.87 -43.74
C VAL C 152 24.51 -37.23 -43.95
N LYS C 153 24.13 -37.92 -42.88
CA LYS C 153 23.43 -39.25 -42.93
C LYS C 153 21.98 -39.01 -43.34
N ARG C 154 21.36 -37.92 -42.88
CA ARG C 154 19.95 -37.58 -43.22
C ARG C 154 19.88 -36.87 -44.57
N ARG C 155 21.01 -36.46 -45.15
CA ARG C 155 21.04 -35.59 -46.35
C ARG C 155 22.21 -35.95 -47.27
N PRO C 156 22.05 -36.93 -48.20
CA PRO C 156 23.15 -37.39 -49.04
C PRO C 156 23.66 -36.38 -50.09
N ASP C 157 22.84 -35.38 -50.46
CA ASP C 157 23.21 -34.34 -51.45
C ASP C 157 24.25 -33.40 -50.84
N LEU C 158 24.02 -32.96 -49.59
CA LEU C 158 24.78 -31.88 -48.89
C LEU C 158 26.28 -32.19 -48.88
N LYS C 159 27.09 -31.22 -49.27
CA LYS C 159 28.58 -31.29 -49.24
C LYS C 159 29.07 -30.44 -48.06
N VAL C 160 30.12 -30.92 -47.40
CA VAL C 160 30.72 -30.26 -46.21
C VAL C 160 32.23 -30.14 -46.45
N ILE C 161 32.73 -28.93 -46.38
CA ILE C 161 34.19 -28.66 -46.38
C ILE C 161 34.54 -28.19 -44.96
N VAL C 162 35.60 -28.74 -44.39
CA VAL C 162 36.10 -28.34 -43.05
C VAL C 162 37.56 -27.97 -43.20
N THR C 163 37.94 -26.76 -42.80
CA THR C 163 39.35 -26.29 -42.89
C THR C 163 40.14 -26.86 -41.71
N SER C 164 41.46 -26.83 -41.79
CA SER C 164 42.32 -27.35 -40.70
C SER C 164 43.73 -26.79 -40.83
N ALA C 165 44.40 -26.63 -39.69
CA ALA C 165 45.86 -26.42 -39.63
C ALA C 165 46.50 -27.74 -40.01
N THR C 166 47.78 -27.66 -40.43
CA THR C 166 48.56 -28.82 -40.95
C THR C 166 48.53 -29.92 -39.88
N LEU C 167 48.88 -29.60 -38.63
CA LEU C 167 49.13 -30.59 -37.54
C LEU C 167 47.85 -31.39 -37.21
N ASP C 168 46.66 -30.78 -37.34
CA ASP C 168 45.37 -31.41 -36.95
C ASP C 168 44.68 -32.08 -38.16
N ALA C 169 45.22 -31.95 -39.37
CA ALA C 169 44.60 -32.48 -40.60
C ALA C 169 44.21 -33.95 -40.44
N GLU C 170 45.19 -34.80 -40.07
CA GLU C 170 45.00 -36.27 -39.92
C GLU C 170 43.96 -36.53 -38.82
N LYS C 171 44.04 -35.80 -37.71
CA LYS C 171 43.02 -35.90 -36.63
C LYS C 171 41.61 -35.62 -37.16
N PHE C 172 41.41 -34.48 -37.82
CA PHE C 172 40.11 -34.06 -38.37
C PHE C 172 39.62 -35.14 -39.33
N SER C 173 40.54 -35.70 -40.11
CA SER C 173 40.21 -36.77 -41.08
C SER C 173 39.56 -37.94 -40.34
N GLU C 174 40.26 -38.51 -39.34
CA GLU C 174 39.83 -39.76 -38.67
C GLU C 174 38.48 -39.47 -37.99
N TYR C 175 38.26 -38.24 -37.47
CA TYR C 175 36.94 -37.81 -36.92
C TYR C 175 35.87 -37.89 -38.01
N PHE C 176 36.13 -37.42 -39.22
CA PHE C 176 35.10 -37.34 -40.30
C PHE C 176 35.21 -38.62 -41.16
N ASN C 177 35.13 -39.80 -40.54
CA ASN C 177 34.99 -41.09 -41.27
C ASN C 177 36.18 -41.29 -42.22
N SER C 178 37.36 -40.80 -41.82
CA SER C 178 38.64 -40.86 -42.58
C SER C 178 38.45 -40.43 -44.04
N CYS C 179 37.74 -39.32 -44.26
CA CYS C 179 37.65 -38.61 -45.57
C CYS C 179 39.01 -38.03 -45.95
N PRO C 180 39.25 -37.68 -47.23
CA PRO C 180 40.58 -37.19 -47.66
C PRO C 180 40.90 -35.76 -47.21
N ILE C 181 42.19 -35.42 -47.26
CA ILE C 181 42.78 -34.10 -46.88
C ILE C 181 43.34 -33.45 -48.14
N PHE C 182 42.78 -32.30 -48.57
CA PHE C 182 43.32 -31.51 -49.71
C PHE C 182 44.18 -30.36 -49.19
N THR C 183 45.48 -30.34 -49.50
CA THR C 183 46.43 -29.32 -48.99
C THR C 183 46.72 -28.29 -50.09
N ILE C 184 46.79 -27.02 -49.71
CA ILE C 184 47.03 -25.84 -50.59
C ILE C 184 48.15 -25.02 -49.95
N PRO C 185 49.31 -24.86 -50.63
CA PRO C 185 50.38 -24.05 -50.06
C PRO C 185 49.94 -22.58 -49.95
N GLY C 186 50.59 -21.81 -49.07
CA GLY C 186 50.27 -20.40 -48.78
C GLY C 186 51.38 -19.48 -49.26
N ARG C 187 51.08 -18.19 -49.46
CA ARG C 187 52.07 -17.15 -49.84
C ARG C 187 52.30 -16.27 -48.62
N THR C 188 53.47 -16.37 -47.98
CA THR C 188 53.78 -15.55 -46.78
C THR C 188 55.13 -14.84 -46.96
N PHE C 189 55.19 -13.55 -46.61
CA PHE C 189 56.46 -12.79 -46.68
C PHE C 189 57.44 -13.41 -45.68
N PRO C 190 58.75 -13.49 -45.99
CA PRO C 190 59.70 -14.10 -45.08
C PRO C 190 59.82 -13.33 -43.75
N VAL C 191 59.84 -14.05 -42.64
CA VAL C 191 60.00 -13.43 -41.29
C VAL C 191 61.19 -14.13 -40.61
N GLU C 192 62.18 -13.37 -40.14
CA GLU C 192 63.34 -14.00 -39.47
C GLU C 192 62.93 -14.29 -38.03
N ILE C 193 63.14 -15.53 -37.57
CA ILE C 193 62.75 -15.90 -36.18
C ILE C 193 64.03 -16.03 -35.33
N LEU C 194 64.13 -15.24 -34.26
CA LEU C 194 65.30 -15.23 -33.35
C LEU C 194 64.84 -15.67 -31.95
N TYR C 195 65.55 -16.63 -31.36
CA TYR C 195 65.20 -17.15 -30.01
C TYR C 195 66.25 -16.72 -29.00
N SER C 196 65.82 -16.24 -27.84
CA SER C 196 66.79 -15.83 -26.78
C SER C 196 67.61 -17.05 -26.37
N ARG C 197 68.93 -16.87 -26.24
CA ARG C 197 69.85 -17.98 -25.86
C ARG C 197 69.52 -18.47 -24.44
N GLU C 198 69.26 -17.53 -23.53
CA GLU C 198 68.95 -17.88 -22.11
C GLU C 198 67.57 -17.35 -21.73
N PRO C 199 66.71 -18.16 -21.07
CA PRO C 199 65.36 -17.72 -20.67
C PRO C 199 65.35 -16.40 -19.88
N GLU C 200 64.26 -15.63 -19.99
CA GLU C 200 64.18 -14.22 -19.51
C GLU C 200 63.39 -14.22 -18.20
N PRO C 201 64.02 -13.84 -17.06
CA PRO C 201 63.37 -13.95 -15.75
C PRO C 201 62.15 -13.03 -15.56
N ASP C 202 62.12 -11.91 -16.27
CA ASP C 202 61.04 -10.89 -16.24
C ASP C 202 60.69 -10.58 -17.72
N TYR C 203 59.60 -11.16 -18.23
CA TYR C 203 59.21 -11.08 -19.65
C TYR C 203 58.86 -9.64 -20.03
N LEU C 204 58.17 -8.90 -19.15
CA LEU C 204 57.82 -7.47 -19.37
C LEU C 204 59.11 -6.68 -19.68
N GLU C 205 60.09 -6.75 -18.80
CA GLU C 205 61.36 -5.99 -18.88
C GLU C 205 62.09 -6.43 -20.16
N ALA C 206 62.09 -7.72 -20.47
CA ALA C 206 62.84 -8.26 -21.63
C ALA C 206 62.18 -7.77 -22.90
N ALA C 207 60.85 -7.70 -22.90
CA ALA C 207 60.04 -7.16 -24.00
C ALA C 207 60.46 -5.71 -24.26
N LEU C 208 60.51 -4.87 -23.23
CA LEU C 208 60.86 -3.44 -23.35
C LEU C 208 62.32 -3.27 -23.75
N THR C 209 63.22 -4.08 -23.18
CA THR C 209 64.66 -3.98 -23.54
C THR C 209 64.79 -4.35 -25.02
N THR C 210 64.08 -5.40 -25.43
CA THR C 210 64.11 -5.90 -26.83
C THR C 210 63.51 -4.86 -27.78
N VAL C 211 62.40 -4.22 -27.39
CA VAL C 211 61.73 -3.24 -28.31
C VAL C 211 62.68 -2.08 -28.60
N MET C 212 63.34 -1.55 -27.58
CA MET C 212 64.28 -0.41 -27.79
C MET C 212 65.47 -0.88 -28.64
N GLN C 213 65.96 -2.09 -28.38
CA GLN C 213 67.14 -2.62 -29.11
C GLN C 213 66.80 -2.71 -30.60
N ILE C 214 65.61 -3.19 -30.94
CA ILE C 214 65.22 -3.30 -32.38
C ILE C 214 65.18 -1.91 -32.99
N HIS C 215 64.58 -0.96 -32.27
CA HIS C 215 64.41 0.43 -32.79
C HIS C 215 65.76 1.10 -33.06
N LEU C 216 66.73 0.93 -32.16
CA LEU C 216 68.05 1.61 -32.33
C LEU C 216 69.02 0.76 -33.15
N THR C 217 68.78 -0.53 -33.31
CA THR C 217 69.76 -1.39 -34.03
C THR C 217 69.13 -2.14 -35.22
N GLU C 218 67.94 -1.73 -35.69
CA GLU C 218 67.32 -2.50 -36.81
C GLU C 218 66.85 -1.57 -37.92
N PRO C 219 66.68 -2.08 -39.16
CA PRO C 219 66.21 -1.27 -40.29
C PRO C 219 64.78 -0.80 -40.00
N PRO C 220 64.37 0.40 -40.45
CA PRO C 220 63.05 0.92 -40.11
C PRO C 220 61.87 0.01 -40.47
N GLY C 221 61.00 -0.22 -39.48
CA GLY C 221 59.77 -1.01 -39.60
C GLY C 221 58.93 -0.85 -38.34
N ASP C 222 57.65 -1.20 -38.38
CA ASP C 222 56.88 -1.11 -37.11
C ASP C 222 56.99 -2.43 -36.34
N ILE C 223 56.83 -2.31 -35.02
CA ILE C 223 57.01 -3.42 -34.03
C ILE C 223 55.66 -3.77 -33.41
N LEU C 224 55.30 -5.05 -33.41
CA LEU C 224 54.16 -5.64 -32.63
C LEU C 224 54.70 -6.45 -31.45
N VAL C 225 54.40 -6.02 -30.22
CA VAL C 225 54.74 -6.77 -28.96
C VAL C 225 53.45 -7.37 -28.36
N PHE C 226 53.46 -8.65 -28.00
CA PHE C 226 52.31 -9.31 -27.32
C PHE C 226 52.51 -9.35 -25.80
N LEU C 227 51.66 -8.64 -25.06
CA LEU C 227 51.55 -8.80 -23.60
C LEU C 227 50.17 -9.40 -23.21
N THR C 228 49.82 -9.35 -21.93
CA THR C 228 48.86 -10.37 -21.37
C THR C 228 47.52 -9.74 -21.02
N GLY C 229 47.55 -8.49 -20.53
CA GLY C 229 46.37 -7.64 -20.27
C GLY C 229 46.61 -6.14 -20.41
N GLN C 230 45.52 -5.37 -20.36
CA GLN C 230 45.43 -3.90 -20.28
C GLN C 230 46.42 -3.30 -19.28
N GLU C 231 46.26 -3.49 -17.97
CA GLU C 231 47.08 -2.77 -16.97
C GLU C 231 48.59 -2.92 -17.27
N GLU C 232 49.00 -4.09 -17.75
CA GLU C 232 50.43 -4.40 -18.10
C GLU C 232 50.83 -3.58 -19.34
N ILE C 233 50.00 -3.61 -20.38
CA ILE C 233 50.18 -2.84 -21.63
C ILE C 233 50.25 -1.35 -21.30
N ASP C 234 49.38 -0.85 -20.44
CA ASP C 234 49.35 0.60 -20.05
C ASP C 234 50.66 0.94 -19.31
N THR C 235 51.11 0.10 -18.37
CA THR C 235 52.39 0.26 -17.62
C THR C 235 53.58 0.26 -18.59
N ALA C 236 53.53 -0.62 -19.60
CA ALA C 236 54.60 -0.81 -20.60
C ALA C 236 54.74 0.46 -21.47
N CYS C 237 53.62 1.06 -21.86
CA CYS C 237 53.57 2.31 -22.67
C CYS C 237 54.17 3.48 -21.90
N GLU C 238 53.82 3.62 -20.61
CA GLU C 238 54.36 4.71 -19.75
C GLU C 238 55.86 4.47 -19.50
N ILE C 239 56.29 3.23 -19.27
CA ILE C 239 57.71 2.90 -18.97
C ILE C 239 58.55 3.15 -20.22
N LEU C 240 58.05 2.74 -21.39
CA LEU C 240 58.77 2.87 -22.69
C LEU C 240 58.86 4.35 -23.10
N TYR C 241 57.83 5.15 -22.81
CA TYR C 241 57.83 6.62 -23.02
C TYR C 241 58.92 7.25 -22.15
N GLU C 242 58.88 6.99 -20.85
CA GLU C 242 59.85 7.50 -19.82
C GLU C 242 61.30 7.22 -20.27
N ARG C 243 61.52 6.06 -20.89
CA ARG C 243 62.88 5.56 -21.26
C ARG C 243 63.36 6.28 -22.52
N MET C 244 62.45 6.55 -23.46
CA MET C 244 62.74 7.26 -24.73
C MET C 244 63.02 8.74 -24.43
N LYS C 245 62.22 9.37 -23.54
CA LYS C 245 62.49 10.74 -23.03
C LYS C 245 63.92 10.78 -22.48
N ALA C 246 64.24 9.90 -21.52
CA ALA C 246 65.55 9.80 -20.81
C ALA C 246 66.72 9.80 -21.79
N LEU C 247 66.60 9.12 -22.94
CA LEU C 247 67.65 9.04 -23.98
C LEU C 247 67.92 10.42 -24.58
N GLY C 248 66.87 11.23 -24.78
CA GLY C 248 67.03 12.58 -25.34
C GLY C 248 66.38 12.72 -26.71
N PRO C 249 66.17 13.96 -27.20
CA PRO C 249 65.48 14.22 -28.48
C PRO C 249 66.23 13.86 -29.77
N SER C 250 67.53 13.62 -29.67
CA SER C 250 68.36 13.29 -30.86
C SER C 250 67.87 12.00 -31.54
N VAL C 251 67.46 11.01 -30.74
CA VAL C 251 67.04 9.65 -31.20
C VAL C 251 65.77 9.74 -32.06
N PRO C 252 65.60 8.83 -33.06
CA PRO C 252 64.41 8.82 -33.92
C PRO C 252 63.15 8.62 -33.07
N GLU C 253 62.08 9.36 -33.37
CA GLU C 253 60.85 9.27 -32.54
C GLU C 253 60.23 7.88 -32.67
N LEU C 254 59.88 7.29 -31.52
CA LEU C 254 59.15 6.01 -31.46
C LEU C 254 57.74 6.29 -30.93
N ILE C 255 56.71 5.96 -31.69
CA ILE C 255 55.29 6.19 -31.28
C ILE C 255 54.74 4.89 -30.66
N ILE C 256 54.34 5.03 -29.40
CA ILE C 256 53.97 3.90 -28.50
C ILE C 256 52.45 3.80 -28.39
N LEU C 257 51.85 2.78 -28.99
CA LEU C 257 50.37 2.65 -29.10
C LEU C 257 49.84 1.33 -28.53
N PRO C 258 48.98 1.40 -27.51
CA PRO C 258 48.35 0.20 -26.96
C PRO C 258 47.22 -0.29 -27.88
N ILE C 259 46.92 -1.58 -27.82
CA ILE C 259 45.68 -2.16 -28.41
C ILE C 259 45.17 -3.31 -27.54
N TYR C 260 43.92 -3.18 -27.09
CA TYR C 260 43.20 -4.20 -26.31
C TYR C 260 41.69 -4.00 -26.50
N SER C 261 40.89 -5.01 -26.17
CA SER C 261 39.42 -4.94 -26.38
C SER C 261 38.81 -3.78 -25.57
N ALA C 262 39.29 -3.58 -24.34
CA ALA C 262 38.76 -2.52 -23.44
C ALA C 262 38.99 -1.12 -24.02
N LEU C 263 40.09 -0.92 -24.73
CA LEU C 263 40.45 0.43 -25.27
C LEU C 263 39.34 0.92 -26.21
N PRO C 264 38.96 2.22 -26.14
CA PRO C 264 37.92 2.81 -26.97
C PRO C 264 38.30 2.77 -28.45
N SER C 265 37.31 2.62 -29.34
CA SER C 265 37.58 2.46 -30.80
C SER C 265 38.31 3.69 -31.36
N GLU C 266 37.99 4.89 -30.87
CA GLU C 266 38.65 6.10 -31.39
C GLU C 266 40.16 5.98 -31.13
N MET C 267 40.54 5.57 -29.92
CA MET C 267 41.96 5.35 -29.57
C MET C 267 42.51 4.18 -30.40
N GLN C 268 41.70 3.14 -30.56
CA GLN C 268 42.07 1.93 -31.36
C GLN C 268 42.44 2.38 -32.77
N SER C 269 41.64 3.25 -33.38
CA SER C 269 41.80 3.71 -34.78
C SER C 269 43.16 4.35 -34.97
N ARG C 270 43.84 4.76 -33.89
CA ARG C 270 45.10 5.54 -34.06
C ARG C 270 46.26 4.58 -34.37
N ILE C 271 46.07 3.26 -34.29
CA ILE C 271 47.13 2.24 -34.55
C ILE C 271 47.17 1.90 -36.04
N PHE C 272 46.18 2.34 -36.83
CA PHE C 272 46.08 2.05 -38.28
C PHE C 272 46.74 3.19 -39.09
N GLU C 273 46.84 4.40 -38.51
CA GLU C 273 47.70 5.49 -39.09
C GLU C 273 49.14 4.99 -39.15
N PRO C 274 49.89 5.21 -40.26
CA PRO C 274 51.35 5.05 -40.25
C PRO C 274 52.00 6.30 -39.63
N ALA C 275 53.31 6.50 -39.87
CA ALA C 275 54.14 7.53 -39.19
C ALA C 275 54.97 8.39 -40.18
N SER C 279 59.54 8.86 -37.56
CA SER C 279 59.61 8.07 -36.32
C SER C 279 59.17 6.63 -36.60
N ARG C 280 59.19 5.77 -35.57
CA ARG C 280 58.79 4.35 -35.73
C ARG C 280 57.58 4.06 -34.84
N LYS C 281 56.75 3.11 -35.27
CA LYS C 281 55.50 2.79 -34.54
C LYS C 281 55.63 1.40 -33.90
N VAL C 282 55.47 1.33 -32.59
CA VAL C 282 55.49 0.03 -31.87
C VAL C 282 54.12 -0.12 -31.21
N VAL C 283 53.43 -1.21 -31.50
CA VAL C 283 52.08 -1.40 -30.90
C VAL C 283 52.16 -2.52 -29.87
N ILE C 284 51.76 -2.23 -28.62
CA ILE C 284 51.75 -3.24 -27.53
C ILE C 284 50.33 -3.80 -27.50
N ALA C 285 50.17 -5.09 -27.75
CA ALA C 285 48.82 -5.68 -27.86
C ALA C 285 48.74 -7.04 -27.15
N THR C 286 47.52 -7.53 -26.99
CA THR C 286 47.26 -8.85 -26.36
C THR C 286 47.16 -9.87 -27.49
N ASN C 287 46.30 -10.88 -27.36
CA ASN C 287 46.17 -11.91 -28.43
C ASN C 287 45.16 -11.46 -29.50
N ILE C 288 44.51 -10.31 -29.30
CA ILE C 288 43.52 -9.77 -30.29
C ILE C 288 44.25 -9.48 -31.61
N ALA C 289 45.48 -8.95 -31.52
CA ALA C 289 46.32 -8.59 -32.69
C ALA C 289 46.66 -9.84 -33.52
N GLU C 290 46.92 -10.97 -32.87
CA GLU C 290 47.36 -12.18 -33.62
C GLU C 290 46.31 -12.69 -34.61
N THR C 291 45.02 -12.65 -34.26
CA THR C 291 43.99 -13.13 -35.23
C THR C 291 42.90 -12.09 -35.46
N ALA C 292 42.34 -11.54 -34.38
CA ALA C 292 41.19 -10.61 -34.46
C ALA C 292 41.53 -9.28 -35.15
N ILE C 293 42.66 -8.66 -34.84
CA ILE C 293 42.98 -7.34 -35.46
C ILE C 293 44.21 -7.45 -36.34
N THR C 294 44.10 -7.03 -37.61
CA THR C 294 45.26 -7.08 -38.55
C THR C 294 45.80 -5.66 -38.69
N ILE C 295 47.11 -5.48 -38.46
CA ILE C 295 47.76 -4.14 -38.49
C ILE C 295 48.67 -4.09 -39.70
N ASP C 296 48.41 -3.14 -40.63
CA ASP C 296 49.22 -2.90 -41.86
C ASP C 296 50.56 -2.24 -41.47
N TYR C 297 51.61 -2.69 -42.14
CA TYR C 297 52.99 -2.20 -41.92
C TYR C 297 53.50 -2.70 -40.56
N ILE C 298 53.32 -3.98 -40.23
CA ILE C 298 54.09 -4.65 -39.13
C ILE C 298 55.19 -5.50 -39.75
N TYR C 299 56.41 -5.40 -39.23
CA TYR C 299 57.62 -6.11 -39.75
C TYR C 299 58.43 -6.75 -38.61
N TYR C 300 58.21 -6.34 -37.35
CA TYR C 300 58.92 -6.91 -36.18
C TYR C 300 57.91 -7.37 -35.13
N VAL C 301 58.05 -8.58 -34.61
CA VAL C 301 57.19 -9.09 -33.51
C VAL C 301 58.07 -9.48 -32.32
N VAL C 302 57.68 -9.04 -31.13
CA VAL C 302 58.30 -9.42 -29.84
C VAL C 302 57.29 -10.31 -29.10
N ASP C 303 57.65 -11.59 -28.96
CA ASP C 303 56.78 -12.69 -28.47
C ASP C 303 57.33 -13.18 -27.14
N PRO C 304 56.92 -12.59 -26.00
CA PRO C 304 57.38 -13.07 -24.69
C PRO C 304 56.80 -14.45 -24.30
N GLY C 305 55.79 -14.94 -25.02
CA GLY C 305 55.27 -16.33 -24.91
C GLY C 305 54.24 -16.52 -23.78
N PHE C 306 53.50 -15.48 -23.41
CA PHE C 306 52.49 -15.63 -22.34
C PHE C 306 51.14 -15.07 -22.80
N VAL C 307 50.07 -15.78 -22.46
CA VAL C 307 48.70 -15.31 -22.78
C VAL C 307 47.87 -15.46 -21.52
N LYS C 308 46.90 -14.57 -21.30
CA LYS C 308 46.02 -14.79 -20.14
C LYS C 308 44.96 -15.75 -20.66
N GLN C 309 44.82 -16.91 -20.02
CA GLN C 309 43.87 -17.92 -20.54
C GLN C 309 42.78 -18.19 -19.51
N ASN C 310 41.63 -18.63 -20.00
CA ASN C 310 40.48 -18.92 -19.12
C ASN C 310 40.36 -20.44 -18.94
N ALA C 311 40.04 -20.83 -17.71
CA ALA C 311 39.77 -22.25 -17.32
C ALA C 311 38.65 -22.28 -16.29
N TYR C 312 37.58 -23.02 -16.57
CA TYR C 312 36.37 -23.14 -15.71
C TYR C 312 36.58 -24.31 -14.73
N ASP C 313 36.38 -24.03 -13.44
CA ASP C 313 36.29 -25.03 -12.35
C ASP C 313 34.82 -25.25 -12.03
N PRO C 314 34.19 -26.32 -12.56
CA PRO C 314 32.78 -26.61 -12.28
C PRO C 314 32.53 -26.96 -10.82
N LYS C 315 33.46 -27.58 -10.12
CA LYS C 315 33.32 -27.85 -8.68
C LYS C 315 33.01 -26.55 -7.94
N LEU C 316 33.69 -25.45 -8.28
CA LEU C 316 33.57 -24.15 -7.54
C LEU C 316 32.66 -23.12 -8.23
N GLY C 317 32.22 -23.38 -9.46
CA GLY C 317 31.50 -22.40 -10.29
C GLY C 317 32.32 -21.14 -10.54
N MET C 318 33.60 -21.27 -10.87
CA MET C 318 34.57 -20.15 -10.88
C MET C 318 35.47 -20.23 -12.13
N ASP C 319 35.59 -19.14 -12.89
CA ASP C 319 36.58 -19.06 -13.99
C ASP C 319 37.91 -18.62 -13.40
N SER C 320 39.03 -19.11 -13.95
CA SER C 320 40.39 -18.68 -13.58
C SER C 320 41.06 -18.04 -14.79
N LEU C 321 41.41 -16.77 -14.62
CA LEU C 321 42.24 -15.99 -15.58
C LEU C 321 43.67 -15.94 -15.08
N VAL C 322 44.48 -16.84 -15.61
CA VAL C 322 45.90 -16.91 -15.23
C VAL C 322 46.82 -16.77 -16.46
N VAL C 323 47.94 -16.06 -16.29
CA VAL C 323 49.01 -15.94 -17.32
C VAL C 323 49.66 -17.32 -17.49
N THR C 324 49.56 -17.93 -18.67
CA THR C 324 50.14 -19.27 -18.94
C THR C 324 50.95 -19.21 -20.23
N PRO C 325 51.95 -20.10 -20.39
CA PRO C 325 52.70 -20.21 -21.63
C PRO C 325 51.78 -20.47 -22.82
N ILE C 326 52.07 -19.86 -23.96
CA ILE C 326 51.31 -20.05 -25.22
C ILE C 326 51.67 -21.41 -25.82
N SER C 327 50.95 -21.75 -26.89
CA SER C 327 51.07 -22.99 -27.66
C SER C 327 51.95 -22.70 -28.89
N GLN C 328 52.58 -23.71 -29.45
CA GLN C 328 53.43 -23.49 -30.63
C GLN C 328 52.56 -22.91 -31.77
N ALA C 329 51.34 -23.42 -31.99
CA ALA C 329 50.44 -22.89 -33.05
C ALA C 329 50.27 -21.37 -32.83
N GLN C 330 50.15 -20.98 -31.56
CA GLN C 330 49.92 -19.58 -31.11
C GLN C 330 51.18 -18.74 -31.37
N ALA C 331 52.35 -19.26 -30.98
CA ALA C 331 53.68 -18.66 -31.23
C ALA C 331 53.89 -18.39 -32.73
N ASN C 332 53.41 -19.32 -33.57
CA ASN C 332 53.53 -19.27 -35.04
C ASN C 332 52.55 -18.24 -35.56
N GLN C 333 51.39 -18.12 -34.96
CA GLN C 333 50.42 -17.10 -35.43
C GLN C 333 51.02 -15.71 -35.15
N ARG C 334 51.66 -15.56 -33.97
CA ARG C 334 52.31 -14.30 -33.52
C ARG C 334 53.47 -13.96 -34.48
N ALA C 335 54.36 -14.93 -34.76
CA ALA C 335 55.50 -14.76 -35.69
C ALA C 335 54.98 -14.32 -37.07
N GLY C 336 53.92 -14.97 -37.57
CA GLY C 336 53.42 -14.76 -38.95
C GLY C 336 52.97 -13.32 -39.21
N ARG C 337 52.74 -12.57 -38.13
CA ARG C 337 52.11 -11.22 -38.17
C ARG C 337 53.12 -10.20 -38.73
N ALA C 338 54.40 -10.58 -38.79
CA ALA C 338 55.52 -9.75 -39.30
C ALA C 338 55.68 -9.91 -40.81
N GLY C 339 55.04 -10.95 -41.38
CA GLY C 339 55.12 -11.33 -42.80
C GLY C 339 53.85 -10.97 -43.57
N ARG C 340 53.06 -10.03 -43.07
CA ARG C 340 51.80 -9.71 -43.78
C ARG C 340 52.01 -8.61 -44.83
N THR C 341 52.36 -7.40 -44.43
CA THR C 341 52.58 -6.30 -45.40
C THR C 341 53.83 -6.58 -46.24
N GLY C 342 54.89 -7.05 -45.59
CA GLY C 342 56.19 -7.29 -46.24
C GLY C 342 57.06 -8.18 -45.38
N PRO C 343 58.35 -8.37 -45.71
CA PRO C 343 59.26 -9.21 -44.93
C PRO C 343 59.50 -8.65 -43.53
N GLY C 344 59.74 -9.54 -42.56
CA GLY C 344 59.92 -9.15 -41.15
C GLY C 344 60.65 -10.18 -40.31
N LYS C 345 60.88 -9.83 -39.04
CA LYS C 345 61.61 -10.61 -38.01
C LYS C 345 60.65 -10.83 -36.83
N CYS C 346 60.84 -11.91 -36.06
CA CYS C 346 60.17 -12.17 -34.76
C CYS C 346 61.24 -12.52 -33.70
N PHE C 347 61.21 -11.81 -32.57
CA PHE C 347 62.08 -12.03 -31.39
C PHE C 347 61.30 -12.82 -30.34
N ARG C 348 61.55 -14.12 -30.24
CA ARG C 348 60.92 -15.00 -29.20
C ARG C 348 61.75 -14.99 -27.92
N LEU C 349 61.25 -14.38 -26.85
CA LEU C 349 61.96 -14.22 -25.55
C LEU C 349 61.94 -15.53 -24.75
N TYR C 350 62.23 -16.65 -25.43
CA TYR C 350 62.41 -18.01 -24.86
C TYR C 350 63.37 -18.79 -25.80
N THR C 351 63.90 -19.93 -25.36
CA THR C 351 64.87 -20.78 -26.13
C THR C 351 64.12 -21.62 -27.17
N GLU C 352 64.79 -22.07 -28.22
CA GLU C 352 64.20 -22.98 -29.25
C GLU C 352 63.88 -24.34 -28.58
N ALA C 353 64.64 -24.69 -27.55
CA ALA C 353 64.44 -25.87 -26.68
C ALA C 353 63.08 -25.77 -25.97
N ALA C 354 62.74 -24.57 -25.48
CA ALA C 354 61.46 -24.27 -24.76
C ALA C 354 60.29 -24.41 -25.74
N TYR C 355 60.46 -24.03 -27.01
CA TYR C 355 59.40 -24.18 -28.05
C TYR C 355 59.12 -25.66 -28.35
N GLN C 356 60.14 -26.52 -28.44
CA GLN C 356 59.87 -27.94 -28.84
C GLN C 356 59.54 -28.84 -27.66
N SER C 357 59.95 -28.52 -26.43
CA SER C 357 59.91 -29.47 -25.28
C SER C 357 58.99 -29.03 -24.11
N GLU C 358 58.63 -27.74 -24.02
CA GLU C 358 57.89 -27.15 -22.86
C GLU C 358 56.59 -26.48 -23.32
N MET C 359 56.37 -26.30 -24.63
CA MET C 359 55.17 -25.56 -25.15
C MET C 359 54.26 -26.55 -25.90
N LEU C 360 52.99 -26.64 -25.47
CA LEU C 360 51.99 -27.53 -26.08
C LEU C 360 51.84 -27.21 -27.57
N PRO C 361 51.72 -28.22 -28.44
CA PRO C 361 51.50 -27.99 -29.87
C PRO C 361 50.24 -27.19 -30.24
N THR C 362 49.09 -27.46 -29.60
CA THR C 362 47.82 -26.69 -29.80
C THR C 362 47.31 -26.13 -28.47
N THR C 363 46.62 -24.99 -28.47
CA THR C 363 45.86 -24.50 -27.28
C THR C 363 44.75 -25.52 -27.01
N ILE C 364 44.53 -25.86 -25.74
CA ILE C 364 43.32 -26.61 -25.31
C ILE C 364 42.10 -25.94 -25.93
N PRO C 365 41.26 -26.64 -26.71
CA PRO C 365 40.08 -26.04 -27.32
C PRO C 365 39.08 -25.50 -26.29
N ASP C 366 38.31 -24.48 -26.67
CA ASP C 366 37.45 -23.70 -25.74
C ASP C 366 36.45 -24.64 -25.05
N ILE C 367 35.86 -25.54 -25.81
CA ILE C 367 34.80 -26.47 -25.29
C ILE C 367 35.33 -27.24 -24.06
N GLN C 368 36.63 -27.41 -23.92
CA GLN C 368 37.21 -28.17 -22.78
C GLN C 368 37.59 -27.27 -21.59
N ARG C 369 37.34 -25.97 -21.65
CA ARG C 369 37.76 -25.15 -20.48
C ARG C 369 36.72 -24.06 -20.18
N GLN C 370 35.57 -24.11 -20.85
CA GLN C 370 34.52 -23.10 -20.59
C GLN C 370 33.32 -23.78 -19.95
N ASN C 371 32.43 -23.00 -19.35
CA ASN C 371 31.17 -23.57 -18.80
C ASN C 371 30.32 -23.95 -20.00
N LEU C 372 29.54 -25.02 -19.89
CA LEU C 372 28.77 -25.50 -21.08
C LEU C 372 27.25 -25.49 -20.85
N ALA C 373 26.76 -24.84 -19.81
CA ALA C 373 25.32 -24.71 -19.52
C ALA C 373 24.57 -24.23 -20.78
N ASN C 374 25.10 -23.24 -21.48
CA ASN C 374 24.51 -22.68 -22.72
C ASN C 374 24.49 -23.73 -23.84
N THR C 375 25.64 -24.32 -24.13
CA THR C 375 25.79 -25.33 -25.20
C THR C 375 24.88 -26.54 -24.93
N ILE C 376 24.77 -26.97 -23.68
CA ILE C 376 23.99 -28.16 -23.31
C ILE C 376 22.50 -27.86 -23.53
N LEU C 377 22.04 -26.68 -23.12
CA LEU C 377 20.61 -26.32 -23.31
C LEU C 377 20.27 -26.35 -24.81
N LEU C 378 21.16 -25.83 -25.66
CA LEU C 378 20.90 -25.80 -27.11
C LEU C 378 20.78 -27.25 -27.61
N LEU C 379 21.69 -28.14 -27.23
CA LEU C 379 21.69 -29.54 -27.75
C LEU C 379 20.45 -30.26 -27.23
N LYS C 380 20.04 -30.02 -25.98
CA LYS C 380 18.74 -30.55 -25.48
C LYS C 380 17.61 -30.07 -26.37
N ALA C 381 17.55 -28.78 -26.69
CA ALA C 381 16.50 -28.22 -27.56
C ALA C 381 16.52 -28.90 -28.94
N MET C 382 17.68 -29.31 -29.45
CA MET C 382 17.80 -29.94 -30.79
C MET C 382 17.35 -31.41 -30.73
N GLY C 383 17.01 -31.91 -29.54
CA GLY C 383 16.48 -33.27 -29.30
C GLY C 383 17.58 -34.30 -29.06
N ILE C 384 18.66 -33.88 -28.42
CA ILE C 384 19.84 -34.74 -28.14
C ILE C 384 19.87 -35.07 -26.64
N ASN C 385 20.02 -36.35 -26.32
CA ASN C 385 20.06 -36.87 -24.92
C ASN C 385 21.36 -37.64 -24.74
N ASP C 386 21.73 -37.94 -23.49
CA ASP C 386 23.00 -38.66 -23.21
C ASP C 386 24.14 -37.88 -23.87
N LEU C 387 24.28 -36.61 -23.46
CA LEU C 387 25.28 -35.63 -23.98
C LEU C 387 26.72 -36.09 -23.71
N LEU C 388 26.96 -36.89 -22.67
CA LEU C 388 28.32 -37.44 -22.40
C LEU C 388 28.76 -38.31 -23.58
N ARG C 389 27.83 -39.07 -24.18
CA ARG C 389 28.11 -39.95 -25.34
C ARG C 389 28.03 -39.19 -26.66
N PHE C 390 27.73 -37.88 -26.63
CA PHE C 390 27.64 -37.08 -27.89
C PHE C 390 29.01 -37.09 -28.57
N ASP C 391 29.01 -37.14 -29.90
CA ASP C 391 30.27 -37.29 -30.68
C ASP C 391 30.99 -35.94 -30.84
N PHE C 392 31.73 -35.55 -29.80
CA PHE C 392 32.51 -34.28 -29.82
C PHE C 392 33.95 -34.61 -30.24
N MET C 393 34.47 -33.92 -31.25
CA MET C 393 35.86 -34.20 -31.67
C MET C 393 36.77 -34.24 -30.44
N ASP C 394 36.69 -33.27 -29.55
CA ASP C 394 37.44 -33.27 -28.26
C ASP C 394 36.43 -33.09 -27.15
N PRO C 395 36.09 -34.17 -26.40
CA PRO C 395 34.99 -34.09 -25.46
C PRO C 395 35.36 -33.28 -24.23
N PRO C 396 34.41 -32.47 -23.72
CA PRO C 396 34.64 -31.72 -22.49
C PRO C 396 34.85 -32.63 -21.30
N PRO C 397 35.51 -32.14 -20.22
CA PRO C 397 35.57 -32.88 -18.97
C PRO C 397 34.17 -33.34 -18.52
N VAL C 398 34.10 -34.54 -17.96
CA VAL C 398 32.81 -35.13 -17.53
C VAL C 398 32.14 -34.29 -16.45
N ASN C 399 32.90 -33.79 -15.47
CA ASN C 399 32.29 -33.00 -14.36
C ASN C 399 31.68 -31.69 -14.90
N THR C 400 32.22 -31.13 -15.97
CA THR C 400 31.69 -29.89 -16.59
C THR C 400 30.30 -30.20 -17.17
N MET C 401 30.15 -31.33 -17.86
CA MET C 401 28.83 -31.68 -18.47
C MET C 401 27.84 -31.99 -17.33
N LEU C 402 28.30 -32.73 -16.32
CA LEU C 402 27.44 -33.16 -15.21
C LEU C 402 26.93 -31.92 -14.47
N THR C 403 27.79 -30.95 -14.13
CA THR C 403 27.36 -29.76 -13.36
C THR C 403 26.41 -28.91 -14.25
N ALA C 404 26.72 -28.78 -15.54
CA ALA C 404 25.84 -28.07 -16.49
C ALA C 404 24.43 -28.70 -16.47
N LEU C 405 24.33 -30.04 -16.54
CA LEU C 405 23.05 -30.77 -16.51
C LEU C 405 22.37 -30.53 -15.18
N GLU C 406 23.12 -30.50 -14.07
CA GLU C 406 22.53 -30.26 -12.72
C GLU C 406 21.98 -28.82 -12.67
N GLU C 407 22.64 -27.86 -13.31
CA GLU C 407 22.24 -26.44 -13.27
C GLU C 407 20.95 -26.28 -14.08
N LEU C 408 20.87 -26.90 -15.25
CA LEU C 408 19.66 -26.84 -16.10
C LEU C 408 18.49 -27.47 -15.37
N TYR C 409 18.73 -28.54 -14.61
CA TYR C 409 17.69 -29.17 -13.76
C TYR C 409 17.24 -28.15 -12.72
N ALA C 410 18.14 -27.49 -12.00
CA ALA C 410 17.77 -26.58 -10.88
C ALA C 410 16.96 -25.37 -11.40
N LEU C 411 17.11 -24.99 -12.67
CA LEU C 411 16.44 -23.80 -13.26
C LEU C 411 15.09 -24.21 -13.84
N GLY C 412 14.84 -25.51 -14.02
CA GLY C 412 13.53 -26.02 -14.48
C GLY C 412 13.53 -26.28 -15.97
N ALA C 413 14.71 -26.25 -16.60
CA ALA C 413 14.91 -26.47 -18.04
C ALA C 413 14.89 -27.97 -18.37
N LEU C 414 15.19 -28.80 -17.36
CA LEU C 414 15.23 -30.27 -17.50
C LEU C 414 14.42 -30.91 -16.36
N ASP C 415 13.78 -32.04 -16.64
CA ASP C 415 12.96 -32.79 -15.63
C ASP C 415 13.85 -33.78 -14.86
N ASP C 416 13.22 -34.64 -14.06
CA ASP C 416 13.90 -35.65 -13.21
C ASP C 416 14.70 -36.62 -14.08
N GLU C 417 14.16 -36.98 -15.26
CA GLU C 417 14.84 -37.90 -16.21
C GLU C 417 15.84 -37.14 -17.08
N GLY C 418 15.89 -35.81 -16.97
CA GLY C 418 16.84 -34.98 -17.76
C GLY C 418 16.25 -34.56 -19.09
N LEU C 419 14.98 -34.88 -19.34
CA LEU C 419 14.31 -34.49 -20.61
C LEU C 419 14.02 -32.98 -20.58
N LEU C 420 14.00 -32.35 -21.75
CA LEU C 420 13.75 -30.89 -21.86
C LEU C 420 12.30 -30.56 -21.47
N THR C 421 12.14 -29.63 -20.53
CA THR C 421 10.83 -29.14 -20.05
C THR C 421 10.30 -28.07 -21.02
N ARG C 422 9.03 -27.69 -20.89
CA ARG C 422 8.44 -26.65 -21.76
C ARG C 422 9.20 -25.33 -21.51
N LEU C 423 9.49 -25.03 -20.25
CA LEU C 423 10.24 -23.81 -19.87
C LEU C 423 11.63 -23.85 -20.50
N GLY C 424 12.28 -25.02 -20.48
CA GLY C 424 13.63 -25.15 -21.02
C GLY C 424 13.68 -24.81 -22.50
N ARG C 425 12.71 -25.28 -23.28
CA ARG C 425 12.69 -24.98 -24.74
C ARG C 425 12.50 -23.47 -24.92
N LYS C 426 11.65 -22.85 -24.10
CA LYS C 426 11.39 -21.39 -24.16
C LYS C 426 12.70 -20.66 -23.83
N MET C 427 13.45 -21.16 -22.84
CA MET C 427 14.74 -20.57 -22.42
C MET C 427 15.77 -20.65 -23.55
N ALA C 428 15.73 -21.72 -24.33
CA ALA C 428 16.68 -21.95 -25.44
C ALA C 428 16.56 -20.84 -26.48
N ASP C 429 15.34 -20.33 -26.69
CA ASP C 429 15.11 -19.29 -27.72
C ASP C 429 15.97 -18.06 -27.43
N PHE C 430 16.32 -17.83 -26.16
CA PHE C 430 17.03 -16.61 -25.71
C PHE C 430 18.52 -16.79 -25.90
N PRO C 431 19.20 -15.89 -26.66
CA PRO C 431 20.63 -16.02 -26.91
C PRO C 431 21.45 -15.49 -25.73
N MET C 432 21.42 -16.24 -24.64
CA MET C 432 22.11 -15.90 -23.37
C MET C 432 22.24 -17.18 -22.53
N GLU C 433 23.02 -17.12 -21.45
CA GLU C 433 23.16 -18.33 -20.58
C GLU C 433 21.80 -18.61 -19.94
N PRO C 434 21.52 -19.86 -19.51
CA PRO C 434 20.21 -20.22 -18.96
C PRO C 434 19.83 -19.37 -17.75
N SER C 435 20.79 -19.04 -16.89
CA SER C 435 20.48 -18.24 -15.67
C SER C 435 19.87 -16.90 -16.08
N LEU C 436 20.44 -16.25 -17.10
CA LEU C 436 19.92 -14.94 -17.56
C LEU C 436 18.51 -15.12 -18.14
N SER C 437 18.30 -16.16 -18.95
CA SER C 437 16.97 -16.41 -19.56
C SER C 437 15.95 -16.72 -18.45
N LYS C 438 16.37 -17.49 -17.45
CA LYS C 438 15.48 -17.87 -16.32
C LYS C 438 15.05 -16.60 -15.59
N VAL C 439 15.97 -15.66 -15.38
CA VAL C 439 15.69 -14.38 -14.68
C VAL C 439 14.67 -13.57 -15.49
N LEU C 440 14.80 -13.57 -16.81
CA LEU C 440 13.85 -12.79 -17.66
C LEU C 440 12.44 -13.34 -17.46
N ILE C 441 12.28 -14.67 -17.50
CA ILE C 441 10.94 -15.31 -17.33
C ILE C 441 10.42 -15.07 -15.91
N ALA C 442 11.27 -15.25 -14.90
CA ALA C 442 10.84 -14.95 -13.52
C ALA C 442 10.38 -13.48 -13.43
N SER C 443 10.95 -12.57 -14.23
CA SER C 443 10.66 -11.13 -14.10
C SER C 443 9.22 -10.82 -14.53
N VAL C 444 8.57 -11.73 -15.28
CA VAL C 444 7.19 -11.50 -15.81
C VAL C 444 6.25 -11.60 -14.62
N ASP C 445 6.33 -12.73 -13.89
CA ASP C 445 5.48 -12.98 -12.69
C ASP C 445 5.70 -11.88 -11.67
N LYS C 446 6.91 -11.33 -11.56
CA LYS C 446 7.26 -10.36 -10.49
C LYS C 446 6.85 -8.91 -10.89
N GLY C 447 6.50 -8.71 -12.18
CA GLY C 447 6.16 -7.39 -12.77
C GLY C 447 7.33 -6.43 -12.89
N CYS C 448 8.51 -6.91 -13.33
CA CYS C 448 9.74 -6.10 -13.47
C CYS C 448 10.51 -6.47 -14.76
N SER C 449 9.84 -7.02 -15.78
CA SER C 449 10.47 -7.45 -17.06
C SER C 449 11.08 -6.23 -17.78
N ASP C 450 10.53 -5.04 -17.59
CA ASP C 450 10.99 -3.82 -18.30
C ASP C 450 12.40 -3.50 -17.83
N GLU C 451 12.58 -3.50 -16.53
CA GLU C 451 13.90 -3.24 -15.91
C GLU C 451 14.81 -4.44 -16.17
N MET C 452 14.29 -5.66 -16.07
CA MET C 452 15.15 -6.87 -16.17
C MET C 452 15.71 -6.99 -17.60
N VAL C 453 14.97 -6.53 -18.59
CA VAL C 453 15.45 -6.63 -19.99
C VAL C 453 16.66 -5.71 -20.14
N THR C 454 16.59 -4.52 -19.57
CA THR C 454 17.73 -3.58 -19.52
C THR C 454 18.89 -4.23 -18.77
N ILE C 455 18.65 -4.79 -17.61
CA ILE C 455 19.78 -5.33 -16.80
C ILE C 455 20.43 -6.49 -17.56
N VAL C 456 19.65 -7.37 -18.18
CA VAL C 456 20.20 -8.58 -18.87
C VAL C 456 20.98 -8.12 -20.10
N SER C 457 20.55 -7.05 -20.75
CA SER C 457 21.23 -6.42 -21.90
C SER C 457 22.61 -5.92 -21.49
N MET C 458 22.79 -5.49 -20.25
CA MET C 458 24.04 -4.85 -19.76
C MET C 458 25.02 -5.90 -19.19
N LEU C 459 24.53 -7.10 -18.89
CA LEU C 459 25.39 -8.19 -18.38
C LEU C 459 26.31 -8.70 -19.50
N ASN C 460 25.76 -8.78 -20.71
CA ASN C 460 26.44 -9.30 -21.93
C ASN C 460 27.66 -8.44 -22.31
N LEU C 461 27.55 -7.12 -22.15
CA LEU C 461 28.60 -6.17 -22.62
C LEU C 461 29.97 -6.52 -22.05
N GLN C 462 30.97 -6.50 -22.93
CA GLN C 462 32.38 -6.81 -22.57
C GLN C 462 32.89 -5.77 -21.56
N GLN C 463 32.66 -4.48 -21.82
CA GLN C 463 33.09 -3.42 -20.87
C GLN C 463 32.17 -2.21 -20.99
N ILE C 464 31.75 -1.67 -19.84
CA ILE C 464 30.88 -0.47 -19.72
C ILE C 464 31.65 0.78 -19.30
N PHE C 465 32.49 0.66 -18.27
CA PHE C 465 33.19 1.86 -17.73
C PHE C 465 34.62 1.93 -18.25
N TYR C 466 34.96 3.08 -18.84
CA TYR C 466 36.32 3.31 -19.37
C TYR C 466 37.16 3.94 -18.26
N ARG C 467 38.29 3.31 -17.94
CA ARG C 467 39.17 3.83 -16.87
C ARG C 467 40.49 4.26 -17.51
N PRO C 468 40.92 5.53 -17.41
CA PRO C 468 42.17 5.99 -17.98
C PRO C 468 43.18 6.05 -16.83
N LYS C 469 44.42 5.61 -17.09
CA LYS C 469 45.47 5.59 -16.05
C LYS C 469 45.73 7.02 -15.55
N ASP C 470 45.75 7.99 -16.47
CA ASP C 470 46.02 9.41 -16.09
C ASP C 470 44.93 9.93 -15.14
N LYS C 471 43.66 9.59 -15.40
CA LYS C 471 42.58 10.12 -14.51
C LYS C 471 41.66 8.97 -14.09
N GLN C 472 42.17 8.03 -13.28
CA GLN C 472 41.34 6.90 -12.81
C GLN C 472 40.31 7.43 -11.81
N GLN C 473 40.73 8.31 -10.91
CA GLN C 473 39.82 8.87 -9.86
C GLN C 473 38.69 9.68 -10.51
N GLN C 474 38.97 10.42 -11.58
CA GLN C 474 37.90 11.23 -12.23
C GLN C 474 36.79 10.32 -12.75
N ALA C 475 37.16 9.22 -13.41
CA ALA C 475 36.14 8.28 -13.96
C ALA C 475 35.35 7.64 -12.81
N ASP C 476 36.04 7.20 -11.77
CA ASP C 476 35.39 6.57 -10.59
C ASP C 476 34.39 7.53 -9.94
N GLN C 477 34.69 8.83 -9.89
CA GLN C 477 33.78 9.84 -9.29
C GLN C 477 32.50 9.89 -10.13
N LYS C 478 32.65 9.83 -11.46
CA LYS C 478 31.51 9.93 -12.41
C LYS C 478 30.71 8.63 -12.32
N LYS C 479 31.39 7.49 -12.21
CA LYS C 479 30.77 6.14 -12.08
C LYS C 479 29.88 6.08 -10.83
N ALA C 480 30.36 6.63 -9.72
CA ALA C 480 29.74 6.55 -8.38
C ALA C 480 28.40 7.30 -8.39
N LYS C 481 28.20 8.24 -9.30
CA LYS C 481 26.95 9.05 -9.40
C LYS C 481 25.82 8.08 -9.79
N PHE C 482 26.12 6.92 -10.40
CA PHE C 482 25.14 5.88 -10.82
C PHE C 482 24.96 4.73 -9.81
N HIS C 483 25.81 4.62 -8.79
CA HIS C 483 25.78 3.52 -7.78
C HIS C 483 24.40 3.46 -7.17
N ASP C 484 23.77 2.28 -7.19
CA ASP C 484 22.53 2.00 -6.43
C ASP C 484 22.95 1.37 -5.11
N PRO C 485 22.30 1.73 -3.98
CA PRO C 485 22.61 1.15 -2.69
C PRO C 485 22.60 -0.38 -2.65
N THR C 486 21.78 -1.02 -3.50
CA THR C 486 21.61 -2.48 -3.52
C THR C 486 22.75 -3.16 -4.25
N GLY C 487 23.47 -2.44 -5.10
CA GLY C 487 24.66 -2.99 -5.79
C GLY C 487 24.63 -2.81 -7.30
N ASP C 488 25.25 -3.74 -8.02
CA ASP C 488 25.72 -3.55 -9.41
C ASP C 488 24.58 -3.73 -10.41
N HIS C 489 23.60 -4.62 -10.15
CA HIS C 489 22.52 -4.93 -11.12
C HIS C 489 21.72 -3.62 -11.36
N LEU C 490 21.26 -2.98 -10.30
CA LEU C 490 20.47 -1.72 -10.40
C LEU C 490 21.36 -0.61 -10.98
N THR C 491 22.65 -0.64 -10.65
CA THR C 491 23.61 0.38 -11.16
C THR C 491 23.67 0.28 -12.69
N LEU C 492 23.67 -0.93 -13.23
CA LEU C 492 23.68 -1.10 -14.71
C LEU C 492 22.39 -0.49 -15.27
N LEU C 493 21.25 -0.72 -14.61
CA LEU C 493 19.96 -0.16 -15.05
C LEU C 493 20.03 1.37 -14.99
N ASN C 494 20.61 1.91 -13.93
CA ASN C 494 20.71 3.38 -13.76
C ASN C 494 21.55 3.95 -14.91
N VAL C 495 22.67 3.30 -15.22
CA VAL C 495 23.58 3.79 -16.29
C VAL C 495 22.84 3.75 -17.64
N TYR C 496 22.12 2.66 -17.92
CA TYR C 496 21.39 2.57 -19.21
C TYR C 496 20.31 3.65 -19.26
N ASN C 497 19.61 3.84 -18.14
CA ASN C 497 18.52 4.85 -18.07
C ASN C 497 19.11 6.25 -18.28
N ALA C 498 20.25 6.53 -17.65
CA ALA C 498 20.88 7.87 -17.78
C ALA C 498 21.26 8.12 -19.23
N TRP C 499 21.82 7.09 -19.89
CA TRP C 499 22.23 7.21 -21.31
C TRP C 499 20.99 7.47 -22.18
N LYS C 500 19.91 6.74 -21.92
CA LYS C 500 18.65 6.90 -22.70
C LYS C 500 18.10 8.31 -22.51
N ASN C 501 18.10 8.79 -21.27
CA ASN C 501 17.57 10.14 -20.94
C ASN C 501 18.41 11.21 -21.64
N SER C 502 19.71 10.96 -21.75
CA SER C 502 20.66 11.90 -22.39
C SER C 502 20.40 11.99 -23.90
N GLY C 503 19.40 11.26 -24.42
CA GLY C 503 19.13 11.09 -25.86
C GLY C 503 20.16 10.22 -26.56
N TYR C 504 20.71 9.23 -25.87
CA TYR C 504 21.71 8.27 -26.40
C TYR C 504 22.92 9.06 -26.92
N SER C 505 23.33 10.09 -26.17
CA SER C 505 24.42 11.05 -26.50
C SER C 505 25.80 10.39 -26.37
N ASN C 506 26.64 10.49 -27.41
CA ASN C 506 28.06 10.06 -27.36
C ASN C 506 28.78 11.05 -26.45
N ALA C 507 28.42 12.33 -26.47
CA ALA C 507 29.00 13.37 -25.60
C ALA C 507 28.84 12.93 -24.13
N TRP C 508 27.65 12.45 -23.75
CA TRP C 508 27.33 12.11 -22.35
C TRP C 508 28.14 10.88 -21.93
N CYS C 509 28.38 9.96 -22.88
CA CYS C 509 29.27 8.79 -22.67
C CYS C 509 30.69 9.30 -22.36
N PHE C 510 31.21 10.21 -23.18
CA PHE C 510 32.58 10.78 -23.07
C PHE C 510 32.67 11.51 -21.71
N GLU C 511 31.71 12.37 -21.40
CA GLU C 511 31.72 13.18 -20.15
C GLU C 511 31.68 12.28 -18.91
N ASN C 512 30.99 11.13 -18.96
CA ASN C 512 30.78 10.26 -17.76
C ASN C 512 31.65 8.99 -17.83
N TYR C 513 32.67 9.00 -18.68
CA TYR C 513 33.64 7.88 -18.81
C TYR C 513 32.92 6.56 -19.11
N ILE C 514 31.97 6.57 -20.04
CA ILE C 514 31.21 5.34 -20.40
C ILE C 514 31.49 5.00 -21.85
N GLN C 515 31.74 3.72 -22.17
CA GLN C 515 32.03 3.32 -23.57
C GLN C 515 30.73 3.29 -24.35
N ALA C 516 30.63 4.10 -25.41
CA ALA C 516 29.43 4.19 -26.26
C ALA C 516 29.21 2.86 -26.99
N ARG C 517 30.30 2.19 -27.37
CA ARG C 517 30.25 0.92 -28.13
C ARG C 517 29.49 -0.12 -27.29
N ALA C 518 29.75 -0.13 -25.98
CA ALA C 518 29.09 -1.07 -25.05
C ALA C 518 27.59 -0.73 -24.93
N MET C 519 27.29 0.56 -24.76
CA MET C 519 25.88 1.02 -24.61
C MET C 519 25.10 0.69 -25.88
N ARG C 520 25.70 0.91 -27.05
CA ARG C 520 25.01 0.64 -28.33
C ARG C 520 24.70 -0.85 -28.44
N ARG C 521 25.64 -1.72 -28.05
CA ARG C 521 25.38 -3.18 -28.13
C ARG C 521 24.25 -3.55 -27.17
N ALA C 522 24.26 -2.97 -25.97
CA ALA C 522 23.21 -3.29 -24.97
C ALA C 522 21.87 -2.94 -25.59
N ARG C 523 21.78 -1.80 -26.27
CA ARG C 523 20.53 -1.36 -26.90
C ARG C 523 20.11 -2.38 -27.96
N ASP C 524 21.03 -2.84 -28.79
CA ASP C 524 20.74 -3.79 -29.89
C ASP C 524 20.27 -5.12 -29.30
N VAL C 525 20.90 -5.57 -28.22
CA VAL C 525 20.49 -6.77 -27.44
C VAL C 525 19.08 -6.54 -26.89
N ARG C 526 18.87 -5.41 -26.23
CA ARG C 526 17.55 -5.10 -25.62
C ARG C 526 16.47 -5.18 -26.71
N GLN C 527 16.73 -4.71 -27.92
CA GLN C 527 15.71 -4.75 -29.01
C GLN C 527 15.44 -6.20 -29.42
N GLN C 528 16.48 -7.00 -29.57
CA GLN C 528 16.31 -8.42 -29.95
C GLN C 528 15.56 -9.17 -28.83
N ILE C 529 15.91 -8.91 -27.57
CA ILE C 529 15.27 -9.60 -26.42
C ILE C 529 13.78 -9.27 -26.36
N VAL C 530 13.43 -8.00 -26.59
CA VAL C 530 12.00 -7.57 -26.54
C VAL C 530 11.21 -8.31 -27.63
N LYS C 531 11.79 -8.49 -28.81
CA LYS C 531 11.07 -9.21 -29.89
C LYS C 531 10.79 -10.64 -29.44
N ILE C 532 11.77 -11.28 -28.79
CA ILE C 532 11.60 -12.69 -28.30
C ILE C 532 10.51 -12.71 -27.24
N MET C 533 10.53 -11.73 -26.33
CA MET C 533 9.52 -11.60 -25.25
C MET C 533 8.12 -11.43 -25.87
N GLU C 534 7.94 -10.53 -26.85
CA GLU C 534 6.63 -10.31 -27.53
C GLU C 534 6.22 -11.65 -28.18
N ARG C 535 7.13 -12.37 -28.83
CA ARG C 535 6.83 -13.61 -29.59
C ARG C 535 6.30 -14.70 -28.64
N HIS C 536 6.75 -14.79 -27.39
CA HIS C 536 6.28 -15.83 -26.43
C HIS C 536 5.14 -15.28 -25.57
N ARG C 537 4.64 -14.09 -25.96
CA ARG C 537 3.46 -13.46 -25.31
C ARG C 537 3.80 -13.18 -23.83
N HIS C 538 5.02 -12.73 -23.54
CA HIS C 538 5.41 -12.23 -22.19
C HIS C 538 5.37 -10.71 -22.19
N PRO C 539 4.48 -10.11 -21.39
CA PRO C 539 4.34 -8.67 -21.42
C PRO C 539 5.64 -8.05 -20.87
N ILE C 540 5.98 -6.85 -21.34
CA ILE C 540 7.09 -6.04 -20.74
C ILE C 540 6.49 -5.07 -19.73
N ILE C 541 6.77 -5.28 -18.44
CA ILE C 541 6.12 -4.55 -17.32
C ILE C 541 7.16 -3.87 -16.45
N SER C 542 6.89 -2.62 -16.08
CA SER C 542 7.76 -1.83 -15.17
C SER C 542 7.36 -2.08 -13.72
N CYS C 543 8.35 -2.14 -12.84
CA CYS C 543 8.16 -2.32 -11.37
C CYS C 543 8.03 -0.95 -10.72
N GLY C 544 8.26 0.13 -11.47
CA GLY C 544 8.17 1.52 -10.97
C GLY C 544 9.20 1.75 -9.88
N ARG C 545 8.78 2.23 -8.72
CA ARG C 545 9.66 2.51 -7.56
C ARG C 545 10.01 1.20 -6.81
N ASP C 546 9.26 0.10 -7.02
CA ASP C 546 9.34 -1.14 -6.19
C ASP C 546 10.42 -2.06 -6.76
N THR C 547 11.69 -1.69 -6.60
CA THR C 547 12.85 -2.40 -7.21
C THR C 547 13.20 -3.70 -6.47
N ASP C 548 12.59 -3.98 -5.32
CA ASP C 548 12.76 -5.31 -4.68
C ASP C 548 12.33 -6.38 -5.68
N LYS C 549 11.36 -6.10 -6.55
CA LYS C 549 10.86 -7.12 -7.53
C LYS C 549 12.02 -7.56 -8.43
N ILE C 550 12.94 -6.67 -8.81
CA ILE C 550 14.11 -7.01 -9.68
C ILE C 550 15.02 -7.99 -8.92
N ARG C 551 15.31 -7.71 -7.66
CA ARG C 551 16.24 -8.51 -6.84
C ARG C 551 15.62 -9.89 -6.57
N GLN C 552 14.30 -9.96 -6.34
CA GLN C 552 13.54 -11.22 -6.14
C GLN C 552 13.68 -12.06 -7.41
N ALA C 553 13.39 -11.49 -8.57
CA ALA C 553 13.51 -12.19 -9.87
C ALA C 553 14.94 -12.69 -10.11
N LEU C 554 15.97 -11.92 -9.72
CA LEU C 554 17.37 -12.35 -9.90
C LEU C 554 17.62 -13.63 -9.11
N CYS C 555 16.99 -13.75 -7.94
CA CYS C 555 17.14 -14.95 -7.09
C CYS C 555 16.65 -16.18 -7.87
N ALA C 556 15.79 -16.04 -8.87
CA ALA C 556 15.24 -17.20 -9.61
C ALA C 556 16.31 -17.91 -10.43
N GLY C 557 17.32 -17.17 -10.88
CA GLY C 557 18.34 -17.70 -11.81
C GLY C 557 19.73 -17.76 -11.21
N PHE C 558 19.98 -17.10 -10.07
CA PHE C 558 21.37 -16.93 -9.57
C PHE C 558 21.47 -17.39 -8.12
N PHE C 559 20.58 -18.27 -7.70
CA PHE C 559 20.53 -18.73 -6.28
C PHE C 559 21.80 -19.53 -5.97
N ARG C 560 22.39 -20.17 -6.99
CA ARG C 560 23.67 -20.94 -6.85
C ARG C 560 24.80 -19.95 -6.56
N ASN C 561 24.67 -18.72 -7.03
CA ASN C 561 25.75 -17.70 -6.95
C ASN C 561 25.49 -16.78 -5.76
N THR C 562 25.55 -17.30 -4.54
CA THR C 562 25.14 -16.54 -3.34
C THR C 562 26.25 -16.65 -2.30
N ALA C 563 26.41 -15.61 -1.50
CA ALA C 563 27.40 -15.60 -0.40
C ALA C 563 26.85 -14.79 0.77
N ARG C 564 27.41 -15.00 1.95
CA ARG C 564 27.04 -14.35 3.22
C ARG C 564 28.32 -13.80 3.87
N LYS C 565 28.24 -12.61 4.47
CA LYS C 565 29.41 -11.84 4.96
C LYS C 565 30.00 -12.54 6.20
N ASP C 566 31.34 -12.69 6.27
CA ASP C 566 32.04 -13.02 7.55
C ASP C 566 32.81 -11.82 8.11
N PRO C 567 32.51 -11.35 9.34
CA PRO C 567 33.32 -10.33 10.01
C PRO C 567 34.53 -11.00 10.68
N GLY C 570 36.12 -11.31 4.09
CA GLY C 570 34.92 -10.90 3.32
C GLY C 570 33.77 -11.91 3.44
N TYR C 571 33.39 -12.52 2.32
CA TYR C 571 32.16 -13.33 2.18
C TYR C 571 32.53 -14.81 2.04
N LYS C 572 31.57 -15.71 2.29
CA LYS C 572 31.70 -17.18 2.08
C LYS C 572 30.48 -17.68 1.29
N THR C 573 30.65 -18.55 0.30
CA THR C 573 29.58 -19.07 -0.60
C THR C 573 28.59 -19.87 0.25
N LEU C 574 27.29 -19.72 0.02
CA LEU C 574 26.24 -20.50 0.76
C LEU C 574 26.43 -22.00 0.50
N THR C 575 26.70 -22.37 -0.75
CA THR C 575 26.78 -23.79 -1.20
C THR C 575 28.06 -24.44 -0.67
N GLU C 576 29.24 -23.93 -1.01
CA GLU C 576 30.56 -24.62 -0.84
C GLU C 576 31.35 -24.05 0.36
N GLY C 577 30.92 -22.94 0.97
CA GLY C 577 31.71 -22.22 2.00
C GLY C 577 32.94 -21.46 1.47
N THR C 578 33.20 -21.45 0.15
CA THR C 578 34.39 -20.86 -0.53
C THR C 578 34.52 -19.39 -0.18
N PRO C 579 35.69 -18.90 0.31
CA PRO C 579 35.86 -17.47 0.54
C PRO C 579 35.93 -16.74 -0.81
N VAL C 580 35.15 -15.66 -0.93
CA VAL C 580 34.98 -14.84 -2.16
C VAL C 580 34.93 -13.36 -1.75
N TYR C 581 35.23 -12.46 -2.68
CA TYR C 581 35.49 -11.04 -2.37
C TYR C 581 34.71 -10.13 -3.31
N LEU C 582 34.23 -9.02 -2.78
CA LEU C 582 33.68 -7.90 -3.60
C LEU C 582 34.79 -7.33 -4.47
N HIS C 583 34.51 -7.15 -5.75
CA HIS C 583 35.43 -6.48 -6.70
C HIS C 583 35.46 -5.00 -6.39
N PRO C 584 36.63 -4.34 -6.45
CA PRO C 584 36.74 -2.92 -6.11
C PRO C 584 35.91 -2.02 -7.05
N SER C 585 35.61 -2.47 -8.26
CA SER C 585 34.67 -1.77 -9.17
C SER C 585 33.21 -1.85 -8.66
N SER C 586 32.87 -2.63 -7.64
CA SER C 586 31.45 -2.88 -7.28
C SER C 586 30.88 -1.70 -6.51
N ALA C 587 29.61 -1.42 -6.75
CA ALA C 587 28.80 -0.37 -6.07
C ALA C 587 28.66 -0.73 -4.59
N LEU C 588 28.95 -1.99 -4.23
CA LEU C 588 28.83 -2.49 -2.83
C LEU C 588 30.17 -2.43 -2.13
N PHE C 589 31.22 -1.92 -2.79
CA PHE C 589 32.60 -2.10 -2.32
C PHE C 589 32.74 -1.56 -0.90
N GLY C 590 32.55 -0.26 -0.71
CA GLY C 590 32.72 0.36 0.62
C GLY C 590 31.65 -0.05 1.66
N LYS C 591 30.68 -0.89 1.28
CA LYS C 591 29.36 -0.96 1.97
C LYS C 591 29.19 -2.32 2.65
N GLN C 592 28.31 -2.37 3.66
CA GLN C 592 27.93 -3.61 4.37
C GLN C 592 26.69 -4.20 3.68
N ALA C 593 26.67 -5.52 3.52
CA ALA C 593 25.56 -6.25 2.89
C ALA C 593 25.73 -7.72 3.28
N GLU C 594 24.86 -8.24 4.15
CA GLU C 594 25.07 -9.55 4.76
C GLU C 594 24.94 -10.61 3.66
N TRP C 595 23.86 -10.59 2.90
CA TRP C 595 23.56 -11.60 1.86
C TRP C 595 23.74 -10.98 0.49
N VAL C 596 24.47 -11.65 -0.39
CA VAL C 596 24.66 -11.17 -1.79
C VAL C 596 24.48 -12.31 -2.78
N LEU C 597 24.16 -11.88 -4.00
CA LEU C 597 23.98 -12.67 -5.24
C LEU C 597 24.94 -12.02 -6.26
N TYR C 598 25.67 -12.84 -7.02
CA TYR C 598 26.69 -12.36 -7.97
C TYR C 598 26.43 -12.98 -9.34
N HIS C 599 26.83 -12.28 -10.42
CA HIS C 599 26.63 -12.81 -11.80
C HIS C 599 27.60 -13.96 -12.07
N GLU C 600 28.84 -13.77 -11.66
CA GLU C 600 29.99 -14.58 -12.14
C GLU C 600 31.07 -14.45 -11.08
N LEU C 601 31.77 -15.55 -10.83
CA LEU C 601 32.89 -15.57 -9.86
C LEU C 601 34.17 -15.81 -10.67
N VAL C 602 35.15 -14.91 -10.59
CA VAL C 602 36.38 -15.02 -11.45
C VAL C 602 37.63 -14.82 -10.59
N LEU C 603 38.46 -15.84 -10.55
CA LEU C 603 39.79 -15.82 -9.87
C LEU C 603 40.84 -15.19 -10.80
N THR C 604 41.21 -13.94 -10.52
CA THR C 604 42.34 -13.23 -11.17
C THR C 604 43.44 -13.29 -10.12
N THR C 605 43.61 -12.22 -9.35
CA THR C 605 44.54 -12.13 -8.20
C THR C 605 43.86 -12.62 -6.93
N LYS C 606 42.53 -12.50 -6.86
CA LYS C 606 41.65 -13.07 -5.80
C LYS C 606 40.41 -13.67 -6.43
N GLU C 607 39.65 -14.44 -5.65
CA GLU C 607 38.34 -15.02 -6.03
C GLU C 607 37.29 -13.91 -5.94
N TYR C 608 37.13 -13.15 -7.03
CA TYR C 608 36.29 -11.93 -7.06
C TYR C 608 34.88 -12.27 -7.57
N MET C 609 33.88 -11.75 -6.86
CA MET C 609 32.46 -11.83 -7.29
C MET C 609 32.25 -10.68 -8.29
N HIS C 610 31.57 -10.93 -9.41
CA HIS C 610 31.34 -9.85 -10.40
C HIS C 610 29.84 -9.53 -10.48
N PHE C 611 29.50 -8.23 -10.54
CA PHE C 611 28.09 -7.76 -10.58
C PHE C 611 27.32 -8.28 -9.37
N THR C 612 27.76 -7.90 -8.17
CA THR C 612 27.14 -8.31 -6.89
C THR C 612 26.01 -7.38 -6.46
N THR C 613 24.88 -7.97 -6.07
CA THR C 613 23.64 -7.31 -5.57
C THR C 613 23.28 -7.86 -4.17
N ALA C 614 23.03 -6.95 -3.23
CA ALA C 614 22.51 -7.30 -1.88
C ALA C 614 21.14 -7.95 -2.02
N ILE C 615 20.91 -9.06 -1.31
CA ILE C 615 19.59 -9.73 -1.30
C ILE C 615 19.19 -9.98 0.15
N GLU C 616 17.94 -10.36 0.31
CA GLU C 616 17.36 -10.90 1.56
C GLU C 616 17.17 -12.40 1.39
N PRO C 617 17.52 -13.19 2.43
CA PRO C 617 17.44 -14.63 2.33
C PRO C 617 16.02 -15.12 2.01
N LYS C 618 15.00 -14.45 2.53
CA LYS C 618 13.59 -14.83 2.22
C LYS C 618 13.44 -15.05 0.70
N TRP C 619 14.06 -14.21 -0.13
CA TRP C 619 13.90 -14.29 -1.62
C TRP C 619 14.53 -15.57 -2.19
N LEU C 620 15.53 -16.13 -1.53
CA LEU C 620 16.15 -17.40 -1.98
C LEU C 620 15.15 -18.56 -1.88
N VAL C 621 14.54 -18.73 -0.71
CA VAL C 621 13.60 -19.88 -0.48
C VAL C 621 12.33 -19.62 -1.28
N GLU C 622 11.95 -18.36 -1.53
CA GLU C 622 10.79 -18.05 -2.39
C GLU C 622 11.08 -18.50 -3.83
N ALA C 623 12.20 -18.04 -4.40
CA ALA C 623 12.57 -18.20 -5.82
C ALA C 623 13.09 -19.61 -6.15
N ALA C 624 13.65 -20.35 -5.20
CA ALA C 624 14.19 -21.71 -5.45
C ALA C 624 13.80 -22.67 -4.32
N PRO C 625 12.50 -23.02 -4.21
CA PRO C 625 11.97 -23.69 -3.02
C PRO C 625 12.53 -25.10 -2.84
N THR C 626 13.06 -25.70 -3.91
CA THR C 626 13.52 -27.11 -3.98
C THR C 626 14.99 -27.16 -3.55
N PHE C 627 15.73 -26.07 -3.75
CA PHE C 627 17.21 -26.04 -3.57
C PHE C 627 17.58 -25.32 -2.27
N PHE C 628 16.61 -24.93 -1.45
CA PHE C 628 16.85 -24.33 -0.12
C PHE C 628 15.85 -24.87 0.92
N LYS C 629 16.36 -25.40 2.03
CA LYS C 629 15.54 -25.85 3.19
C LYS C 629 15.78 -24.88 4.35
N LEU C 630 14.87 -24.89 5.32
CA LEU C 630 14.97 -24.12 6.59
C LEU C 630 15.55 -25.03 7.66
N ALA C 631 16.11 -24.48 8.73
CA ALA C 631 16.70 -25.22 9.88
C ALA C 631 17.12 -24.24 10.97
N PRO C 632 16.90 -24.55 12.27
CA PRO C 632 17.35 -23.69 13.36
C PRO C 632 18.87 -23.47 13.50
N SER E 4 -15.52 -25.99 -63.53
CA SER E 4 -16.79 -25.78 -62.77
C SER E 4 -16.84 -24.36 -62.20
N ILE E 5 -15.73 -23.87 -61.63
CA ILE E 5 -15.64 -22.51 -61.01
C ILE E 5 -15.33 -21.46 -62.09
N LYS E 6 -14.79 -21.78 -63.26
CA LYS E 6 -14.73 -20.79 -64.37
C LYS E 6 -16.16 -20.50 -64.86
N GLU E 7 -16.97 -21.54 -65.02
CA GLU E 7 -18.40 -21.41 -65.46
C GLU E 7 -19.19 -20.69 -64.37
N GLN E 8 -18.83 -20.79 -63.08
CA GLN E 8 -19.48 -20.07 -61.95
C GLN E 8 -19.25 -18.56 -62.07
N ARG E 9 -18.05 -18.17 -62.46
CA ARG E 9 -17.58 -16.76 -62.57
C ARG E 9 -18.30 -16.04 -63.71
N GLU E 10 -18.61 -16.77 -64.78
CA GLU E 10 -19.22 -16.27 -66.03
C GLU E 10 -20.75 -16.31 -65.93
N SER E 11 -21.30 -17.05 -64.97
CA SER E 11 -22.75 -17.20 -64.72
C SER E 11 -23.27 -15.98 -63.95
N LEU E 12 -22.38 -15.27 -63.24
CA LEU E 12 -22.71 -14.06 -62.45
C LEU E 12 -23.20 -12.97 -63.40
N PRO E 13 -24.26 -12.20 -63.03
CA PRO E 13 -24.80 -11.17 -63.91
C PRO E 13 -23.77 -10.12 -64.34
N VAL E 14 -22.78 -9.84 -63.49
CA VAL E 14 -21.79 -8.75 -63.72
C VAL E 14 -20.91 -9.10 -64.92
N PHE E 15 -20.73 -10.40 -65.24
CA PHE E 15 -19.85 -10.86 -66.37
C PHE E 15 -20.33 -10.31 -67.72
N GLN E 16 -21.66 -10.17 -67.91
CA GLN E 16 -22.27 -9.58 -69.14
C GLN E 16 -21.83 -8.12 -69.29
N PHE E 17 -21.37 -7.46 -68.22
CA PHE E 17 -21.00 -6.03 -68.24
C PHE E 17 -19.48 -5.86 -67.99
N ARG E 18 -18.72 -6.94 -68.09
CA ARG E 18 -17.25 -6.97 -67.80
C ARG E 18 -16.51 -5.87 -68.57
N ASP E 19 -16.49 -5.95 -69.90
CA ASP E 19 -15.72 -5.03 -70.77
C ASP E 19 -16.13 -3.57 -70.48
N GLN E 20 -17.44 -3.34 -70.31
CA GLN E 20 -18.07 -2.00 -70.17
C GLN E 20 -17.62 -1.33 -68.86
N ILE E 21 -17.52 -2.07 -67.75
CA ILE E 21 -17.08 -1.54 -66.43
C ILE E 21 -15.59 -1.14 -66.51
N ILE E 22 -14.76 -1.99 -67.10
CA ILE E 22 -13.30 -1.70 -67.26
C ILE E 22 -13.16 -0.39 -68.04
N GLN E 23 -13.96 -0.18 -69.10
CA GLN E 23 -13.95 1.05 -69.94
C GLN E 23 -14.41 2.24 -69.10
N ALA E 24 -15.47 2.06 -68.32
CA ALA E 24 -16.08 3.10 -67.46
C ALA E 24 -15.06 3.61 -66.42
N VAL E 25 -14.16 2.75 -65.91
CA VAL E 25 -13.16 3.09 -64.85
C VAL E 25 -11.91 3.71 -65.48
N LYS E 26 -11.60 3.43 -66.75
CA LYS E 26 -10.53 4.12 -67.51
C LYS E 26 -11.04 5.51 -67.90
N ASP E 27 -12.32 5.60 -68.31
CA ASP E 27 -13.00 6.85 -68.70
C ASP E 27 -13.08 7.80 -67.50
N ASN E 28 -13.64 7.36 -66.38
CA ASN E 28 -13.97 8.23 -65.20
C ASN E 28 -13.01 7.94 -64.05
N GLN E 29 -12.55 8.97 -63.34
CA GLN E 29 -11.70 8.83 -62.12
C GLN E 29 -12.57 8.23 -61.02
N ILE E 30 -13.69 8.89 -60.74
CA ILE E 30 -14.71 8.42 -59.77
C ILE E 30 -15.89 7.84 -60.55
N LEU E 31 -16.41 6.70 -60.09
CA LEU E 31 -17.58 6.03 -60.71
C LEU E 31 -18.51 5.49 -59.61
N ILE E 32 -19.82 5.60 -59.80
CA ILE E 32 -20.82 4.94 -58.92
C ILE E 32 -21.23 3.63 -59.59
N VAL E 33 -21.18 2.54 -58.83
CA VAL E 33 -21.64 1.19 -59.26
C VAL E 33 -22.84 0.79 -58.40
N VAL E 34 -24.02 0.70 -59.00
CA VAL E 34 -25.21 0.10 -58.32
C VAL E 34 -25.38 -1.33 -58.83
N GLY E 35 -25.18 -2.29 -57.93
CA GLY E 35 -25.31 -3.72 -58.27
C GLY E 35 -26.25 -4.39 -57.31
N GLU E 36 -27.42 -4.80 -57.80
CA GLU E 36 -28.50 -5.37 -56.95
C GLU E 36 -27.98 -6.69 -56.36
N THR E 37 -28.73 -7.27 -55.43
CA THR E 37 -28.28 -8.37 -54.52
C THR E 37 -27.66 -9.51 -55.36
N GLY E 38 -26.36 -9.76 -55.19
CA GLY E 38 -25.67 -10.94 -55.75
C GLY E 38 -25.32 -10.78 -57.22
N SER E 39 -25.39 -9.56 -57.76
CA SER E 39 -24.74 -9.14 -59.03
C SER E 39 -23.36 -9.81 -59.16
N GLY E 40 -22.63 -9.85 -58.04
CA GLY E 40 -21.25 -10.36 -57.96
C GLY E 40 -20.23 -9.27 -58.18
N LYS E 41 -20.63 -8.00 -58.11
CA LYS E 41 -19.71 -6.82 -58.20
C LYS E 41 -18.57 -6.93 -57.17
N THR E 42 -18.88 -7.41 -55.97
CA THR E 42 -17.94 -7.44 -54.82
C THR E 42 -16.73 -8.28 -55.21
N THR E 43 -16.95 -9.48 -55.77
CA THR E 43 -15.90 -10.53 -56.01
C THR E 43 -15.21 -10.31 -57.35
N GLN E 44 -15.86 -9.65 -58.32
CA GLN E 44 -15.42 -9.66 -59.74
C GLN E 44 -14.71 -8.36 -60.09
N VAL E 45 -15.27 -7.20 -59.76
CA VAL E 45 -14.78 -5.86 -60.20
C VAL E 45 -13.32 -5.71 -59.80
N THR E 46 -12.94 -6.11 -58.59
CA THR E 46 -11.52 -6.08 -58.17
C THR E 46 -10.69 -6.87 -59.19
N GLN E 47 -11.13 -8.08 -59.56
CA GLN E 47 -10.41 -9.01 -60.46
C GLN E 47 -10.38 -8.45 -61.89
N TYR E 48 -11.52 -7.92 -62.37
CA TYR E 48 -11.66 -7.37 -63.75
C TYR E 48 -10.57 -6.30 -63.93
N LEU E 49 -10.40 -5.42 -62.95
CA LEU E 49 -9.40 -4.31 -63.03
C LEU E 49 -7.99 -4.89 -63.02
N ALA E 50 -7.67 -5.81 -62.11
CA ALA E 50 -6.34 -6.48 -62.03
C ALA E 50 -6.00 -7.12 -63.38
N GLU E 51 -6.98 -7.79 -64.00
CA GLU E 51 -6.85 -8.51 -65.30
C GLU E 51 -6.56 -7.52 -66.44
N ALA E 52 -6.96 -6.25 -66.27
CA ALA E 52 -6.77 -5.15 -67.26
C ALA E 52 -5.45 -4.43 -67.01
N GLY E 53 -4.71 -4.78 -65.96
CA GLY E 53 -3.33 -4.29 -65.72
C GLY E 53 -3.30 -3.07 -64.81
N PHE E 54 -4.42 -2.80 -64.11
CA PHE E 54 -4.55 -1.67 -63.15
C PHE E 54 -3.67 -1.89 -61.93
N THR E 55 -3.02 -3.06 -61.85
CA THR E 55 -2.29 -3.50 -60.63
C THR E 55 -0.78 -3.26 -60.85
N LYS E 56 -0.42 -2.75 -62.03
CA LYS E 56 0.99 -2.50 -62.44
C LYS E 56 1.63 -1.42 -61.56
N TYR E 57 0.94 -0.32 -61.26
CA TYR E 57 1.51 0.85 -60.53
C TYR E 57 1.27 0.74 -59.01
N GLY E 58 0.22 0.03 -58.61
CA GLY E 58 -0.18 -0.07 -57.20
C GLY E 58 -1.27 -1.10 -56.97
N MET E 59 -1.76 -1.16 -55.73
CA MET E 59 -2.73 -2.15 -55.21
C MET E 59 -4.17 -1.73 -55.56
N ILE E 60 -5.07 -2.70 -55.75
CA ILE E 60 -6.54 -2.46 -55.73
C ILE E 60 -7.04 -2.72 -54.31
N GLY E 61 -7.49 -1.67 -53.62
CA GLY E 61 -8.09 -1.75 -52.28
C GLY E 61 -9.60 -1.78 -52.39
N CYS E 62 -10.28 -2.64 -51.62
CA CYS E 62 -11.76 -2.69 -51.56
C CYS E 62 -12.19 -2.73 -50.11
N THR E 63 -12.88 -1.70 -49.63
CA THR E 63 -13.35 -1.60 -48.23
C THR E 63 -14.62 -2.43 -48.08
N GLN E 64 -14.81 -3.04 -46.90
CA GLN E 64 -16.08 -3.67 -46.49
C GLN E 64 -16.45 -3.14 -45.11
N PRO E 65 -17.73 -2.88 -44.82
CA PRO E 65 -18.08 -2.37 -43.51
C PRO E 65 -17.99 -3.43 -42.40
N ARG E 66 -17.81 -4.71 -42.73
CA ARG E 66 -17.75 -5.79 -41.70
C ARG E 66 -16.42 -6.57 -41.83
N ARG E 67 -15.78 -6.89 -40.70
CA ARG E 67 -14.57 -7.76 -40.66
C ARG E 67 -14.88 -9.07 -41.38
N VAL E 68 -15.96 -9.73 -41.01
CA VAL E 68 -16.25 -11.09 -41.51
C VAL E 68 -16.36 -11.05 -43.04
N ALA E 69 -16.87 -9.96 -43.62
CA ALA E 69 -17.09 -9.84 -45.08
C ALA E 69 -15.74 -9.63 -45.79
N ALA E 70 -14.85 -8.85 -45.19
CA ALA E 70 -13.49 -8.67 -45.71
C ALA E 70 -12.81 -10.02 -45.86
N VAL E 71 -12.89 -10.87 -44.82
CA VAL E 71 -12.11 -12.15 -44.83
C VAL E 71 -12.82 -13.14 -45.77
N SER E 72 -14.14 -13.24 -45.66
CA SER E 72 -14.96 -14.22 -46.42
C SER E 72 -14.79 -13.93 -47.93
N VAL E 73 -14.87 -12.66 -48.34
CA VAL E 73 -14.76 -12.24 -49.77
C VAL E 73 -13.32 -12.48 -50.24
N ALA E 74 -12.32 -12.06 -49.47
CA ALA E 74 -10.89 -12.26 -49.81
C ALA E 74 -10.59 -13.75 -50.03
N LYS E 75 -11.12 -14.63 -49.18
CA LYS E 75 -10.86 -16.08 -49.25
C LYS E 75 -11.46 -16.61 -50.56
N ARG E 76 -12.61 -16.08 -50.95
CA ARG E 76 -13.32 -16.51 -52.18
C ARG E 76 -12.55 -16.01 -53.41
N VAL E 77 -12.20 -14.72 -53.45
CA VAL E 77 -11.44 -14.11 -54.60
C VAL E 77 -10.09 -14.84 -54.72
N ALA E 78 -9.44 -15.13 -53.59
CA ALA E 78 -8.21 -15.97 -53.54
C ALA E 78 -8.43 -17.29 -54.29
N GLU E 79 -9.50 -18.03 -53.99
CA GLU E 79 -9.73 -19.36 -54.61
C GLU E 79 -10.15 -19.16 -56.08
N GLU E 80 -10.71 -18.01 -56.48
CA GLU E 80 -11.09 -17.75 -57.90
C GLU E 80 -9.85 -17.43 -58.73
N VAL E 81 -8.88 -16.73 -58.15
CA VAL E 81 -7.59 -16.37 -58.82
C VAL E 81 -6.70 -17.62 -58.82
N GLY E 82 -6.84 -18.44 -57.79
CA GLY E 82 -6.06 -19.68 -57.61
C GLY E 82 -4.82 -19.46 -56.75
N CYS E 83 -4.55 -18.21 -56.38
CA CYS E 83 -3.38 -17.89 -55.53
C CYS E 83 -3.71 -18.23 -54.07
N GLN E 84 -2.70 -18.55 -53.26
CA GLN E 84 -2.93 -18.83 -51.82
C GLN E 84 -3.25 -17.48 -51.15
N LEU E 85 -4.11 -17.49 -50.12
CA LEU E 85 -4.53 -16.24 -49.43
C LEU E 85 -3.31 -15.58 -48.79
N GLY E 86 -3.25 -14.25 -48.85
CA GLY E 86 -2.14 -13.46 -48.29
C GLY E 86 -1.07 -13.19 -49.33
N GLN E 87 -1.26 -13.70 -50.55
CA GLN E 87 -0.30 -13.49 -51.65
C GLN E 87 -0.85 -12.41 -52.60
N GLU E 88 -1.22 -12.80 -53.82
CA GLU E 88 -1.78 -11.82 -54.80
C GLU E 88 -3.07 -11.23 -54.22
N VAL E 89 -3.91 -12.08 -53.62
CA VAL E 89 -5.20 -11.64 -53.01
C VAL E 89 -5.06 -11.71 -51.50
N GLY E 90 -5.34 -10.61 -50.79
CA GLY E 90 -5.18 -10.57 -49.33
C GLY E 90 -6.17 -9.62 -48.67
N TYR E 91 -6.27 -9.70 -47.35
CA TYR E 91 -7.15 -8.83 -46.54
C TYR E 91 -6.31 -8.19 -45.42
N THR E 92 -6.73 -7.00 -44.96
CA THR E 92 -6.22 -6.34 -43.75
C THR E 92 -7.42 -5.90 -42.89
N ILE E 93 -7.54 -6.49 -41.71
CA ILE E 93 -8.52 -6.06 -40.68
C ILE E 93 -7.75 -5.91 -39.37
N ARG E 94 -8.39 -5.30 -38.38
CA ARG E 94 -7.75 -5.08 -37.09
C ARG E 94 -7.20 -6.42 -36.59
N PHE E 95 -5.91 -6.49 -36.25
CA PHE E 95 -5.26 -7.65 -35.59
C PHE E 95 -4.87 -8.77 -36.58
N GLU E 96 -5.12 -8.59 -37.87
CA GLU E 96 -4.92 -9.64 -38.90
C GLU E 96 -4.56 -8.94 -40.22
N ASP E 97 -3.28 -8.64 -40.45
CA ASP E 97 -2.82 -8.14 -41.76
C ASP E 97 -2.34 -9.32 -42.62
N VAL E 98 -3.25 -9.93 -43.38
CA VAL E 98 -2.97 -11.10 -44.25
C VAL E 98 -2.69 -10.57 -45.66
N THR E 99 -1.58 -9.84 -45.80
CA THR E 99 -0.99 -9.38 -47.08
C THR E 99 0.50 -9.75 -47.09
N SER E 100 1.17 -9.41 -48.20
CA SER E 100 2.58 -9.76 -48.46
C SER E 100 3.11 -8.70 -49.42
N PRO E 101 4.43 -8.65 -49.68
CA PRO E 101 4.95 -7.81 -50.75
C PRO E 101 4.39 -8.11 -52.15
N ALA E 102 3.66 -9.23 -52.32
CA ALA E 102 3.16 -9.69 -53.64
C ALA E 102 1.68 -9.33 -53.86
N THR E 103 1.00 -8.75 -52.86
CA THR E 103 -0.48 -8.59 -52.88
C THR E 103 -0.84 -7.48 -53.87
N LYS E 104 -1.66 -7.82 -54.87
CA LYS E 104 -2.18 -6.88 -55.90
C LYS E 104 -3.64 -6.50 -55.60
N ILE E 105 -4.43 -7.40 -55.02
CA ILE E 105 -5.86 -7.14 -54.63
C ILE E 105 -6.00 -7.32 -53.11
N LYS E 106 -6.45 -6.28 -52.42
CA LYS E 106 -6.46 -6.18 -50.94
C LYS E 106 -7.85 -5.75 -50.50
N TYR E 107 -8.57 -6.64 -49.81
CA TYR E 107 -9.87 -6.35 -49.18
C TYR E 107 -9.59 -5.90 -47.76
N MET E 108 -10.28 -4.90 -47.25
CA MET E 108 -10.02 -4.37 -45.89
C MET E 108 -11.32 -3.82 -45.33
N THR E 109 -11.41 -3.63 -44.03
CA THR E 109 -12.50 -2.87 -43.38
C THR E 109 -12.33 -1.38 -43.73
N ASP E 110 -13.45 -0.66 -43.91
CA ASP E 110 -13.45 0.82 -44.13
C ASP E 110 -12.58 1.46 -43.05
N GLY E 111 -12.76 1.04 -41.80
CA GLY E 111 -12.04 1.59 -40.63
C GLY E 111 -10.56 1.55 -40.84
N MET E 112 -10.08 0.50 -41.48
CA MET E 112 -8.64 0.23 -41.70
C MET E 112 -8.12 1.26 -42.70
N LEU E 113 -8.85 1.54 -43.78
CA LEU E 113 -8.42 2.53 -44.79
C LEU E 113 -8.41 3.90 -44.13
N GLN E 114 -9.38 4.18 -43.24
CA GLN E 114 -9.46 5.46 -42.50
C GLN E 114 -8.13 5.64 -41.75
N ARG E 115 -7.75 4.62 -41.00
CA ARG E 115 -6.54 4.63 -40.15
C ARG E 115 -5.29 4.69 -41.04
N GLU E 116 -5.27 4.01 -42.18
CA GLU E 116 -4.11 4.03 -43.09
C GLU E 116 -3.92 5.42 -43.67
N ILE E 117 -5.02 6.11 -43.97
CA ILE E 117 -5.03 7.39 -44.74
C ILE E 117 -4.46 8.50 -43.85
N LEU E 118 -4.47 8.30 -42.54
CA LEU E 118 -3.82 9.20 -41.55
C LEU E 118 -2.31 9.20 -41.74
N MET E 119 -1.67 8.02 -41.86
CA MET E 119 -0.20 7.92 -42.09
C MET E 119 0.18 8.14 -43.55
N ASP E 120 -0.72 7.88 -44.50
CA ASP E 120 -0.46 8.11 -45.94
C ASP E 120 -1.67 8.80 -46.56
N PRO E 121 -1.79 10.15 -46.45
CA PRO E 121 -2.93 10.89 -46.98
C PRO E 121 -3.22 10.65 -48.47
N ASP E 122 -2.19 10.39 -49.27
CA ASP E 122 -2.33 10.23 -50.74
C ASP E 122 -2.52 8.75 -51.10
N LEU E 123 -2.47 7.85 -50.11
CA LEU E 123 -2.65 6.40 -50.30
C LEU E 123 -1.77 5.94 -51.46
N LYS E 124 -0.45 6.14 -51.34
CA LYS E 124 0.51 5.96 -52.46
C LYS E 124 0.53 4.47 -52.85
N ARG E 125 0.36 3.56 -51.90
CA ARG E 125 0.45 2.10 -52.13
C ARG E 125 -0.69 1.64 -53.06
N TYR E 126 -1.78 2.40 -53.20
CA TYR E 126 -3.00 1.95 -53.91
C TYR E 126 -3.18 2.70 -55.23
N SER E 127 -3.52 1.96 -56.28
CA SER E 127 -3.83 2.46 -57.63
C SER E 127 -5.33 2.69 -57.77
N VAL E 128 -6.14 1.92 -57.04
CA VAL E 128 -7.63 1.93 -57.16
C VAL E 128 -8.21 1.64 -55.78
N ILE E 129 -9.18 2.46 -55.37
CA ILE E 129 -9.94 2.25 -54.12
C ILE E 129 -11.40 2.04 -54.49
N MET E 130 -11.98 0.97 -54.00
CA MET E 130 -13.41 0.65 -54.17
C MET E 130 -14.04 0.60 -52.79
N LEU E 131 -15.04 1.45 -52.56
CA LEU E 131 -15.82 1.48 -51.31
C LEU E 131 -17.06 0.60 -51.52
N ASP E 132 -17.03 -0.62 -50.98
CA ASP E 132 -18.12 -1.58 -51.19
C ASP E 132 -19.08 -1.42 -50.01
N GLU E 133 -20.34 -1.79 -50.26
CA GLU E 133 -21.46 -1.74 -49.29
C GLU E 133 -21.58 -0.32 -48.72
N ALA E 134 -21.15 0.67 -49.50
CA ALA E 134 -21.28 2.10 -49.16
C ALA E 134 -22.71 2.42 -48.75
N HIS E 135 -23.72 1.69 -49.23
CA HIS E 135 -25.15 2.02 -48.97
C HIS E 135 -25.45 1.86 -47.48
N GLU E 136 -24.60 1.13 -46.76
CA GLU E 136 -24.80 0.87 -45.31
C GLU E 136 -24.37 2.08 -44.50
N ARG E 137 -23.70 3.05 -45.10
CA ARG E 137 -23.47 4.41 -44.52
C ARG E 137 -22.90 4.32 -43.11
N THR E 138 -21.78 3.61 -42.97
CA THR E 138 -20.98 3.60 -41.73
C THR E 138 -20.21 4.92 -41.62
N ILE E 139 -19.84 5.31 -40.41
CA ILE E 139 -19.06 6.56 -40.15
C ILE E 139 -17.76 6.49 -40.93
N ALA E 140 -17.07 5.36 -40.92
CA ALA E 140 -15.80 5.22 -41.67
C ALA E 140 -16.06 5.42 -43.16
N THR E 141 -17.12 4.85 -43.71
CA THR E 141 -17.38 4.97 -45.17
C THR E 141 -17.68 6.46 -45.43
N ASP E 142 -18.54 7.10 -44.63
CA ASP E 142 -18.93 8.53 -44.83
C ASP E 142 -17.66 9.40 -44.79
N VAL E 143 -16.77 9.15 -43.84
CA VAL E 143 -15.48 9.88 -43.70
C VAL E 143 -14.66 9.65 -44.97
N LEU E 144 -14.66 8.43 -45.49
CA LEU E 144 -13.83 8.06 -46.67
C LEU E 144 -14.35 8.79 -47.92
N PHE E 145 -15.66 9.02 -48.00
CA PHE E 145 -16.24 9.82 -49.12
C PHE E 145 -15.51 11.16 -49.20
N ALA E 146 -15.47 11.87 -48.08
CA ALA E 146 -14.95 13.24 -47.98
C ALA E 146 -13.44 13.23 -48.26
N LEU E 147 -12.70 12.34 -47.59
CA LEU E 147 -11.22 12.29 -47.69
C LEU E 147 -10.82 11.94 -49.13
N LEU E 148 -11.48 10.94 -49.74
CA LEU E 148 -11.11 10.46 -51.09
C LEU E 148 -11.50 11.50 -52.13
N LYS E 149 -12.60 12.21 -51.91
CA LYS E 149 -13.02 13.33 -52.79
C LYS E 149 -11.91 14.41 -52.85
N LYS E 150 -11.21 14.64 -51.72
CA LYS E 150 -10.05 15.56 -51.61
C LYS E 150 -8.80 14.89 -52.23
N THR E 151 -8.63 13.57 -52.01
CA THR E 151 -7.41 12.82 -52.42
C THR E 151 -7.32 12.71 -53.95
N VAL E 152 -8.45 12.76 -54.67
CA VAL E 152 -8.49 12.62 -56.16
C VAL E 152 -7.88 13.88 -56.84
N LYS E 153 -7.96 15.05 -56.21
CA LYS E 153 -7.44 16.31 -56.80
C LYS E 153 -5.92 16.35 -56.61
N ARG E 154 -5.41 15.76 -55.51
CA ARG E 154 -3.95 15.68 -55.23
C ARG E 154 -3.32 14.52 -55.99
N ARG E 155 -4.12 13.62 -56.58
CA ARG E 155 -3.62 12.37 -57.17
C ARG E 155 -4.42 12.01 -58.41
N PRO E 156 -4.04 12.51 -59.61
CA PRO E 156 -4.83 12.28 -60.83
C PRO E 156 -4.84 10.84 -61.36
N ASP E 157 -3.85 10.01 -60.97
CA ASP E 157 -3.74 8.58 -61.39
C ASP E 157 -4.83 7.76 -60.67
N LEU E 158 -5.01 7.97 -59.35
CA LEU E 158 -5.93 7.19 -58.47
C LEU E 158 -7.35 7.15 -59.04
N LYS E 159 -7.91 5.93 -59.14
CA LYS E 159 -9.32 5.69 -59.54
C LYS E 159 -10.08 5.29 -58.28
N VAL E 160 -11.34 5.72 -58.18
CA VAL E 160 -12.23 5.48 -57.01
C VAL E 160 -13.57 4.95 -57.52
N ILE E 161 -13.95 3.78 -57.04
CA ILE E 161 -15.30 3.19 -57.31
C ILE E 161 -16.09 3.27 -56.00
N VAL E 162 -17.33 3.74 -56.07
CA VAL E 162 -18.21 3.86 -54.88
C VAL E 162 -19.52 3.14 -55.22
N THR E 163 -19.92 2.16 -54.40
CA THR E 163 -21.18 1.40 -54.53
C THR E 163 -22.36 2.27 -54.08
N SER E 164 -23.59 1.93 -54.48
CA SER E 164 -24.81 2.61 -54.01
C SER E 164 -26.06 1.76 -54.24
N ALA E 165 -27.09 1.92 -53.41
CA ALA E 165 -28.44 1.41 -53.75
C ALA E 165 -29.00 2.32 -54.83
N THR E 166 -30.02 1.86 -55.57
CA THR E 166 -30.62 2.64 -56.68
C THR E 166 -31.11 3.98 -56.12
N LEU E 167 -31.80 4.02 -54.96
CA LEU E 167 -32.41 5.25 -54.37
C LEU E 167 -31.39 6.37 -54.10
N ASP E 168 -30.15 6.02 -53.75
CA ASP E 168 -29.09 6.99 -53.37
C ASP E 168 -28.20 7.35 -54.59
N ALA E 169 -28.33 6.66 -55.71
CA ALA E 169 -27.37 6.71 -56.85
C ALA E 169 -27.14 8.15 -57.29
N GLU E 170 -28.23 8.85 -57.63
CA GLU E 170 -28.24 10.24 -58.15
C GLU E 170 -27.62 11.14 -57.07
N LYS E 171 -28.00 10.95 -55.81
CA LYS E 171 -27.42 11.72 -54.67
C LYS E 171 -25.89 11.56 -54.63
N PHE E 172 -25.41 10.31 -54.59
CA PHE E 172 -23.96 9.99 -54.52
C PHE E 172 -23.27 10.63 -55.72
N SER E 173 -23.92 10.59 -56.89
CA SER E 173 -23.36 11.18 -58.12
C SER E 173 -23.07 12.66 -57.87
N GLU E 174 -24.09 13.45 -57.48
CA GLU E 174 -23.97 14.92 -57.40
C GLU E 174 -22.91 15.25 -56.32
N TYR E 175 -22.80 14.44 -55.26
CA TYR E 175 -21.70 14.57 -54.25
C TYR E 175 -20.33 14.42 -54.93
N PHE E 176 -20.16 13.42 -55.81
CA PHE E 176 -18.85 13.09 -56.41
C PHE E 176 -18.75 13.78 -57.78
N ASN E 177 -18.90 15.11 -57.80
CA ASN E 177 -18.58 15.92 -58.99
C ASN E 177 -19.45 15.46 -60.17
N SER E 178 -20.68 15.00 -59.90
CA SER E 178 -21.69 14.51 -60.89
C SER E 178 -21.07 13.53 -61.90
N CYS E 179 -20.27 12.58 -61.40
CA CYS E 179 -19.72 11.42 -62.15
C CYS E 179 -20.84 10.47 -62.56
N PRO E 180 -20.60 9.55 -63.52
CA PRO E 180 -21.66 8.66 -64.00
C PRO E 180 -22.01 7.53 -63.03
N ILE E 181 -23.18 6.91 -63.25
CA ILE E 181 -23.76 5.78 -62.48
C ILE E 181 -23.81 4.56 -63.40
N PHE E 182 -23.06 3.50 -63.09
CA PHE E 182 -23.15 2.18 -63.79
C PHE E 182 -24.09 1.24 -63.02
N THR E 183 -25.21 0.81 -63.61
CA THR E 183 -26.17 -0.11 -62.97
C THR E 183 -25.95 -1.53 -63.51
N ILE E 184 -26.04 -2.52 -62.62
CA ILE E 184 -25.93 -3.98 -62.93
C ILE E 184 -27.12 -4.71 -62.32
N PRO E 185 -27.84 -5.59 -63.05
CA PRO E 185 -29.01 -6.33 -62.50
C PRO E 185 -28.64 -7.33 -61.41
N GLY E 186 -29.52 -7.48 -60.40
CA GLY E 186 -29.27 -8.38 -59.25
C GLY E 186 -30.00 -9.72 -59.27
N ARG E 187 -30.79 -10.00 -60.31
CA ARG E 187 -31.55 -11.29 -60.44
C ARG E 187 -32.43 -11.57 -59.21
N THR E 188 -33.19 -10.58 -58.71
CA THR E 188 -34.08 -10.80 -57.55
C THR E 188 -35.40 -11.45 -58.01
N PHE E 189 -36.18 -11.99 -57.08
CA PHE E 189 -37.49 -12.65 -57.37
C PHE E 189 -38.60 -11.89 -56.64
N PRO E 190 -39.79 -11.67 -57.25
CA PRO E 190 -40.84 -10.85 -56.62
C PRO E 190 -41.28 -11.41 -55.26
N VAL E 191 -41.73 -10.52 -54.38
CA VAL E 191 -42.16 -10.83 -52.99
C VAL E 191 -43.52 -10.18 -52.73
N GLU E 192 -44.51 -10.98 -52.43
CA GLU E 192 -45.91 -10.54 -52.23
C GLU E 192 -45.99 -9.89 -50.85
N ILE E 193 -46.50 -8.67 -50.76
CA ILE E 193 -46.55 -7.92 -49.47
C ILE E 193 -47.99 -7.86 -48.96
N LEU E 194 -48.19 -8.26 -47.69
CA LEU E 194 -49.53 -8.26 -47.06
C LEU E 194 -49.52 -7.28 -45.88
N TYR E 195 -50.48 -6.36 -45.85
CA TYR E 195 -50.60 -5.36 -44.75
C TYR E 195 -51.56 -5.87 -43.68
N SER E 196 -51.48 -5.29 -42.48
CA SER E 196 -52.31 -5.69 -41.31
C SER E 196 -53.80 -5.47 -41.59
N ARG E 197 -54.11 -4.40 -42.35
CA ARG E 197 -55.47 -3.95 -42.76
C ARG E 197 -56.11 -3.18 -41.61
N GLU E 198 -55.36 -3.03 -40.52
CA GLU E 198 -55.80 -2.24 -39.33
C GLU E 198 -54.58 -2.15 -38.41
N PRO E 199 -54.39 -1.07 -37.62
CA PRO E 199 -53.23 -0.97 -36.76
C PRO E 199 -53.17 -2.11 -35.73
N GLU E 200 -51.97 -2.67 -35.50
CA GLU E 200 -51.80 -3.76 -34.52
C GLU E 200 -51.35 -3.15 -33.20
N PRO E 201 -52.17 -3.24 -32.12
CA PRO E 201 -51.79 -2.68 -30.82
C PRO E 201 -50.53 -3.31 -30.20
N ASP E 202 -50.25 -4.59 -30.52
CA ASP E 202 -49.18 -5.39 -29.88
C ASP E 202 -48.41 -6.13 -30.98
N TYR E 203 -47.25 -5.60 -31.38
CA TYR E 203 -46.47 -6.14 -32.53
C TYR E 203 -45.93 -7.53 -32.19
N LEU E 204 -45.46 -7.76 -30.96
CA LEU E 204 -44.96 -9.09 -30.51
C LEU E 204 -46.06 -10.13 -30.75
N GLU E 205 -47.26 -9.89 -30.21
CA GLU E 205 -48.40 -10.84 -30.29
C GLU E 205 -48.78 -11.06 -31.76
N ALA E 206 -48.79 -9.99 -32.57
CA ALA E 206 -49.19 -10.07 -33.99
C ALA E 206 -48.15 -10.89 -34.76
N ALA E 207 -46.89 -10.72 -34.41
CA ALA E 207 -45.75 -11.49 -34.98
C ALA E 207 -45.98 -12.97 -34.70
N LEU E 208 -46.26 -13.35 -33.45
CA LEU E 208 -46.48 -14.76 -33.04
C LEU E 208 -47.79 -15.31 -33.64
N THR E 209 -48.83 -14.50 -33.75
CA THR E 209 -50.12 -14.83 -34.41
C THR E 209 -49.85 -15.12 -35.89
N THR E 210 -48.93 -14.37 -36.53
CA THR E 210 -48.63 -14.50 -37.98
C THR E 210 -47.71 -15.70 -38.23
N VAL E 211 -46.75 -15.96 -37.34
CA VAL E 211 -45.86 -17.17 -37.44
C VAL E 211 -46.75 -18.41 -37.45
N MET E 212 -47.66 -18.54 -36.47
CA MET E 212 -48.63 -19.67 -36.33
C MET E 212 -49.43 -19.84 -37.62
N GLN E 213 -50.04 -18.75 -38.09
CA GLN E 213 -50.91 -18.81 -39.29
C GLN E 213 -50.09 -19.27 -40.48
N ILE E 214 -48.86 -18.76 -40.62
CA ILE E 214 -48.02 -19.15 -41.79
C ILE E 214 -47.74 -20.65 -41.71
N HIS E 215 -47.38 -21.18 -40.54
CA HIS E 215 -47.05 -22.62 -40.46
C HIS E 215 -48.28 -23.48 -40.81
N LEU E 216 -49.43 -23.15 -40.23
CA LEU E 216 -50.68 -23.91 -40.45
C LEU E 216 -51.27 -23.71 -41.86
N THR E 217 -51.31 -22.48 -42.36
CA THR E 217 -52.03 -22.19 -43.62
C THR E 217 -51.15 -21.91 -44.84
N GLU E 218 -49.83 -22.14 -44.79
CA GLU E 218 -49.03 -21.82 -46.01
C GLU E 218 -48.21 -23.03 -46.45
N PRO E 219 -47.75 -23.06 -47.72
CA PRO E 219 -46.95 -24.17 -48.26
C PRO E 219 -45.50 -24.21 -47.74
N PRO E 220 -44.73 -25.28 -48.00
CA PRO E 220 -43.38 -25.42 -47.48
C PRO E 220 -42.50 -24.21 -47.84
N GLY E 221 -41.76 -23.74 -46.85
CA GLY E 221 -40.89 -22.55 -46.91
C GLY E 221 -40.61 -21.98 -45.54
N ASP E 222 -39.35 -21.69 -45.25
CA ASP E 222 -38.91 -21.21 -43.92
C ASP E 222 -39.31 -19.75 -43.74
N ILE E 223 -39.42 -19.36 -42.47
CA ILE E 223 -39.93 -18.04 -42.02
C ILE E 223 -38.79 -17.27 -41.34
N LEU E 224 -38.56 -16.01 -41.75
CA LEU E 224 -37.67 -15.03 -41.06
C LEU E 224 -38.53 -13.94 -40.43
N VAL E 225 -38.50 -13.81 -39.10
CA VAL E 225 -39.23 -12.78 -38.31
C VAL E 225 -38.23 -11.79 -37.74
N PHE E 226 -38.46 -10.49 -37.88
CA PHE E 226 -37.61 -9.43 -37.28
C PHE E 226 -38.23 -8.90 -35.98
N LEU E 227 -37.56 -9.15 -34.86
CA LEU E 227 -37.85 -8.45 -33.58
C LEU E 227 -36.68 -7.52 -33.20
N THR E 228 -36.68 -6.98 -31.99
CA THR E 228 -35.98 -5.72 -31.67
C THR E 228 -34.73 -5.95 -30.84
N GLY E 229 -34.75 -6.97 -29.97
CA GLY E 229 -33.63 -7.34 -29.10
C GLY E 229 -33.73 -8.77 -28.55
N GLN E 230 -32.66 -9.19 -27.87
CA GLN E 230 -32.44 -10.55 -27.30
C GLN E 230 -33.63 -10.96 -26.41
N GLU E 231 -33.86 -10.30 -25.28
CA GLU E 231 -34.82 -10.83 -24.28
C GLU E 231 -36.21 -10.97 -24.91
N GLU E 232 -36.58 -10.12 -25.89
CA GLU E 232 -37.87 -10.22 -26.64
C GLU E 232 -37.88 -11.52 -27.48
N ILE E 233 -36.81 -11.72 -28.26
CA ILE E 233 -36.60 -12.90 -29.12
C ILE E 233 -36.63 -14.17 -28.23
N ASP E 234 -35.97 -14.16 -27.08
CA ASP E 234 -35.93 -15.34 -26.16
C ASP E 234 -37.35 -15.62 -25.62
N THR E 235 -38.11 -14.60 -25.20
CA THR E 235 -39.52 -14.71 -24.75
C THR E 235 -40.41 -15.26 -25.87
N ALA E 236 -40.18 -14.81 -27.10
CA ALA E 236 -40.96 -15.18 -28.31
C ALA E 236 -40.77 -16.67 -28.61
N CYS E 237 -39.54 -17.16 -28.47
CA CYS E 237 -39.16 -18.59 -28.72
C CYS E 237 -39.86 -19.50 -27.70
N GLU E 238 -39.88 -19.12 -26.42
CA GLU E 238 -40.53 -19.92 -25.34
C GLU E 238 -42.06 -19.89 -25.56
N ILE E 239 -42.63 -18.74 -25.92
CA ILE E 239 -44.11 -18.59 -26.09
C ILE E 239 -44.56 -19.41 -27.31
N LEU E 240 -43.80 -19.37 -28.40
CA LEU E 240 -44.13 -20.03 -29.68
C LEU E 240 -43.97 -21.55 -29.51
N TYR E 241 -43.00 -22.00 -28.73
CA TYR E 241 -42.83 -23.43 -28.37
C TYR E 241 -44.05 -23.92 -27.59
N GLU E 242 -44.41 -23.22 -26.49
CA GLU E 242 -45.57 -23.51 -25.61
C GLU E 242 -46.86 -23.65 -26.45
N ARG E 243 -47.00 -22.82 -27.50
CA ARG E 243 -48.23 -22.74 -28.32
C ARG E 243 -48.29 -23.93 -29.28
N MET E 244 -47.13 -24.35 -29.82
CA MET E 244 -47.00 -25.50 -30.75
C MET E 244 -47.21 -26.80 -30.00
N LYS E 245 -46.67 -26.93 -28.77
CA LYS E 245 -46.97 -28.07 -27.86
C LYS E 245 -48.49 -28.20 -27.71
N ALA E 246 -49.15 -27.12 -27.27
CA ALA E 246 -50.61 -27.03 -27.01
C ALA E 246 -51.43 -27.59 -28.18
N LEU E 247 -51.02 -27.32 -29.43
CA LEU E 247 -51.70 -27.80 -30.66
C LEU E 247 -51.68 -29.33 -30.72
N GLY E 248 -50.64 -29.98 -30.20
CA GLY E 248 -50.65 -31.45 -30.04
C GLY E 248 -49.67 -32.12 -30.98
N PRO E 249 -49.82 -33.45 -31.25
CA PRO E 249 -48.91 -34.14 -32.16
C PRO E 249 -49.39 -34.10 -33.62
N SER E 250 -50.58 -33.53 -33.89
CA SER E 250 -51.18 -33.52 -35.25
C SER E 250 -50.39 -32.62 -36.22
N VAL E 251 -49.88 -31.48 -35.75
CA VAL E 251 -49.24 -30.42 -36.61
C VAL E 251 -47.77 -30.77 -36.85
N PRO E 252 -47.24 -30.58 -38.09
CA PRO E 252 -45.81 -30.76 -38.34
C PRO E 252 -44.93 -29.98 -37.34
N GLU E 253 -43.73 -30.48 -37.13
CA GLU E 253 -42.65 -29.83 -36.31
C GLU E 253 -42.39 -28.43 -36.86
N LEU E 254 -42.36 -27.43 -35.99
CA LEU E 254 -41.82 -26.09 -36.29
C LEU E 254 -40.53 -25.91 -35.48
N ILE E 255 -39.39 -25.70 -36.14
CA ILE E 255 -38.09 -25.51 -35.45
C ILE E 255 -37.87 -24.01 -35.26
N ILE E 256 -37.78 -23.61 -33.98
CA ILE E 256 -37.79 -22.22 -33.48
C ILE E 256 -36.35 -21.86 -33.12
N LEU E 257 -35.74 -20.96 -33.89
CA LEU E 257 -34.31 -20.60 -33.74
C LEU E 257 -34.13 -19.11 -33.56
N PRO E 258 -33.53 -18.68 -32.42
CA PRO E 258 -33.13 -17.28 -32.26
C PRO E 258 -31.86 -17.00 -33.05
N ILE E 259 -31.66 -15.73 -33.43
CA ILE E 259 -30.36 -15.18 -33.92
C ILE E 259 -30.21 -13.71 -33.51
N TYR E 260 -29.10 -13.39 -32.85
CA TYR E 260 -28.70 -12.00 -32.48
C TYR E 260 -27.20 -12.00 -32.12
N SER E 261 -26.50 -10.86 -32.22
CA SER E 261 -25.02 -10.75 -32.02
C SER E 261 -24.57 -11.41 -30.71
N ALA E 262 -25.31 -11.17 -29.63
CA ALA E 262 -24.97 -11.70 -28.29
C ALA E 262 -24.90 -13.23 -28.26
N LEU E 263 -25.68 -13.88 -29.14
CA LEU E 263 -25.78 -15.36 -29.16
C LEU E 263 -24.41 -15.97 -29.49
N PRO E 264 -24.03 -17.09 -28.84
CA PRO E 264 -22.75 -17.76 -29.11
C PRO E 264 -22.75 -18.32 -30.53
N SER E 265 -21.55 -18.39 -31.14
CA SER E 265 -21.41 -18.82 -32.55
C SER E 265 -21.95 -20.24 -32.76
N GLU E 266 -21.73 -21.14 -31.79
CA GLU E 266 -22.19 -22.53 -31.96
C GLU E 266 -23.72 -22.54 -32.14
N MET E 267 -24.43 -21.77 -31.32
CA MET E 267 -25.91 -21.69 -31.41
C MET E 267 -26.34 -21.01 -32.71
N GLN E 268 -25.63 -19.96 -33.13
CA GLN E 268 -26.01 -19.21 -34.37
C GLN E 268 -25.93 -20.13 -35.57
N SER E 269 -24.86 -20.93 -35.67
CA SER E 269 -24.66 -21.84 -36.82
C SER E 269 -25.87 -22.77 -36.99
N ARG E 270 -26.73 -22.89 -35.99
CA ARG E 270 -27.88 -23.83 -36.01
C ARG E 270 -28.98 -23.29 -36.97
N ILE E 271 -28.92 -22.03 -37.38
CA ILE E 271 -29.96 -21.39 -38.25
C ILE E 271 -29.69 -21.68 -39.73
N PHE E 272 -28.49 -22.19 -40.06
CA PHE E 272 -28.07 -22.50 -41.46
C PHE E 272 -28.39 -23.97 -41.79
N GLU E 273 -28.39 -24.84 -40.78
CA GLU E 273 -28.68 -26.29 -40.89
C GLU E 273 -30.10 -26.44 -41.45
N PRO E 274 -30.33 -27.35 -42.43
CA PRO E 274 -31.65 -27.50 -43.04
C PRO E 274 -32.62 -28.15 -42.06
N ALA E 275 -33.92 -27.90 -42.27
CA ALA E 275 -35.04 -28.46 -41.47
C ALA E 275 -35.21 -29.94 -41.78
N PRO E 276 -35.31 -30.84 -40.78
CA PRO E 276 -35.59 -32.26 -41.05
C PRO E 276 -36.74 -32.37 -42.04
N PRO E 277 -36.86 -33.48 -42.80
CA PRO E 277 -37.97 -33.61 -43.75
C PRO E 277 -39.35 -33.50 -43.06
N GLY E 278 -40.27 -32.79 -43.74
CA GLY E 278 -41.68 -32.62 -43.32
C GLY E 278 -41.88 -31.40 -42.43
N SER E 279 -40.81 -30.84 -41.87
CA SER E 279 -40.84 -29.82 -40.80
C SER E 279 -40.50 -28.44 -41.36
N ARG E 280 -40.73 -27.37 -40.60
CA ARG E 280 -40.57 -25.96 -41.05
C ARG E 280 -39.62 -25.25 -40.10
N LYS E 281 -38.89 -24.27 -40.63
CA LYS E 281 -37.89 -23.50 -39.83
C LYS E 281 -38.39 -22.06 -39.70
N VAL E 282 -38.44 -21.53 -38.48
CA VAL E 282 -38.73 -20.08 -38.26
C VAL E 282 -37.56 -19.49 -37.50
N VAL E 283 -36.85 -18.58 -38.16
CA VAL E 283 -35.70 -17.89 -37.53
C VAL E 283 -36.22 -16.54 -37.04
N ILE E 284 -36.01 -16.28 -35.75
CA ILE E 284 -36.38 -15.00 -35.08
C ILE E 284 -35.07 -14.23 -34.95
N ALA E 285 -34.99 -13.05 -35.57
CA ALA E 285 -33.72 -12.30 -35.58
C ALA E 285 -33.99 -10.80 -35.43
N THR E 286 -32.91 -10.04 -35.28
CA THR E 286 -32.96 -8.57 -35.15
C THR E 286 -32.68 -7.97 -36.53
N ASN E 287 -31.92 -6.88 -36.60
CA ASN E 287 -31.59 -6.25 -37.91
C ASN E 287 -30.35 -6.92 -38.51
N ILE E 288 -29.71 -7.81 -37.75
CA ILE E 288 -28.49 -8.56 -38.19
C ILE E 288 -28.87 -9.40 -39.40
N ALA E 289 -30.07 -9.97 -39.39
CA ALA E 289 -30.56 -10.80 -40.52
C ALA E 289 -30.68 -10.00 -41.82
N GLU E 290 -30.86 -8.68 -41.75
CA GLU E 290 -31.01 -7.85 -42.98
C GLU E 290 -29.76 -7.92 -43.87
N THR E 291 -28.55 -7.78 -43.32
CA THR E 291 -27.35 -7.85 -44.20
C THR E 291 -26.17 -8.63 -43.59
N ALA E 292 -26.03 -8.63 -42.26
CA ALA E 292 -24.85 -9.28 -41.62
C ALA E 292 -24.83 -10.78 -41.89
N ILE E 293 -25.98 -11.44 -41.75
CA ILE E 293 -26.10 -12.91 -41.98
C ILE E 293 -27.18 -13.15 -43.04
N THR E 294 -26.88 -14.06 -43.97
CA THR E 294 -27.80 -14.52 -45.01
C THR E 294 -28.18 -15.97 -44.66
N ILE E 295 -29.48 -16.26 -44.70
CA ILE E 295 -30.06 -17.59 -44.38
C ILE E 295 -30.68 -18.13 -45.66
N ASP E 296 -30.26 -19.32 -46.09
CA ASP E 296 -30.68 -20.03 -47.33
C ASP E 296 -32.12 -20.54 -47.16
N TYR E 297 -32.94 -20.43 -48.19
CA TYR E 297 -34.26 -21.07 -48.28
C TYR E 297 -35.23 -20.38 -47.31
N ILE E 298 -35.21 -19.05 -47.32
CA ILE E 298 -36.23 -18.20 -46.66
C ILE E 298 -37.18 -17.73 -47.75
N TYR E 299 -38.49 -17.92 -47.51
CA TYR E 299 -39.55 -17.55 -48.46
C TYR E 299 -40.67 -16.78 -47.76
N TYR E 300 -40.72 -16.70 -46.42
CA TYR E 300 -41.73 -15.88 -45.70
C TYR E 300 -41.00 -14.96 -44.71
N VAL E 301 -41.33 -13.67 -44.73
CA VAL E 301 -40.78 -12.69 -43.76
C VAL E 301 -41.94 -12.08 -42.98
N VAL E 302 -41.78 -12.01 -41.67
CA VAL E 302 -42.72 -11.31 -40.74
C VAL E 302 -42.01 -10.04 -40.24
N ASP E 303 -42.50 -8.89 -40.69
CA ASP E 303 -41.90 -7.54 -40.49
C ASP E 303 -42.85 -6.74 -39.62
N PRO E 304 -42.72 -6.77 -38.27
CA PRO E 304 -43.55 -5.93 -37.42
C PRO E 304 -43.24 -4.43 -37.56
N GLY E 305 -42.08 -4.08 -38.16
CA GLY E 305 -41.72 -2.71 -38.54
C GLY E 305 -41.06 -1.93 -37.42
N PHE E 306 -40.50 -2.63 -36.44
CA PHE E 306 -39.84 -1.96 -35.30
C PHE E 306 -38.38 -2.43 -35.18
N VAL E 307 -37.46 -1.47 -35.09
CA VAL E 307 -36.01 -1.79 -34.93
C VAL E 307 -35.46 -0.93 -33.79
N LYS E 308 -34.69 -1.52 -32.89
CA LYS E 308 -34.07 -0.70 -31.82
C LYS E 308 -33.02 0.18 -32.51
N GLN E 309 -33.01 1.49 -32.25
CA GLN E 309 -32.06 2.40 -32.93
C GLN E 309 -31.35 3.28 -31.91
N ASN E 310 -30.10 3.64 -32.21
CA ASN E 310 -29.28 4.48 -31.29
C ASN E 310 -29.36 5.94 -31.77
N ALA E 311 -29.69 6.85 -30.86
CA ALA E 311 -29.72 8.30 -31.15
C ALA E 311 -28.92 9.01 -30.07
N TYR E 312 -27.98 9.88 -30.45
CA TYR E 312 -27.17 10.59 -29.44
C TYR E 312 -27.79 11.97 -29.18
N ASP E 313 -28.00 12.29 -27.91
CA ASP E 313 -28.39 13.65 -27.42
C ASP E 313 -27.13 14.31 -26.84
N PRO E 314 -26.47 15.19 -27.63
CA PRO E 314 -25.29 15.89 -27.16
C PRO E 314 -25.55 16.84 -25.98
N LYS E 315 -26.72 17.44 -25.89
CA LYS E 315 -27.06 18.33 -24.76
C LYS E 315 -26.94 17.54 -23.46
N LEU E 316 -27.36 16.28 -23.44
CA LEU E 316 -27.45 15.46 -22.19
C LEU E 316 -26.27 14.48 -22.06
N GLY E 317 -25.46 14.29 -23.12
CA GLY E 317 -24.41 13.28 -23.21
C GLY E 317 -24.94 11.90 -22.99
N MET E 318 -26.03 11.55 -23.69
CA MET E 318 -26.84 10.31 -23.44
C MET E 318 -27.23 9.71 -24.80
N ASP E 319 -27.01 8.41 -24.98
CA ASP E 319 -27.55 7.67 -26.15
C ASP E 319 -28.97 7.26 -25.80
N SER E 320 -29.82 7.17 -26.81
CA SER E 320 -31.15 6.50 -26.73
C SER E 320 -31.14 5.25 -27.60
N LEU E 321 -31.30 4.07 -26.99
CA LEU E 321 -31.72 2.82 -27.67
C LEU E 321 -33.22 2.64 -27.47
N VAL E 322 -34.03 3.18 -28.35
CA VAL E 322 -35.48 2.96 -28.22
C VAL E 322 -35.98 2.22 -29.46
N VAL E 323 -37.02 1.42 -29.26
CA VAL E 323 -37.78 0.75 -30.35
C VAL E 323 -38.44 1.85 -31.14
N THR E 324 -38.08 2.00 -32.43
CA THR E 324 -38.63 3.05 -33.30
C THR E 324 -39.08 2.38 -34.60
N PRO E 325 -40.03 2.99 -35.33
CA PRO E 325 -40.41 2.50 -36.66
C PRO E 325 -39.19 2.43 -37.58
N ILE E 326 -39.12 1.41 -38.41
CA ILE E 326 -38.07 1.28 -39.45
C ILE E 326 -38.38 2.24 -40.60
N SER E 327 -37.47 2.29 -41.56
CA SER E 327 -37.52 3.14 -42.79
C SER E 327 -38.04 2.28 -43.93
N GLN E 328 -38.59 2.90 -44.97
CA GLN E 328 -39.07 2.15 -46.16
C GLN E 328 -37.91 1.31 -46.70
N ALA E 329 -36.73 1.89 -46.89
CA ALA E 329 -35.55 1.16 -47.44
C ALA E 329 -35.32 -0.09 -46.60
N GLN E 330 -35.49 0.04 -45.28
CA GLN E 330 -35.26 -1.04 -44.28
C GLN E 330 -36.34 -2.11 -44.41
N ALA E 331 -37.61 -1.69 -44.49
CA ALA E 331 -38.79 -2.56 -44.73
C ALA E 331 -38.62 -3.39 -46.01
N ASN E 332 -38.05 -2.76 -47.04
CA ASN E 332 -37.81 -3.37 -48.37
C ASN E 332 -36.61 -4.32 -48.24
N GLN E 333 -35.62 -3.99 -47.43
CA GLN E 333 -34.47 -4.91 -47.25
C GLN E 333 -34.99 -6.18 -46.55
N ARG E 334 -35.89 -6.01 -45.58
CA ARG E 334 -36.50 -7.12 -44.78
C ARG E 334 -37.36 -7.97 -45.70
N ALA E 335 -38.23 -7.35 -46.50
CA ALA E 335 -39.11 -8.06 -47.47
C ALA E 335 -38.21 -8.84 -48.44
N GLY E 336 -37.14 -8.24 -48.95
CA GLY E 336 -36.30 -8.82 -50.01
C GLY E 336 -35.59 -10.07 -49.58
N ARG E 337 -35.60 -10.41 -48.29
CA ARG E 337 -34.89 -11.60 -47.74
C ARG E 337 -35.64 -12.87 -48.17
N ALA E 338 -36.90 -12.72 -48.60
CA ALA E 338 -37.80 -13.80 -49.10
C ALA E 338 -37.61 -14.02 -50.60
N GLY E 339 -37.00 -13.05 -51.27
CA GLY E 339 -36.87 -12.98 -52.74
C GLY E 339 -35.46 -13.31 -53.25
N ARG E 340 -34.57 -13.64 -52.31
CA ARG E 340 -33.15 -13.96 -52.60
C ARG E 340 -33.00 -15.26 -53.39
N THR E 341 -33.71 -16.32 -53.00
CA THR E 341 -33.56 -17.64 -53.69
C THR E 341 -34.69 -17.89 -54.68
N GLY E 342 -35.94 -17.55 -54.30
CA GLY E 342 -37.10 -17.78 -55.17
C GLY E 342 -38.25 -16.87 -54.80
N PRO E 343 -39.38 -16.86 -55.56
CA PRO E 343 -40.50 -16.01 -55.23
C PRO E 343 -40.97 -16.31 -53.80
N GLY E 344 -41.24 -15.24 -53.05
CA GLY E 344 -41.61 -15.29 -51.61
C GLY E 344 -42.69 -14.30 -51.19
N LYS E 345 -43.10 -14.33 -49.93
CA LYS E 345 -44.16 -13.47 -49.33
C LYS E 345 -43.54 -12.76 -48.11
N CYS E 346 -44.03 -11.55 -47.77
CA CYS E 346 -43.68 -10.76 -46.57
C CYS E 346 -44.96 -10.25 -45.92
N PHE E 347 -45.14 -10.49 -44.63
CA PHE E 347 -46.29 -10.01 -43.82
C PHE E 347 -45.85 -8.77 -43.04
N ARG E 348 -46.22 -7.58 -43.52
CA ARG E 348 -45.99 -6.28 -42.84
C ARG E 348 -47.11 -6.00 -41.85
N LEU E 349 -46.84 -6.12 -40.54
CA LEU E 349 -47.87 -5.97 -39.46
C LEU E 349 -48.11 -4.48 -39.19
N TYR E 350 -48.34 -3.72 -40.27
CA TYR E 350 -48.75 -2.30 -40.28
C TYR E 350 -49.58 -2.07 -41.55
N THR E 351 -50.29 -0.93 -41.62
CA THR E 351 -51.21 -0.58 -42.73
C THR E 351 -50.40 -0.11 -43.95
N GLU E 352 -50.98 -0.20 -45.16
CA GLU E 352 -50.32 0.26 -46.42
C GLU E 352 -50.09 1.77 -46.35
N ALA E 353 -51.01 2.46 -45.66
CA ALA E 353 -50.98 3.92 -45.44
C ALA E 353 -49.78 4.26 -44.56
N ALA E 354 -49.49 3.43 -43.55
CA ALA E 354 -48.32 3.59 -42.66
C ALA E 354 -47.01 3.41 -43.45
N TYR E 355 -46.95 2.50 -44.42
CA TYR E 355 -45.76 2.28 -45.27
C TYR E 355 -45.53 3.50 -46.17
N GLN E 356 -46.60 4.02 -46.77
CA GLN E 356 -46.54 4.92 -47.94
C GLN E 356 -46.33 6.36 -47.46
N SER E 357 -46.85 6.72 -46.28
CA SER E 357 -47.07 8.13 -45.87
C SER E 357 -46.46 8.45 -44.49
N GLU E 358 -46.14 7.45 -43.65
CA GLU E 358 -45.78 7.67 -42.22
C GLU E 358 -44.41 7.14 -41.87
N MET E 359 -43.76 6.45 -42.83
CA MET E 359 -42.40 5.85 -42.65
C MET E 359 -41.38 6.68 -43.43
N LEU E 360 -40.23 6.96 -42.81
CA LEU E 360 -39.15 7.72 -43.49
C LEU E 360 -38.68 6.91 -44.69
N PRO E 361 -38.41 7.53 -45.86
CA PRO E 361 -37.98 6.79 -47.04
C PRO E 361 -36.64 6.07 -46.84
N THR E 362 -35.69 6.71 -46.15
CA THR E 362 -34.37 6.09 -45.92
C THR E 362 -33.96 6.25 -44.45
N THR E 363 -33.14 5.32 -43.95
CA THR E 363 -32.66 5.34 -42.55
C THR E 363 -31.66 6.47 -42.38
N ILE E 364 -31.69 7.15 -41.23
CA ILE E 364 -30.73 8.27 -40.98
C ILE E 364 -29.31 7.71 -40.96
N PRO E 365 -28.32 8.35 -41.61
CA PRO E 365 -26.94 7.85 -41.62
C PRO E 365 -26.35 7.88 -40.21
N ASP E 366 -25.49 6.91 -39.90
CA ASP E 366 -24.89 6.77 -38.54
C ASP E 366 -24.23 8.08 -38.12
N ILE E 367 -23.54 8.74 -39.05
CA ILE E 367 -22.73 9.94 -38.69
C ILE E 367 -23.66 11.01 -38.13
N GLN E 368 -24.96 10.94 -38.45
CA GLN E 368 -25.93 11.96 -37.96
C GLN E 368 -26.61 11.56 -36.66
N ARG E 369 -26.27 10.44 -36.03
CA ARG E 369 -26.93 10.11 -34.75
C ARG E 369 -25.99 9.39 -33.78
N GLN E 370 -24.67 9.47 -33.96
CA GLN E 370 -23.69 8.96 -32.95
C GLN E 370 -22.89 10.12 -32.38
N ASN E 371 -22.32 9.94 -31.19
CA ASN E 371 -21.28 10.84 -30.62
C ASN E 371 -20.12 10.85 -31.62
N LEU E 372 -19.53 12.01 -31.90
CA LEU E 372 -18.45 12.16 -32.93
C LEU E 372 -17.10 12.59 -32.31
N ALA E 373 -16.95 12.58 -30.99
CA ALA E 373 -15.68 12.92 -30.30
C ALA E 373 -14.52 12.14 -30.92
N ASN E 374 -14.72 10.86 -31.20
CA ASN E 374 -13.72 9.94 -31.81
C ASN E 374 -13.38 10.42 -33.24
N THR E 375 -14.38 10.55 -34.08
CA THR E 375 -14.21 10.90 -35.51
C THR E 375 -13.56 12.28 -35.62
N ILE E 376 -13.95 13.23 -34.78
CA ILE E 376 -13.43 14.63 -34.80
C ILE E 376 -11.94 14.59 -34.45
N LEU E 377 -11.54 13.86 -33.42
CA LEU E 377 -10.13 13.80 -32.99
C LEU E 377 -9.27 13.26 -34.16
N LEU E 378 -9.76 12.26 -34.87
CA LEU E 378 -9.01 11.64 -35.97
C LEU E 378 -8.84 12.68 -37.09
N LEU E 379 -9.89 13.39 -37.44
CA LEU E 379 -9.82 14.38 -38.55
C LEU E 379 -8.89 15.52 -38.14
N LYS E 380 -8.92 15.95 -36.87
CA LYS E 380 -7.95 16.95 -36.35
C LYS E 380 -6.53 16.41 -36.56
N ALA E 381 -6.26 15.16 -36.18
CA ALA E 381 -4.93 14.53 -36.34
C ALA E 381 -4.52 14.55 -37.83
N MET E 382 -5.45 14.42 -38.77
CA MET E 382 -5.12 14.38 -40.22
C MET E 382 -4.83 15.79 -40.75
N GLY E 383 -4.98 16.81 -39.91
CA GLY E 383 -4.64 18.23 -40.22
C GLY E 383 -5.82 18.99 -40.81
N ILE E 384 -7.06 18.65 -40.42
CA ILE E 384 -8.33 19.33 -40.83
C ILE E 384 -8.88 20.11 -39.64
N ASN E 385 -9.10 21.42 -39.79
CA ASN E 385 -9.53 22.28 -38.63
C ASN E 385 -11.01 22.68 -38.70
N ASP E 386 -11.49 23.11 -39.86
CA ASP E 386 -12.91 23.56 -39.95
C ASP E 386 -13.81 22.35 -40.18
N LEU E 387 -14.02 21.55 -39.13
CA LEU E 387 -14.84 20.31 -39.18
C LEU E 387 -16.31 20.65 -39.49
N LEU E 388 -16.79 21.80 -39.02
CA LEU E 388 -18.18 22.23 -39.32
C LEU E 388 -18.33 22.45 -40.82
N ARG E 389 -17.30 23.00 -41.47
CA ARG E 389 -17.31 23.27 -42.94
C ARG E 389 -16.80 22.04 -43.72
N PHE E 390 -16.47 20.94 -43.04
CA PHE E 390 -15.94 19.73 -43.72
C PHE E 390 -16.98 19.19 -44.70
N ASP E 391 -16.52 18.66 -45.83
CA ASP E 391 -17.43 18.23 -46.92
C ASP E 391 -18.04 16.83 -46.69
N PHE E 392 -18.88 16.70 -45.67
CA PHE E 392 -19.66 15.46 -45.42
C PHE E 392 -20.82 15.35 -46.38
N MET E 393 -21.04 14.18 -46.99
CA MET E 393 -22.23 13.94 -47.82
C MET E 393 -23.50 14.32 -47.05
N ASP E 394 -23.65 13.85 -45.82
CA ASP E 394 -24.79 14.20 -44.95
C ASP E 394 -24.20 14.75 -43.65
N PRO E 395 -24.23 16.06 -43.41
CA PRO E 395 -23.50 16.64 -42.30
C PRO E 395 -24.16 16.30 -40.96
N PRO E 396 -23.35 16.03 -39.93
CA PRO E 396 -23.84 15.84 -38.58
C PRO E 396 -24.50 17.08 -38.03
N PRO E 397 -25.43 16.95 -37.07
CA PRO E 397 -25.99 18.10 -36.39
C PRO E 397 -24.89 19.00 -35.84
N VAL E 398 -25.11 20.31 -35.93
CA VAL E 398 -24.15 21.32 -35.43
C VAL E 398 -23.85 21.07 -33.96
N ASN E 399 -24.85 20.85 -33.10
CA ASN E 399 -24.67 20.72 -31.64
C ASN E 399 -23.76 19.53 -31.33
N THR E 400 -23.86 18.48 -32.13
CA THR E 400 -23.07 17.25 -31.94
C THR E 400 -21.59 17.62 -32.18
N MET E 401 -21.31 18.39 -33.26
CA MET E 401 -19.92 18.72 -33.58
C MET E 401 -19.38 19.68 -32.52
N LEU E 402 -20.18 20.64 -32.10
CA LEU E 402 -19.76 21.68 -31.14
C LEU E 402 -19.46 21.01 -29.80
N THR E 403 -20.32 20.11 -29.29
CA THR E 403 -20.10 19.45 -27.98
C THR E 403 -18.87 18.55 -28.07
N ALA E 404 -18.70 17.85 -29.19
CA ALA E 404 -17.52 16.98 -29.42
C ALA E 404 -16.25 17.83 -29.31
N LEU E 405 -16.24 19.00 -29.97
CA LEU E 405 -15.07 19.93 -29.94
C LEU E 405 -14.87 20.41 -28.51
N GLU E 406 -15.93 20.69 -27.76
CA GLU E 406 -15.83 21.16 -26.36
C GLU E 406 -15.26 20.03 -25.48
N GLU E 407 -15.60 18.79 -25.75
CA GLU E 407 -15.14 17.62 -24.95
C GLU E 407 -13.62 17.44 -25.21
N LEU E 408 -13.19 17.53 -26.45
CA LEU E 408 -11.76 17.41 -26.82
C LEU E 408 -10.98 18.54 -26.16
N TYR E 409 -11.55 19.75 -26.08
CA TYR E 409 -10.94 20.89 -25.36
C TYR E 409 -10.79 20.49 -23.87
N ALA E 410 -11.83 19.99 -23.21
CA ALA E 410 -11.80 19.71 -21.76
C ALA E 410 -10.75 18.63 -21.41
N LEU E 411 -10.40 17.75 -22.35
CA LEU E 411 -9.47 16.63 -22.12
C LEU E 411 -8.03 17.05 -22.41
N GLY E 412 -7.85 18.18 -23.10
CA GLY E 412 -6.51 18.73 -23.38
C GLY E 412 -6.01 18.37 -24.77
N ALA E 413 -6.92 17.84 -25.61
CA ALA E 413 -6.62 17.39 -26.98
C ALA E 413 -6.63 18.57 -27.95
N LEU E 414 -7.32 19.66 -27.59
CA LEU E 414 -7.39 20.95 -28.34
C LEU E 414 -7.05 22.12 -27.40
N ASP E 415 -6.41 23.16 -27.93
CA ASP E 415 -6.15 24.40 -27.15
C ASP E 415 -7.36 25.34 -27.31
N ASP E 416 -7.28 26.56 -26.74
CA ASP E 416 -8.35 27.60 -26.68
C ASP E 416 -8.81 28.02 -28.08
N GLU E 417 -7.94 27.86 -29.11
CA GLU E 417 -8.22 28.20 -30.54
C GLU E 417 -8.72 26.96 -31.31
N GLY E 418 -8.82 25.81 -30.64
CA GLY E 418 -9.31 24.55 -31.23
C GLY E 418 -8.26 23.80 -32.06
N LEU E 419 -6.96 24.15 -31.98
CA LEU E 419 -5.88 23.42 -32.71
C LEU E 419 -5.48 22.20 -31.87
N LEU E 420 -5.00 21.16 -32.55
CA LEU E 420 -4.59 19.86 -31.95
C LEU E 420 -3.36 20.10 -31.09
N THR E 421 -3.39 19.66 -29.84
CA THR E 421 -2.26 19.74 -28.89
C THR E 421 -1.34 18.53 -29.09
N ARG E 422 -0.17 18.55 -28.44
CA ARG E 422 0.77 17.40 -28.48
C ARG E 422 0.02 16.21 -27.88
N LEU E 423 -0.65 16.40 -26.73
CA LEU E 423 -1.49 15.35 -26.07
C LEU E 423 -2.56 14.81 -27.04
N GLY E 424 -3.31 15.68 -27.69
CA GLY E 424 -4.30 15.30 -28.71
C GLY E 424 -3.73 14.38 -29.76
N ARG E 425 -2.58 14.72 -30.34
CA ARG E 425 -1.99 13.92 -31.45
C ARG E 425 -1.66 12.54 -30.88
N LYS E 426 -1.20 12.46 -29.63
CA LYS E 426 -0.87 11.16 -28.99
C LYS E 426 -2.16 10.36 -28.81
N MET E 427 -3.24 11.04 -28.38
CA MET E 427 -4.54 10.41 -28.03
C MET E 427 -5.18 9.85 -29.31
N ALA E 428 -4.89 10.48 -30.44
CA ALA E 428 -5.41 10.08 -31.77
C ALA E 428 -4.78 8.77 -32.22
N ASP E 429 -3.62 8.38 -31.69
CA ASP E 429 -2.97 7.09 -32.07
C ASP E 429 -3.78 5.92 -31.50
N PHE E 430 -4.47 6.13 -30.37
CA PHE E 430 -5.19 5.06 -29.62
C PHE E 430 -6.57 4.84 -30.21
N PRO E 431 -6.90 3.61 -30.63
CA PRO E 431 -8.16 3.31 -31.30
C PRO E 431 -9.32 3.14 -30.32
N MET E 432 -9.72 4.24 -29.69
CA MET E 432 -10.76 4.28 -28.63
C MET E 432 -11.23 5.74 -28.50
N GLU E 433 -12.35 5.97 -27.80
CA GLU E 433 -12.90 7.33 -27.59
C GLU E 433 -11.85 8.15 -26.84
N PRO E 434 -11.75 9.48 -27.03
CA PRO E 434 -10.72 10.26 -26.35
C PRO E 434 -10.69 10.07 -24.83
N SER E 435 -11.85 9.99 -24.17
CA SER E 435 -11.93 9.91 -22.68
C SER E 435 -11.15 8.68 -22.22
N LEU E 436 -11.19 7.57 -22.97
CA LEU E 436 -10.43 6.34 -22.60
C LEU E 436 -8.93 6.59 -22.79
N SER E 437 -8.52 7.15 -23.91
CA SER E 437 -7.07 7.45 -24.15
C SER E 437 -6.59 8.39 -23.04
N LYS E 438 -7.40 9.37 -22.65
CA LYS E 438 -7.03 10.35 -21.58
C LYS E 438 -6.69 9.60 -20.29
N VAL E 439 -7.43 8.54 -20.02
CA VAL E 439 -7.37 7.79 -18.73
C VAL E 439 -6.13 6.88 -18.78
N LEU E 440 -5.85 6.31 -19.95
CA LEU E 440 -4.60 5.52 -20.15
C LEU E 440 -3.39 6.42 -19.85
N ILE E 441 -3.43 7.67 -20.24
CA ILE E 441 -2.28 8.58 -20.07
C ILE E 441 -2.20 9.08 -18.62
N ALA E 442 -3.32 9.43 -18.03
CA ALA E 442 -3.40 9.75 -16.59
C ALA E 442 -2.91 8.55 -15.75
N SER E 443 -3.10 7.31 -16.22
CA SER E 443 -2.76 6.11 -15.42
C SER E 443 -1.25 5.98 -15.24
N VAL E 444 -0.42 6.63 -16.07
CA VAL E 444 1.07 6.46 -16.00
C VAL E 444 1.51 7.26 -14.77
N ASP E 445 1.10 8.54 -14.67
CA ASP E 445 1.42 9.41 -13.51
C ASP E 445 0.98 8.75 -12.21
N LYS E 446 -0.13 8.00 -12.20
CA LYS E 446 -0.71 7.45 -10.94
C LYS E 446 -0.07 6.08 -10.60
N GLY E 447 0.67 5.49 -11.55
CA GLY E 447 1.30 4.16 -11.41
C GLY E 447 0.32 3.01 -11.43
N CYS E 448 -0.66 3.04 -12.34
CA CYS E 448 -1.72 2.01 -12.48
C CYS E 448 -2.03 1.71 -13.95
N SER E 449 -1.08 1.95 -14.87
CA SER E 449 -1.26 1.75 -16.32
C SER E 449 -1.50 0.26 -16.62
N ASP E 450 -0.98 -0.65 -15.79
CA ASP E 450 -1.08 -2.10 -16.05
C ASP E 450 -2.53 -2.50 -15.92
N GLU E 451 -3.16 -2.04 -14.83
CA GLU E 451 -4.60 -2.31 -14.56
C GLU E 451 -5.42 -1.52 -15.57
N MET E 452 -5.05 -0.27 -15.85
CA MET E 452 -5.91 0.61 -16.68
C MET E 452 -5.95 0.06 -18.11
N VAL E 453 -4.88 -0.58 -18.58
CA VAL E 453 -4.85 -1.16 -19.94
C VAL E 453 -5.90 -2.27 -20.01
N THR E 454 -5.94 -3.11 -18.99
CA THR E 454 -6.93 -4.20 -18.86
C THR E 454 -8.33 -3.58 -18.81
N ILE E 455 -8.55 -2.58 -17.98
CA ILE E 455 -9.91 -2.02 -17.83
C ILE E 455 -10.35 -1.40 -19.17
N VAL E 456 -9.46 -0.70 -19.87
CA VAL E 456 -9.83 0.00 -21.15
C VAL E 456 -10.09 -1.06 -22.22
N SER E 457 -9.39 -2.18 -22.17
CA SER E 457 -9.56 -3.34 -23.09
C SER E 457 -10.96 -3.92 -22.94
N MET E 458 -11.54 -3.86 -21.72
CA MET E 458 -12.84 -4.52 -21.40
C MET E 458 -14.02 -3.57 -21.68
N LEU E 459 -13.74 -2.30 -22.00
CA LEU E 459 -14.79 -1.30 -22.30
C LEU E 459 -14.90 -1.27 -23.82
N ASN E 460 -16.08 -0.89 -24.34
CA ASN E 460 -16.35 -0.93 -25.80
C ASN E 460 -16.21 -2.38 -26.31
N LEU E 461 -16.72 -3.34 -25.55
CA LEU E 461 -16.72 -4.79 -25.91
C LEU E 461 -18.15 -5.19 -26.32
N GLN E 462 -18.30 -6.19 -27.20
CA GLN E 462 -19.66 -6.56 -27.67
C GLN E 462 -20.53 -7.06 -26.51
N GLN E 463 -20.05 -8.01 -25.72
CA GLN E 463 -20.79 -8.52 -24.54
C GLN E 463 -19.82 -9.29 -23.65
N ILE E 464 -19.95 -9.20 -22.33
CA ILE E 464 -19.00 -9.92 -21.44
C ILE E 464 -19.76 -10.96 -20.62
N PHE E 465 -21.01 -10.67 -20.26
CA PHE E 465 -21.79 -11.57 -19.38
C PHE E 465 -22.94 -12.18 -20.18
N TYR E 466 -22.86 -13.49 -20.41
CA TYR E 466 -23.90 -14.29 -21.08
C TYR E 466 -24.98 -14.58 -20.04
N ARG E 467 -26.22 -14.33 -20.46
CA ARG E 467 -27.41 -14.39 -19.60
C ARG E 467 -28.48 -15.18 -20.34
N PRO E 468 -28.37 -16.52 -20.45
CA PRO E 468 -29.41 -17.32 -21.11
C PRO E 468 -30.70 -17.31 -20.27
N LYS E 469 -31.87 -17.35 -20.91
CA LYS E 469 -33.18 -17.09 -20.24
C LYS E 469 -33.39 -18.06 -19.07
N ASP E 470 -33.18 -19.36 -19.31
CA ASP E 470 -33.38 -20.44 -18.31
C ASP E 470 -32.42 -20.30 -17.12
N LYS E 471 -31.21 -19.76 -17.31
CA LYS E 471 -30.17 -19.84 -16.25
C LYS E 471 -29.68 -18.41 -15.92
N GLN E 472 -30.61 -17.45 -15.80
CA GLN E 472 -30.23 -16.05 -15.52
C GLN E 472 -29.81 -15.88 -14.05
N GLN E 473 -30.43 -16.53 -13.07
CA GLN E 473 -29.98 -16.35 -11.66
C GLN E 473 -28.63 -17.04 -11.45
N GLN E 474 -28.36 -18.16 -12.15
CA GLN E 474 -27.07 -18.91 -12.07
C GLN E 474 -25.94 -18.02 -12.63
N ALA E 475 -26.20 -17.30 -13.73
CA ALA E 475 -25.27 -16.39 -14.42
C ALA E 475 -24.92 -15.20 -13.53
N ASP E 476 -25.92 -14.54 -12.96
CA ASP E 476 -25.75 -13.40 -12.02
C ASP E 476 -24.99 -13.85 -10.78
N GLN E 477 -25.22 -15.07 -10.26
CA GLN E 477 -24.52 -15.62 -9.06
C GLN E 477 -23.03 -15.73 -9.38
N LYS E 478 -22.70 -16.19 -10.58
CA LYS E 478 -21.30 -16.41 -11.02
C LYS E 478 -20.66 -15.03 -11.23
N LYS E 479 -21.39 -14.09 -11.82
CA LYS E 479 -20.91 -12.71 -12.07
C LYS E 479 -20.53 -12.02 -10.75
N ALA E 480 -21.36 -12.20 -9.72
CA ALA E 480 -21.24 -11.54 -8.40
C ALA E 480 -19.92 -11.94 -7.71
N LYS E 481 -19.36 -13.10 -8.05
CA LYS E 481 -18.07 -13.57 -7.47
C LYS E 481 -16.95 -12.58 -7.84
N PHE E 482 -17.13 -11.81 -8.93
CA PHE E 482 -16.12 -10.85 -9.46
C PHE E 482 -16.39 -9.39 -9.03
N HIS E 483 -17.56 -9.10 -8.43
CA HIS E 483 -17.93 -7.72 -8.01
C HIS E 483 -16.82 -7.13 -7.14
N ASP E 484 -16.35 -5.93 -7.49
CA ASP E 484 -15.53 -5.08 -6.58
C ASP E 484 -16.47 -4.12 -5.86
N PRO E 485 -16.26 -3.87 -4.53
CA PRO E 485 -17.08 -2.94 -3.78
C PRO E 485 -17.17 -1.55 -4.40
N THR E 486 -16.15 -1.11 -5.15
CA THR E 486 -16.08 0.24 -5.77
C THR E 486 -16.96 0.32 -7.01
N GLY E 487 -17.31 -0.82 -7.62
CA GLY E 487 -18.19 -0.85 -8.80
C GLY E 487 -17.59 -1.61 -9.98
N ASP E 488 -17.97 -1.16 -11.18
CA ASP E 488 -17.89 -1.99 -12.41
C ASP E 488 -16.47 -1.95 -13.01
N HIS E 489 -15.68 -0.90 -12.81
CA HIS E 489 -14.38 -0.76 -13.53
C HIS E 489 -13.47 -1.86 -12.99
N LEU E 490 -13.36 -2.00 -11.67
CA LEU E 490 -12.47 -3.04 -11.06
C LEU E 490 -13.14 -4.43 -11.13
N THR E 491 -14.45 -4.52 -11.32
CA THR E 491 -15.12 -5.79 -11.69
C THR E 491 -14.54 -6.26 -13.03
N LEU E 492 -14.50 -5.39 -14.04
CA LEU E 492 -13.92 -5.74 -15.37
C LEU E 492 -12.48 -6.25 -15.19
N LEU E 493 -11.71 -5.59 -14.31
CA LEU E 493 -10.32 -6.00 -14.01
C LEU E 493 -10.32 -7.40 -13.43
N ASN E 494 -11.19 -7.65 -12.44
CA ASN E 494 -11.34 -8.94 -11.74
C ASN E 494 -11.63 -10.02 -12.78
N VAL E 495 -12.62 -9.79 -13.65
CA VAL E 495 -13.03 -10.79 -14.68
C VAL E 495 -11.82 -11.11 -15.57
N TYR E 496 -11.15 -10.10 -16.11
CA TYR E 496 -10.01 -10.33 -17.05
C TYR E 496 -8.95 -11.15 -16.30
N ASN E 497 -8.66 -10.80 -15.04
CA ASN E 497 -7.61 -11.44 -14.21
C ASN E 497 -8.02 -12.90 -13.97
N ALA E 498 -9.27 -13.17 -13.59
CA ALA E 498 -9.74 -14.54 -13.29
C ALA E 498 -9.61 -15.41 -14.54
N TRP E 499 -9.96 -14.90 -15.70
CA TRP E 499 -9.82 -15.59 -17.01
C TRP E 499 -8.35 -15.90 -17.28
N LYS E 500 -7.47 -14.91 -17.11
CA LYS E 500 -6.00 -15.08 -17.29
C LYS E 500 -5.56 -16.22 -16.36
N ASN E 501 -5.87 -16.14 -15.07
CA ASN E 501 -5.43 -17.10 -14.03
C ASN E 501 -6.11 -18.47 -14.21
N SER E 502 -7.10 -18.56 -15.10
CA SER E 502 -7.74 -19.84 -15.53
C SER E 502 -6.95 -20.46 -16.70
N GLY E 503 -5.88 -19.79 -17.18
CA GLY E 503 -5.12 -20.15 -18.38
C GLY E 503 -5.89 -19.87 -19.65
N TYR E 504 -6.72 -18.82 -19.65
CA TYR E 504 -7.50 -18.38 -20.83
C TYR E 504 -8.41 -19.53 -21.28
N SER E 505 -9.01 -20.24 -20.32
CA SER E 505 -9.83 -21.47 -20.53
C SER E 505 -11.20 -21.14 -21.12
N ASN E 506 -11.60 -21.81 -22.21
CA ASN E 506 -12.98 -21.72 -22.76
C ASN E 506 -13.94 -22.36 -21.74
N ALA E 507 -13.51 -23.45 -21.10
CA ALA E 507 -14.31 -24.15 -20.08
C ALA E 507 -14.66 -23.16 -18.97
N TRP E 508 -13.71 -22.35 -18.51
CA TRP E 508 -13.89 -21.40 -17.37
C TRP E 508 -14.90 -20.31 -17.77
N CYS E 509 -14.86 -19.92 -19.04
CA CYS E 509 -15.84 -18.97 -19.62
C CYS E 509 -17.23 -19.58 -19.56
N PHE E 510 -17.38 -20.84 -20.03
CA PHE E 510 -18.66 -21.58 -20.07
C PHE E 510 -19.18 -21.71 -18.63
N GLU E 511 -18.34 -22.17 -17.71
CA GLU E 511 -18.71 -22.41 -16.28
C GLU E 511 -19.17 -21.10 -15.63
N ASN E 512 -18.60 -19.95 -15.98
CA ASN E 512 -18.86 -18.64 -15.29
C ASN E 512 -19.75 -17.73 -16.15
N TYR E 513 -20.36 -18.28 -17.20
CA TYR E 513 -21.28 -17.54 -18.09
C TYR E 513 -20.60 -16.30 -18.67
N ILE E 514 -19.34 -16.45 -19.09
CA ILE E 514 -18.57 -15.32 -19.69
C ILE E 514 -18.29 -15.64 -21.15
N GLN E 515 -18.58 -14.69 -22.06
CA GLN E 515 -18.38 -14.92 -23.51
C GLN E 515 -16.88 -15.00 -23.81
N ALA E 516 -16.46 -16.09 -24.47
CA ALA E 516 -15.04 -16.30 -24.84
C ALA E 516 -14.60 -15.24 -25.86
N ARG E 517 -15.48 -14.92 -26.81
CA ARG E 517 -15.15 -13.95 -27.88
C ARG E 517 -14.83 -12.60 -27.25
N ALA E 518 -15.60 -12.20 -26.23
CA ALA E 518 -15.36 -10.91 -25.56
C ALA E 518 -13.98 -10.92 -24.89
N MET E 519 -13.65 -12.01 -24.21
CA MET E 519 -12.35 -12.11 -23.51
C MET E 519 -11.23 -12.20 -24.55
N ARG E 520 -11.48 -12.85 -25.69
CA ARG E 520 -10.44 -13.07 -26.73
C ARG E 520 -10.18 -11.75 -27.46
N ARG E 521 -11.21 -10.93 -27.63
CA ARG E 521 -11.03 -9.56 -28.17
C ARG E 521 -10.32 -8.69 -27.13
N ALA E 522 -10.75 -8.72 -25.87
CA ALA E 522 -10.13 -7.89 -24.82
C ALA E 522 -8.62 -8.08 -24.94
N ARG E 523 -8.20 -9.35 -25.01
CA ARG E 523 -6.76 -9.72 -24.98
C ARG E 523 -6.06 -9.09 -26.19
N ASP E 524 -6.66 -9.22 -27.38
CA ASP E 524 -6.05 -8.70 -28.63
C ASP E 524 -5.94 -7.16 -28.55
N VAL E 525 -6.95 -6.49 -28.00
CA VAL E 525 -6.95 -5.02 -27.75
C VAL E 525 -5.83 -4.69 -26.76
N ARG E 526 -5.69 -5.51 -25.71
CA ARG E 526 -4.65 -5.25 -24.69
C ARG E 526 -3.28 -5.29 -25.37
N GLN E 527 -3.08 -6.24 -26.29
CA GLN E 527 -1.78 -6.35 -27.00
C GLN E 527 -1.55 -5.08 -27.81
N GLN E 528 -2.58 -4.61 -28.52
CA GLN E 528 -2.46 -3.38 -29.35
C GLN E 528 -2.20 -2.16 -28.46
N ILE E 529 -2.90 -2.06 -27.34
CA ILE E 529 -2.77 -0.88 -26.43
C ILE E 529 -1.35 -0.80 -25.86
N VAL E 530 -0.80 -1.93 -25.41
CA VAL E 530 0.56 -1.91 -24.80
C VAL E 530 1.61 -1.47 -25.85
N LYS E 531 1.47 -1.91 -27.09
CA LYS E 531 2.43 -1.52 -28.16
C LYS E 531 2.38 0.00 -28.31
N ILE E 532 1.17 0.57 -28.34
CA ILE E 532 0.99 2.04 -28.49
C ILE E 532 1.60 2.73 -27.27
N MET E 533 1.40 2.18 -26.08
CA MET E 533 1.98 2.79 -24.85
C MET E 533 3.50 2.74 -24.95
N GLU E 534 4.05 1.61 -25.43
CA GLU E 534 5.51 1.45 -25.58
C GLU E 534 6.03 2.45 -26.62
N ARG E 535 5.28 2.62 -27.72
CA ARG E 535 5.70 3.51 -28.83
C ARG E 535 5.80 4.95 -28.33
N HIS E 536 4.91 5.36 -27.42
CA HIS E 536 4.94 6.73 -26.86
C HIS E 536 5.82 6.75 -25.61
N ARG E 537 6.65 5.72 -25.45
CA ARG E 537 7.59 5.59 -24.32
C ARG E 537 6.85 5.81 -22.99
N HIS E 538 5.82 4.99 -22.74
CA HIS E 538 5.04 5.06 -21.49
C HIS E 538 5.18 3.72 -20.76
N PRO E 539 5.77 3.64 -19.56
CA PRO E 539 5.92 2.36 -18.89
C PRO E 539 4.52 1.83 -18.50
N ILE E 540 4.38 0.52 -18.48
CA ILE E 540 3.21 -0.20 -17.92
C ILE E 540 3.54 -0.60 -16.48
N ILE E 541 2.84 -0.01 -15.52
CA ILE E 541 3.12 -0.16 -14.07
C ILE E 541 1.88 -0.68 -13.35
N SER E 542 2.08 -1.66 -12.45
CA SER E 542 0.98 -2.18 -11.58
C SER E 542 0.85 -1.34 -10.30
N CYS E 543 -0.37 -1.09 -9.86
CA CYS E 543 -0.66 -0.32 -8.62
C CYS E 543 -0.75 -1.29 -7.44
N GLY E 544 -0.74 -2.59 -7.73
CA GLY E 544 -0.90 -3.65 -6.72
C GLY E 544 -2.23 -3.51 -6.00
N ARG E 545 -2.17 -3.46 -4.67
CA ARG E 545 -3.36 -3.37 -3.77
C ARG E 545 -3.89 -1.94 -3.72
N ASP E 546 -3.14 -0.92 -4.16
CA ASP E 546 -3.55 0.51 -4.04
C ASP E 546 -4.41 0.91 -5.26
N THR E 547 -5.63 0.40 -5.35
CA THR E 547 -6.53 0.54 -6.52
C THR E 547 -7.23 1.91 -6.50
N ASP E 548 -7.09 2.71 -5.44
CA ASP E 548 -7.58 4.10 -5.50
C ASP E 548 -6.89 4.80 -6.67
N LYS E 549 -5.66 4.43 -7.02
CA LYS E 549 -4.94 5.08 -8.15
C LYS E 549 -5.74 4.91 -9.46
N ILE E 550 -6.43 3.78 -9.66
CA ILE E 550 -7.23 3.51 -10.88
C ILE E 550 -8.42 4.47 -10.89
N ARG E 551 -9.09 4.62 -9.75
CA ARG E 551 -10.31 5.46 -9.66
C ARG E 551 -9.92 6.93 -9.84
N GLN E 552 -8.78 7.35 -9.29
CA GLN E 552 -8.23 8.73 -9.45
C GLN E 552 -8.00 8.99 -10.93
N ALA E 553 -7.27 8.09 -11.60
CA ALA E 553 -6.99 8.20 -13.05
C ALA E 553 -8.29 8.28 -13.86
N LEU E 554 -9.33 7.51 -13.53
CA LEU E 554 -10.62 7.53 -14.28
C LEU E 554 -11.21 8.96 -14.21
N CYS E 555 -11.07 9.64 -13.08
CA CYS E 555 -11.58 11.02 -12.92
C CYS E 555 -10.92 11.95 -13.98
N ALA E 556 -9.76 11.61 -14.52
CA ALA E 556 -9.03 12.48 -15.46
C ALA E 556 -9.76 12.57 -16.81
N GLY E 557 -10.47 11.51 -17.18
CA GLY E 557 -11.15 11.42 -18.48
C GLY E 557 -12.67 11.43 -18.40
N PHE E 558 -13.25 11.19 -17.22
CA PHE E 558 -14.71 10.92 -17.11
C PHE E 558 -15.37 11.87 -16.11
N PHE E 559 -14.75 13.01 -15.87
CA PHE E 559 -15.25 14.04 -14.92
C PHE E 559 -16.60 14.57 -15.39
N ARG E 560 -16.88 14.57 -16.69
CA ARG E 560 -18.18 15.06 -17.26
C ARG E 560 -19.25 14.03 -16.92
N ASN E 561 -18.87 12.78 -16.72
CA ASN E 561 -19.83 11.66 -16.52
C ASN E 561 -19.92 11.37 -15.01
N THR E 562 -20.41 12.30 -14.21
CA THR E 562 -20.39 12.15 -12.73
C THR E 562 -21.79 12.42 -12.19
N ALA E 563 -22.17 11.74 -11.12
CA ALA E 563 -23.49 11.93 -10.49
C ALA E 563 -23.35 11.80 -8.97
N ARG E 564 -24.30 12.39 -8.24
CA ARG E 564 -24.37 12.32 -6.77
C ARG E 564 -25.68 11.64 -6.40
N LYS E 565 -25.68 10.84 -5.32
CA LYS E 565 -26.88 10.08 -4.90
C LYS E 565 -27.99 11.04 -4.51
N ASP E 566 -29.23 10.69 -4.87
CA ASP E 566 -30.44 11.52 -4.56
C ASP E 566 -31.22 10.84 -3.43
N PRO E 567 -31.56 11.55 -2.34
CA PRO E 567 -32.31 10.97 -1.22
C PRO E 567 -33.57 10.23 -1.67
N GLY E 570 -32.91 7.86 -7.14
CA GLY E 570 -31.56 7.51 -7.64
C GLY E 570 -30.56 8.69 -7.59
N TYR E 571 -29.85 8.90 -8.67
CA TYR E 571 -28.71 9.84 -8.78
C TYR E 571 -29.11 11.03 -9.67
N LYS E 572 -28.34 12.12 -9.60
CA LYS E 572 -28.52 13.34 -10.46
C LYS E 572 -27.13 13.74 -10.98
N THR E 573 -27.00 14.09 -12.27
CA THR E 573 -25.67 14.38 -12.87
C THR E 573 -25.16 15.69 -12.30
N LEU E 574 -23.87 15.82 -12.02
CA LEU E 574 -23.27 17.05 -11.44
C LEU E 574 -23.49 18.25 -12.36
N THR E 575 -23.25 18.08 -13.66
CA THR E 575 -23.24 19.21 -14.63
C THR E 575 -24.68 19.70 -14.88
N GLU E 576 -25.60 18.84 -15.34
CA GLU E 576 -26.94 19.25 -15.86
C GLU E 576 -28.07 18.94 -14.86
N GLY E 577 -27.79 18.25 -13.74
CA GLY E 577 -28.80 17.84 -12.74
C GLY E 577 -29.74 16.71 -13.22
N THR E 578 -29.49 16.12 -14.40
CA THR E 578 -30.39 15.10 -15.04
C THR E 578 -30.52 13.90 -14.12
N PRO E 579 -31.75 13.40 -13.82
CA PRO E 579 -31.88 12.16 -13.05
C PRO E 579 -31.42 10.97 -13.91
N VAL E 580 -30.56 10.12 -13.33
CA VAL E 580 -29.95 8.91 -13.95
C VAL E 580 -29.95 7.76 -12.93
N TYR E 581 -29.84 6.52 -13.38
CA TYR E 581 -30.08 5.32 -12.55
C TYR E 581 -28.95 4.30 -12.74
N LEU E 582 -28.57 3.61 -11.69
CA LEU E 582 -27.68 2.42 -11.72
C LEU E 582 -28.36 1.31 -12.52
N HIS E 583 -27.64 0.73 -13.46
CA HIS E 583 -28.09 -0.43 -14.25
C HIS E 583 -28.13 -1.65 -13.33
N PRO E 584 -29.14 -2.54 -13.46
CA PRO E 584 -29.26 -3.71 -12.60
C PRO E 584 -28.08 -4.68 -12.73
N SER E 585 -27.37 -4.65 -13.85
CA SER E 585 -26.13 -5.46 -14.02
C SER E 585 -24.98 -4.89 -13.19
N SER E 586 -25.09 -3.71 -12.56
CA SER E 586 -23.92 -3.04 -11.94
C SER E 586 -23.58 -3.68 -10.59
N ALA E 587 -22.29 -3.76 -10.30
CA ALA E 587 -21.74 -4.23 -9.02
C ALA E 587 -22.19 -3.30 -7.87
N LEU E 588 -22.68 -2.12 -8.22
CA LEU E 588 -23.13 -1.06 -7.27
C LEU E 588 -24.65 -1.13 -7.09
N PHE E 589 -25.31 -2.10 -7.71
CA PHE E 589 -26.79 -2.08 -7.81
C PHE E 589 -27.42 -1.99 -6.40
N GLY E 590 -27.24 -2.99 -5.58
CA GLY E 590 -27.89 -2.97 -4.24
C GLY E 590 -27.22 -2.04 -3.25
N LYS E 591 -26.23 -1.23 -3.68
CA LYS E 591 -25.16 -0.70 -2.78
C LYS E 591 -25.27 0.82 -2.70
N GLN E 592 -24.74 1.40 -1.62
CA GLN E 592 -24.70 2.88 -1.41
C GLN E 592 -23.39 3.41 -1.95
N ALA E 593 -23.44 4.55 -2.61
CA ALA E 593 -22.27 5.29 -3.08
C ALA E 593 -22.75 6.70 -3.40
N GLU E 594 -22.29 7.69 -2.61
CA GLU E 594 -22.82 9.06 -2.74
C GLU E 594 -22.39 9.61 -4.10
N TRP E 595 -21.10 9.52 -4.42
CA TRP E 595 -20.53 10.06 -5.66
C TRP E 595 -20.17 8.91 -6.60
N VAL E 596 -20.56 9.02 -7.87
CA VAL E 596 -20.15 8.03 -8.91
C VAL E 596 -19.68 8.72 -10.19
N LEU E 597 -18.95 7.94 -10.95
CA LEU E 597 -18.47 8.23 -12.32
C LEU E 597 -18.90 7.06 -13.18
N TYR E 598 -19.31 7.31 -14.41
CA TYR E 598 -19.93 6.29 -15.31
C TYR E 598 -19.27 6.37 -16.69
N HIS E 599 -19.20 5.26 -17.40
CA HIS E 599 -18.52 5.21 -18.73
C HIS E 599 -19.40 5.90 -19.77
N GLU E 600 -20.67 5.60 -19.73
CA GLU E 600 -21.65 5.90 -20.81
C GLU E 600 -23.01 5.96 -20.11
N LEU E 601 -23.87 6.84 -20.57
CA LEU E 601 -25.26 7.00 -20.09
C LEU E 601 -26.16 6.61 -21.24
N VAL E 602 -27.05 5.62 -21.08
CA VAL E 602 -27.89 5.12 -22.20
C VAL E 602 -29.34 5.00 -21.72
N LEU E 603 -30.23 5.73 -22.36
CA LEU E 603 -31.70 5.62 -22.19
C LEU E 603 -32.26 4.44 -22.98
N THR E 604 -32.64 3.36 -22.30
CA THR E 604 -33.34 2.20 -22.90
C THR E 604 -34.74 2.23 -22.26
N THR E 605 -34.95 1.40 -21.25
CA THR E 605 -36.23 1.42 -20.47
C THR E 605 -36.30 2.76 -19.75
N LYS E 606 -35.16 3.18 -19.18
CA LYS E 606 -34.99 4.47 -18.46
C LYS E 606 -33.53 4.91 -18.59
N GLU E 607 -33.22 6.17 -18.24
CA GLU E 607 -31.80 6.61 -18.38
C GLU E 607 -30.95 5.75 -17.43
N TYR E 608 -29.97 5.04 -17.98
CA TYR E 608 -29.14 4.12 -17.17
C TYR E 608 -27.65 4.44 -17.31
N MET E 609 -26.95 4.51 -16.17
CA MET E 609 -25.50 4.72 -16.18
C MET E 609 -24.84 3.36 -16.45
N HIS E 610 -23.78 3.32 -17.25
CA HIS E 610 -23.13 2.02 -17.55
C HIS E 610 -21.70 1.99 -16.99
N PHE E 611 -21.30 0.85 -16.40
CA PHE E 611 -19.93 0.68 -15.84
C PHE E 611 -19.64 1.77 -14.80
N THR E 612 -20.55 1.93 -13.84
CA THR E 612 -20.43 2.93 -12.75
C THR E 612 -19.40 2.49 -11.69
N THR E 613 -18.58 3.44 -11.23
CA THR E 613 -17.58 3.30 -10.16
C THR E 613 -17.76 4.42 -9.12
N ALA E 614 -17.80 4.06 -7.83
CA ALA E 614 -17.84 5.00 -6.69
C ALA E 614 -16.58 5.84 -6.71
N ILE E 615 -16.72 7.15 -6.50
CA ILE E 615 -15.55 8.06 -6.39
C ILE E 615 -15.71 8.91 -5.14
N GLU E 616 -14.61 9.55 -4.75
CA GLU E 616 -14.57 10.63 -3.72
C GLU E 616 -14.43 11.96 -4.45
N PRO E 617 -15.20 13.00 -4.08
CA PRO E 617 -15.20 14.25 -4.83
C PRO E 617 -13.80 14.89 -4.87
N LYS E 618 -12.99 14.74 -3.81
CA LYS E 618 -11.61 15.25 -3.81
C LYS E 618 -10.91 14.85 -5.13
N TRP E 619 -11.14 13.63 -5.64
CA TRP E 619 -10.46 13.13 -6.86
C TRP E 619 -10.90 13.91 -8.11
N LEU E 620 -12.10 14.48 -8.13
CA LEU E 620 -12.55 15.28 -9.29
C LEU E 620 -11.72 16.57 -9.40
N VAL E 621 -11.58 17.32 -8.31
CA VAL E 621 -10.83 18.59 -8.31
C VAL E 621 -9.34 18.31 -8.52
N GLU E 622 -8.84 17.18 -8.03
CA GLU E 622 -7.42 16.77 -8.26
C GLU E 622 -7.21 16.53 -9.77
N ALA E 623 -8.02 15.66 -10.38
CA ALA E 623 -7.84 15.12 -11.75
C ALA E 623 -8.26 16.13 -12.82
N ALA E 624 -9.19 17.05 -12.54
CA ALA E 624 -9.70 18.00 -13.54
C ALA E 624 -9.80 19.40 -12.93
N PRO E 625 -8.65 20.06 -12.61
CA PRO E 625 -8.68 21.28 -11.84
C PRO E 625 -9.32 22.43 -12.63
N THR E 626 -9.41 22.31 -13.97
CA THR E 626 -9.90 23.37 -14.87
C THR E 626 -11.42 23.23 -15.06
N PHE E 627 -11.95 22.04 -14.88
CA PHE E 627 -13.40 21.75 -15.09
C PHE E 627 -14.18 21.73 -13.75
N PHE E 628 -13.53 22.01 -12.63
CA PHE E 628 -14.18 22.05 -11.29
C PHE E 628 -13.61 23.20 -10.45
N LYS E 629 -14.48 24.10 -10.00
CA LYS E 629 -14.14 25.17 -9.03
C LYS E 629 -14.68 24.73 -7.67
N LEU E 630 -13.99 25.16 -6.61
CA LEU E 630 -14.48 25.06 -5.22
C LEU E 630 -15.31 26.33 -4.94
N ALA E 631 -16.34 26.21 -4.11
CA ALA E 631 -17.10 27.38 -3.62
C ALA E 631 -17.93 26.99 -2.40
N PRO E 632 -17.99 27.84 -1.34
CA PRO E 632 -18.98 27.64 -0.28
C PRO E 632 -20.44 27.82 -0.70
N MET G 3 8.22 46.19 59.02
CA MET G 3 7.51 46.34 60.34
C MET G 3 7.17 44.94 60.89
N SER G 4 6.32 44.90 61.92
CA SER G 4 5.55 43.71 62.34
C SER G 4 4.50 43.33 61.29
N ILE G 5 4.11 42.07 61.30
CA ILE G 5 2.97 41.45 60.54
C ILE G 5 1.63 42.04 61.01
N LYS G 6 1.43 42.11 62.33
CA LYS G 6 0.17 42.60 62.91
C LYS G 6 0.08 44.09 62.61
N GLU G 7 1.17 44.84 62.80
CA GLU G 7 1.26 46.31 62.57
C GLU G 7 0.96 46.60 61.10
N GLN G 8 1.44 45.76 60.20
CA GLN G 8 1.20 45.92 58.73
C GLN G 8 -0.30 45.76 58.42
N ARG G 9 -0.92 44.73 59.01
CA ARG G 9 -2.35 44.39 58.82
C ARG G 9 -3.23 45.55 59.30
N GLU G 10 -2.86 46.15 60.43
CA GLU G 10 -3.57 47.29 61.05
C GLU G 10 -3.32 48.57 60.25
N SER G 11 -2.13 48.67 59.63
CA SER G 11 -1.72 49.86 58.84
C SER G 11 -2.64 50.10 57.64
N LEU G 12 -3.11 49.03 57.00
CA LEU G 12 -3.97 49.16 55.79
C LEU G 12 -5.25 49.93 56.15
N PRO G 13 -5.74 50.83 55.27
CA PRO G 13 -6.93 51.63 55.55
C PRO G 13 -8.20 50.78 55.73
N VAL G 14 -8.35 49.73 54.93
CA VAL G 14 -9.57 48.87 54.98
C VAL G 14 -9.86 48.47 56.44
N PHE G 15 -8.84 48.43 57.31
CA PHE G 15 -8.98 48.01 58.75
C PHE G 15 -9.97 48.90 59.50
N GLN G 16 -10.03 50.21 59.19
CA GLN G 16 -10.98 51.16 59.81
C GLN G 16 -12.42 50.79 59.44
N PHE G 17 -12.63 49.98 58.41
CA PHE G 17 -13.99 49.62 57.90
C PHE G 17 -14.26 48.12 58.10
N ARG G 18 -13.42 47.46 58.91
CA ARG G 18 -13.48 45.99 59.14
C ARG G 18 -14.89 45.54 59.57
N ASP G 19 -15.37 46.01 60.73
CA ASP G 19 -16.68 45.59 61.31
C ASP G 19 -17.82 45.86 60.31
N GLN G 20 -17.77 47.00 59.62
CA GLN G 20 -18.83 47.51 58.71
C GLN G 20 -18.96 46.61 57.47
N ILE G 21 -17.84 46.10 56.92
CA ILE G 21 -17.85 45.19 55.74
C ILE G 21 -18.50 43.86 56.13
N ILE G 22 -18.10 43.31 57.27
CA ILE G 22 -18.67 42.03 57.77
C ILE G 22 -20.19 42.18 57.88
N GLN G 23 -20.67 43.32 58.41
CA GLN G 23 -22.12 43.62 58.59
C GLN G 23 -22.79 43.69 57.20
N ALA G 24 -22.14 44.39 56.25
CA ALA G 24 -22.64 44.60 54.88
C ALA G 24 -22.85 43.27 54.16
N VAL G 25 -21.99 42.26 54.41
CA VAL G 25 -22.00 40.93 53.71
C VAL G 25 -23.00 39.98 54.39
N LYS G 26 -23.29 40.18 55.67
CA LYS G 26 -24.36 39.44 56.38
C LYS G 26 -25.72 40.02 55.96
N ASP G 27 -25.79 41.35 55.82
CA ASP G 27 -27.00 42.09 55.38
C ASP G 27 -27.35 41.65 53.95
N ASN G 28 -26.42 41.80 53.01
CA ASN G 28 -26.68 41.69 51.55
C ASN G 28 -26.02 40.43 51.00
N GLN G 29 -26.70 39.69 50.11
CA GLN G 29 -26.04 38.50 49.51
C GLN G 29 -25.08 38.96 48.45
N ILE G 30 -25.47 39.89 47.58
CA ILE G 30 -24.50 40.56 46.64
C ILE G 30 -24.16 41.95 47.19
N LEU G 31 -22.88 42.31 47.10
CA LEU G 31 -22.34 43.63 47.54
C LEU G 31 -21.29 44.13 46.53
N ILE G 32 -21.32 45.43 46.21
CA ILE G 32 -20.26 46.08 45.40
C ILE G 32 -19.26 46.73 46.35
N VAL G 33 -17.97 46.43 46.19
CA VAL G 33 -16.85 46.96 47.01
C VAL G 33 -15.95 47.83 46.12
N VAL G 34 -15.96 49.13 46.37
CA VAL G 34 -15.11 50.08 45.62
C VAL G 34 -13.93 50.41 46.53
N GLY G 35 -12.78 49.80 46.27
CA GLY G 35 -11.58 50.08 47.08
C GLY G 35 -10.38 50.40 46.21
N GLU G 36 -9.70 51.52 46.49
CA GLU G 36 -8.50 51.85 45.69
C GLU G 36 -7.48 50.74 45.94
N THR G 37 -6.83 50.23 44.87
CA THR G 37 -5.83 49.15 45.08
C THR G 37 -4.72 49.72 45.96
N GLY G 38 -4.28 48.94 46.95
CA GLY G 38 -3.30 49.41 47.94
C GLY G 38 -3.99 49.77 49.25
N SER G 39 -5.32 49.65 49.28
CA SER G 39 -6.11 49.86 50.52
C SER G 39 -6.24 48.53 51.26
N GLY G 40 -5.75 47.45 50.64
CA GLY G 40 -5.75 46.10 51.23
C GLY G 40 -7.04 45.33 51.01
N LYS G 41 -7.98 45.86 50.24
CA LYS G 41 -9.23 45.06 50.09
C LYS G 41 -8.90 43.63 49.66
N THR G 42 -7.92 43.48 48.76
CA THR G 42 -7.64 42.18 48.10
C THR G 42 -7.21 41.18 49.18
N THR G 43 -6.30 41.59 50.08
CA THR G 43 -5.62 40.70 51.07
C THR G 43 -6.45 40.52 52.34
N GLN G 44 -7.33 41.48 52.67
CA GLN G 44 -7.95 41.56 54.02
C GLN G 44 -9.38 41.03 53.99
N VAL G 45 -10.20 41.44 53.01
CA VAL G 45 -11.68 41.18 53.03
C VAL G 45 -11.91 39.65 53.05
N THR G 46 -11.13 38.89 52.32
CA THR G 46 -11.13 37.41 52.38
C THR G 46 -10.99 36.98 53.85
N GLN G 47 -9.99 37.52 54.54
CA GLN G 47 -9.61 37.12 55.92
C GLN G 47 -10.67 37.62 56.90
N TYR G 48 -11.17 38.85 56.73
CA TYR G 48 -12.20 39.47 57.61
C TYR G 48 -13.39 38.51 57.65
N LEU G 49 -13.83 38.00 56.51
CA LEU G 49 -14.99 37.07 56.42
C LEU G 49 -14.65 35.76 57.14
N ALA G 50 -13.51 35.14 56.84
CA ALA G 50 -13.06 33.88 57.48
C ALA G 50 -13.06 34.06 59.02
N GLU G 51 -12.56 35.19 59.51
CA GLU G 51 -12.47 35.55 60.96
C GLU G 51 -13.86 35.68 61.60
N ALA G 52 -14.88 35.99 60.80
CA ALA G 52 -16.30 36.14 61.21
C ALA G 52 -17.05 34.81 61.09
N GLY G 53 -16.40 33.75 60.61
CA GLY G 53 -16.96 32.38 60.63
C GLY G 53 -17.66 32.00 59.33
N PHE G 54 -17.43 32.75 58.27
CA PHE G 54 -18.01 32.51 56.93
C PHE G 54 -17.37 31.27 56.29
N THR G 55 -16.40 30.68 56.97
CA THR G 55 -15.58 29.57 56.41
C THR G 55 -16.09 28.24 56.97
N LYS G 56 -17.11 28.29 57.83
CA LYS G 56 -17.63 27.13 58.61
C LYS G 56 -18.25 26.08 57.66
N TYR G 57 -19.12 26.45 56.73
CA TYR G 57 -19.85 25.48 55.87
C TYR G 57 -19.16 25.37 54.50
N GLY G 58 -18.32 26.34 54.09
CA GLY G 58 -17.63 26.26 52.80
C GLY G 58 -16.49 27.26 52.65
N MET G 59 -15.90 27.28 51.46
CA MET G 59 -14.68 28.04 51.10
C MET G 59 -15.01 29.51 50.77
N ILE G 60 -14.06 30.42 51.01
CA ILE G 60 -14.06 31.77 50.37
C ILE G 60 -13.20 31.68 49.11
N GLY G 61 -13.82 31.85 47.95
CA GLY G 61 -13.15 31.96 46.64
C GLY G 61 -12.97 33.42 46.26
N CYS G 62 -11.78 33.81 45.78
CA CYS G 62 -11.51 35.18 45.30
C CYS G 62 -10.81 35.10 43.95
N THR G 63 -11.47 35.56 42.90
CA THR G 63 -10.96 35.50 41.53
C THR G 63 -9.99 36.68 41.31
N GLN G 64 -8.98 36.47 40.48
CA GLN G 64 -8.08 37.54 39.96
C GLN G 64 -7.98 37.37 38.46
N PRO G 65 -7.97 38.44 37.67
CA PRO G 65 -7.80 38.28 36.24
C PRO G 65 -6.42 37.81 35.81
N ARG G 66 -5.41 37.82 36.68
CA ARG G 66 -4.00 37.47 36.30
C ARG G 66 -3.49 36.32 37.18
N ARG G 67 -2.83 35.34 36.59
CA ARG G 67 -2.19 34.20 37.30
C ARG G 67 -1.26 34.75 38.38
N VAL G 68 -0.38 35.66 38.02
CA VAL G 68 0.69 36.14 38.94
C VAL G 68 0.04 36.73 40.19
N ALA G 69 -1.13 37.36 40.05
CA ALA G 69 -1.84 38.04 41.17
C ALA G 69 -2.46 36.99 42.09
N ALA G 70 -3.05 35.95 41.52
CA ALA G 70 -3.57 34.81 42.30
C ALA G 70 -2.47 34.25 43.20
N VAL G 71 -1.27 34.01 42.68
CA VAL G 71 -0.21 33.31 43.48
C VAL G 71 0.37 34.33 44.47
N SER G 72 0.68 35.54 44.00
CA SER G 72 1.36 36.58 44.82
C SER G 72 0.47 36.93 46.03
N VAL G 73 -0.84 37.09 45.80
CA VAL G 73 -1.82 37.44 46.87
C VAL G 73 -1.96 36.25 47.82
N ALA G 74 -2.13 35.05 47.30
CA ALA G 74 -2.23 33.81 48.13
C ALA G 74 -1.00 33.66 49.04
N LYS G 75 0.20 33.90 48.52
CA LYS G 75 1.47 33.75 49.27
C LYS G 75 1.46 34.78 50.42
N ARG G 76 0.93 35.97 50.15
CA ARG G 76 0.90 37.07 51.15
C ARG G 76 -0.12 36.73 52.24
N VAL G 77 -1.35 36.36 51.86
CA VAL G 77 -2.45 36.02 52.81
C VAL G 77 -2.00 34.81 53.63
N ALA G 78 -1.36 33.83 53.01
CA ALA G 78 -0.73 32.67 53.71
C ALA G 78 0.19 33.19 54.84
N GLU G 79 1.12 34.10 54.55
CA GLU G 79 2.07 34.65 55.54
C GLU G 79 1.32 35.43 56.63
N GLU G 80 0.20 36.07 56.28
CA GLU G 80 -0.55 36.92 57.25
C GLU G 80 -1.36 36.04 58.21
N VAL G 81 -1.91 34.90 57.74
CA VAL G 81 -2.67 34.00 58.67
C VAL G 81 -1.65 33.14 59.42
N GLY G 82 -0.54 32.80 58.78
CA GLY G 82 0.58 32.06 59.42
C GLY G 82 0.49 30.57 59.17
N CYS G 83 -0.08 30.20 58.03
CA CYS G 83 -0.25 28.80 57.58
C CYS G 83 0.71 28.53 56.41
N GLN G 84 1.05 27.26 56.23
CA GLN G 84 1.79 26.74 55.05
C GLN G 84 0.93 27.08 53.82
N LEU G 85 1.57 27.44 52.70
CA LEU G 85 0.83 27.75 51.45
C LEU G 85 0.26 26.44 50.94
N GLY G 86 -1.03 26.45 50.59
CA GLY G 86 -1.75 25.28 50.07
C GLY G 86 -2.53 24.54 51.15
N GLN G 87 -2.46 25.02 52.39
CA GLN G 87 -3.27 24.48 53.52
C GLN G 87 -4.45 25.45 53.70
N GLU G 88 -4.55 26.12 54.85
CA GLU G 88 -5.70 27.01 55.18
CA GLU G 88 -5.70 27.01 55.18
C GLU G 88 -5.89 28.06 54.08
N VAL G 89 -4.80 28.53 53.45
CA VAL G 89 -4.80 29.56 52.37
C VAL G 89 -4.12 28.94 51.14
N GLY G 90 -4.79 29.00 49.99
CA GLY G 90 -4.33 28.32 48.76
C GLY G 90 -4.66 29.12 47.53
N TYR G 91 -4.13 28.70 46.39
CA TYR G 91 -4.46 29.22 45.06
C TYR G 91 -4.71 28.05 44.09
N THR G 92 -5.55 28.29 43.08
CA THR G 92 -5.74 27.39 41.92
C THR G 92 -5.65 28.23 40.65
N ILE G 93 -4.64 27.91 39.83
CA ILE G 93 -4.52 28.42 38.44
C ILE G 93 -4.21 27.24 37.54
N ARG G 94 -4.25 27.48 36.25
CA ARG G 94 -3.97 26.41 35.26
C ARG G 94 -2.65 25.76 35.62
N PHE G 95 -2.60 24.45 35.77
CA PHE G 95 -1.34 23.66 35.92
C PHE G 95 -0.83 23.61 37.35
N GLU G 96 -1.50 24.29 38.28
CA GLU G 96 -0.98 24.56 39.64
C GLU G 96 -2.20 24.64 40.56
N ASP G 97 -2.61 23.52 41.14
CA ASP G 97 -3.75 23.50 42.10
C ASP G 97 -3.18 23.40 43.52
N VAL G 98 -2.64 24.50 44.02
CA VAL G 98 -2.00 24.54 45.37
C VAL G 98 -3.12 24.71 46.39
N THR G 99 -3.91 23.67 46.53
CA THR G 99 -5.07 23.67 47.45
C THR G 99 -5.06 22.36 48.25
N SER G 100 -5.68 22.37 49.41
CA SER G 100 -5.77 21.18 50.28
C SER G 100 -7.20 21.08 50.81
N PRO G 101 -7.55 19.96 51.47
CA PRO G 101 -8.84 19.81 52.14
C PRO G 101 -8.96 20.83 53.29
N ALA G 102 -7.85 21.13 53.95
CA ALA G 102 -7.77 22.13 55.04
C ALA G 102 -8.05 23.55 54.54
N THR G 103 -7.79 23.84 53.26
CA THR G 103 -7.90 25.22 52.72
C THR G 103 -9.28 25.81 52.97
N LYS G 104 -9.31 27.02 53.53
CA LYS G 104 -10.58 27.75 53.79
C LYS G 104 -10.61 29.02 52.94
N ILE G 105 -9.44 29.50 52.53
CA ILE G 105 -9.31 30.70 51.66
C ILE G 105 -8.66 30.24 50.36
N LYS G 106 -9.28 30.55 49.22
CA LYS G 106 -8.77 30.07 47.91
C LYS G 106 -8.80 31.22 46.90
N TYR G 107 -7.63 31.66 46.45
CA TYR G 107 -7.47 32.68 45.38
C TYR G 107 -7.33 31.91 44.09
N MET G 108 -7.94 32.38 43.02
CA MET G 108 -7.95 31.64 41.72
C MET G 108 -8.06 32.66 40.59
N THR G 109 -7.72 32.26 39.37
CA THR G 109 -8.01 33.07 38.17
C THR G 109 -9.51 33.00 37.90
N ASP G 110 -10.12 34.10 37.42
CA ASP G 110 -11.54 34.14 37.00
C ASP G 110 -11.81 32.94 36.07
N GLY G 111 -10.91 32.70 35.12
CA GLY G 111 -11.01 31.60 34.13
C GLY G 111 -11.26 30.27 34.80
N MET G 112 -10.61 30.07 35.94
CA MET G 112 -10.65 28.81 36.71
C MET G 112 -12.05 28.64 37.29
N LEU G 113 -12.63 29.71 37.84
CA LEU G 113 -14.01 29.63 38.43
C LEU G 113 -14.99 29.37 37.29
N GLN G 114 -14.75 29.95 36.11
CA GLN G 114 -15.58 29.75 34.90
C GLN G 114 -15.62 28.25 34.64
N ARG G 115 -14.45 27.63 34.57
CA ARG G 115 -14.29 26.19 34.24
C ARG G 115 -14.89 25.35 35.38
N GLU G 116 -14.74 25.75 36.64
CA GLU G 116 -15.30 24.99 37.79
C GLU G 116 -16.82 25.00 37.73
N ILE G 117 -17.42 26.12 37.32
CA ILE G 117 -18.87 26.38 37.43
C ILE G 117 -19.60 25.52 36.39
N LEU G 118 -18.88 25.07 35.35
CA LEU G 118 -19.38 24.08 34.35
C LEU G 118 -19.66 22.74 35.02
N MET G 119 -18.73 22.22 35.83
CA MET G 119 -18.86 20.91 36.53
C MET G 119 -19.71 21.05 37.80
N ASP G 120 -19.78 22.23 38.42
CA ASP G 120 -20.62 22.48 39.62
C ASP G 120 -21.34 23.82 39.47
N PRO G 121 -22.49 23.86 38.75
CA PRO G 121 -23.23 25.11 38.55
C PRO G 121 -23.63 25.87 39.83
N ASP G 122 -23.81 25.17 40.95
CA ASP G 122 -24.21 25.79 42.23
C ASP G 122 -22.97 26.17 43.07
N LEU G 123 -21.76 25.82 42.61
CA LEU G 123 -20.49 26.06 43.33
C LEU G 123 -20.65 25.64 44.79
N LYS G 124 -20.96 24.37 45.05
CA LYS G 124 -21.35 23.89 46.40
C LYS G 124 -20.17 24.05 47.35
N ARG G 125 -18.92 23.88 46.86
CA ARG G 125 -17.72 23.88 47.74
C ARG G 125 -17.49 25.28 48.34
N TYR G 126 -18.09 26.32 47.77
CA TYR G 126 -17.81 27.73 48.18
C TYR G 126 -18.99 28.33 48.93
N SER G 127 -18.72 29.01 50.04
CA SER G 127 -19.69 29.78 50.86
C SER G 127 -19.73 31.25 50.41
N VAL G 128 -18.63 31.75 49.83
CA VAL G 128 -18.47 33.18 49.44
C VAL G 128 -17.61 33.24 48.19
N ILE G 129 -18.04 34.01 47.20
CA ILE G 129 -17.29 34.28 45.96
C ILE G 129 -17.06 35.79 45.90
N MET G 130 -15.80 36.18 45.77
CA MET G 130 -15.41 37.59 45.61
C MET G 130 -14.70 37.70 44.25
N LEU G 131 -15.26 38.54 43.36
CA LEU G 131 -14.70 38.85 42.03
C LEU G 131 -13.82 40.08 42.18
N ASP G 132 -12.50 39.89 42.24
CA ASP G 132 -11.56 41.01 42.47
C ASP G 132 -11.07 41.47 41.10
N GLU G 133 -10.64 42.72 41.05
CA GLU G 133 -10.14 43.46 39.86
C GLU G 133 -11.17 43.39 38.74
N ALA G 134 -12.45 43.24 39.13
CA ALA G 134 -13.56 43.19 38.17
C ALA G 134 -13.49 44.39 37.20
N HIS G 135 -12.87 45.50 37.60
CA HIS G 135 -12.86 46.75 36.78
C HIS G 135 -12.10 46.49 35.48
N GLU G 136 -11.27 45.46 35.45
CA GLU G 136 -10.44 45.15 34.27
C GLU G 136 -11.30 44.48 33.19
N ARG G 137 -12.51 44.07 33.52
CA ARG G 137 -13.56 43.62 32.55
C ARG G 137 -13.02 42.59 31.57
N THR G 138 -12.45 41.50 32.10
CA THR G 138 -12.08 40.31 31.32
C THR G 138 -13.34 39.56 30.95
N ILE G 139 -13.26 38.76 29.88
CA ILE G 139 -14.35 37.91 29.37
C ILE G 139 -14.83 37.00 30.51
N ALA G 140 -13.88 36.36 31.22
CA ALA G 140 -14.22 35.42 32.30
C ALA G 140 -14.96 36.19 33.39
N THR G 141 -14.52 37.40 33.76
CA THR G 141 -15.20 38.10 34.87
C THR G 141 -16.61 38.45 34.38
N ASP G 142 -16.74 39.00 33.16
CA ASP G 142 -18.06 39.37 32.59
C ASP G 142 -19.01 38.15 32.60
N VAL G 143 -18.52 36.99 32.17
CA VAL G 143 -19.29 35.72 32.15
C VAL G 143 -19.70 35.40 33.59
N LEU G 144 -18.80 35.58 34.56
CA LEU G 144 -19.08 35.20 35.97
C LEU G 144 -20.15 36.11 36.55
N PHE G 145 -20.23 37.38 36.12
CA PHE G 145 -21.30 38.30 36.55
C PHE G 145 -22.65 37.63 36.26
N ALA G 146 -22.85 37.19 35.02
CA ALA G 146 -24.13 36.65 34.53
C ALA G 146 -24.44 35.33 35.26
N LEU G 147 -23.47 34.42 35.30
CA LEU G 147 -23.66 33.06 35.88
C LEU G 147 -23.96 33.18 37.36
N LEU G 148 -23.23 34.03 38.09
CA LEU G 148 -23.39 34.16 39.56
C LEU G 148 -24.71 34.85 39.86
N LYS G 149 -25.14 35.78 39.03
CA LYS G 149 -26.46 36.45 39.17
C LYS G 149 -27.59 35.39 39.10
N LYS G 150 -27.46 34.44 38.17
CA LYS G 150 -28.41 33.31 38.05
C LYS G 150 -28.24 32.38 39.27
N THR G 151 -26.98 32.16 39.66
CA THR G 151 -26.60 31.26 40.78
C THR G 151 -27.15 31.74 42.12
N VAL G 152 -27.21 33.06 42.33
CA VAL G 152 -27.68 33.62 43.63
C VAL G 152 -29.12 33.18 43.90
N LYS G 153 -29.97 33.15 42.88
CA LYS G 153 -31.38 32.72 43.10
C LYS G 153 -31.38 31.28 43.61
N ARG G 154 -30.56 30.41 43.01
CA ARG G 154 -30.49 28.98 43.44
C ARG G 154 -29.91 28.84 44.86
N ARG G 155 -28.85 29.57 45.20
CA ARG G 155 -28.28 29.40 46.57
C ARG G 155 -28.45 30.66 47.42
N PRO G 156 -29.40 30.69 48.37
CA PRO G 156 -29.61 31.84 49.26
C PRO G 156 -28.41 32.06 50.21
N ASP G 157 -27.84 30.96 50.69
CA ASP G 157 -26.70 30.98 51.65
C ASP G 157 -25.48 31.65 51.02
N LEU G 158 -25.24 31.40 49.73
CA LEU G 158 -24.05 31.94 49.05
C LEU G 158 -24.04 33.48 49.05
N LYS G 159 -22.86 34.04 49.34
CA LYS G 159 -22.59 35.50 49.35
C LYS G 159 -21.65 35.80 48.19
N VAL G 160 -21.83 36.95 47.56
CA VAL G 160 -21.07 37.41 46.36
C VAL G 160 -20.60 38.83 46.61
N ILE G 161 -19.30 39.04 46.56
CA ILE G 161 -18.71 40.41 46.57
C ILE G 161 -18.18 40.67 45.15
N VAL G 162 -18.48 41.84 44.59
CA VAL G 162 -17.97 42.24 43.26
C VAL G 162 -17.30 43.60 43.42
N THR G 163 -16.03 43.68 43.07
CA THR G 163 -15.23 44.93 43.15
C THR G 163 -15.58 45.82 41.95
N SER G 164 -15.24 47.10 42.02
CA SER G 164 -15.54 48.06 40.94
C SER G 164 -14.67 49.31 41.09
N ALA G 165 -14.38 49.92 39.94
CA ALA G 165 -13.89 51.31 39.81
C ALA G 165 -14.99 52.23 40.35
N THR G 166 -14.63 53.43 40.77
CA THR G 166 -15.60 54.41 41.35
C THR G 166 -16.69 54.65 40.29
N LEU G 167 -16.30 54.94 39.04
CA LEU G 167 -17.24 55.43 37.99
C LEU G 167 -18.22 54.34 37.56
N ASP G 168 -17.87 53.06 37.71
CA ASP G 168 -18.70 51.90 37.31
C ASP G 168 -19.62 51.42 38.46
N ALA G 169 -19.40 51.89 39.69
CA ALA G 169 -20.08 51.39 40.91
C ALA G 169 -21.60 51.36 40.70
N GLU G 170 -22.19 52.50 40.34
CA GLU G 170 -23.66 52.66 40.17
C GLU G 170 -24.14 51.72 39.07
N LYS G 171 -23.40 51.62 37.96
CA LYS G 171 -23.73 50.68 36.86
C LYS G 171 -23.77 49.24 37.38
N PHE G 172 -22.69 48.78 38.03
CA PHE G 172 -22.58 47.41 38.58
C PHE G 172 -23.74 47.19 39.54
N SER G 173 -24.08 48.19 40.34
CA SER G 173 -25.20 48.11 41.31
C SER G 173 -26.48 47.75 40.56
N GLU G 174 -26.88 48.56 39.57
CA GLU G 174 -28.20 48.40 38.88
C GLU G 174 -28.20 47.01 38.21
N TYR G 175 -27.06 46.54 37.69
CA TYR G 175 -26.95 45.17 37.13
C TYR G 175 -27.28 44.12 38.23
N PHE G 176 -26.73 44.28 39.44
CA PHE G 176 -26.85 43.28 40.51
C PHE G 176 -28.02 43.66 41.40
N ASN G 177 -29.21 43.77 40.80
CA ASN G 177 -30.49 43.86 41.55
C ASN G 177 -30.44 45.10 42.45
N SER G 178 -29.74 46.18 42.04
CA SER G 178 -29.56 47.46 42.79
C SER G 178 -29.18 47.20 44.27
N CYS G 179 -28.25 46.29 44.52
CA CYS G 179 -27.59 46.05 45.83
C CYS G 179 -26.75 47.26 46.25
N PRO G 180 -26.36 47.40 47.54
CA PRO G 180 -25.58 48.54 48.00
C PRO G 180 -24.11 48.54 47.52
N ILE G 181 -23.49 49.72 47.60
CA ILE G 181 -22.06 49.99 47.23
C ILE G 181 -21.29 50.35 48.50
N PHE G 182 -20.32 49.53 48.90
CA PHE G 182 -19.41 49.80 50.03
C PHE G 182 -18.10 50.43 49.54
N THR G 183 -17.80 51.66 49.93
CA THR G 183 -16.58 52.40 49.49
C THR G 183 -15.52 52.35 50.58
N ILE G 184 -14.27 52.12 50.17
CA ILE G 184 -13.11 52.11 51.10
C ILE G 184 -12.16 53.20 50.62
N PRO G 185 -11.89 54.27 51.40
CA PRO G 185 -10.97 55.32 50.99
C PRO G 185 -9.53 54.80 51.05
N GLY G 186 -8.65 55.31 50.17
CA GLY G 186 -7.27 54.79 50.13
C GLY G 186 -6.24 55.89 50.18
N ARG G 187 -5.01 55.53 50.55
CA ARG G 187 -3.92 56.55 50.62
C ARG G 187 -3.27 56.67 49.24
N THR G 188 -3.52 57.80 48.57
CA THR G 188 -2.96 58.10 47.23
C THR G 188 -2.57 59.58 47.20
N PHE G 189 -1.64 59.96 46.33
CA PHE G 189 -1.20 61.39 46.24
C PHE G 189 -1.87 62.04 45.04
N PRO G 190 -2.42 63.27 45.17
CA PRO G 190 -3.05 63.96 44.06
C PRO G 190 -2.00 64.23 42.96
N VAL G 191 -2.40 64.10 41.69
CA VAL G 191 -1.42 64.27 40.58
C VAL G 191 -1.79 65.47 39.71
N GLU G 192 -0.81 66.34 39.44
CA GLU G 192 -0.97 67.54 38.57
C GLU G 192 -0.99 67.05 37.13
N ILE G 193 -2.03 67.44 36.40
CA ILE G 193 -2.27 67.02 34.98
C ILE G 193 -1.92 68.21 34.10
N LEU G 194 -0.91 68.06 33.22
CA LEU G 194 -0.40 69.12 32.31
C LEU G 194 -0.71 68.71 30.87
N TYR G 195 -1.64 69.42 30.22
CA TYR G 195 -2.04 69.20 28.80
C TYR G 195 -1.10 70.03 27.94
N SER G 196 -0.81 69.57 26.72
CA SER G 196 -0.11 70.35 25.66
C SER G 196 -1.02 71.49 25.19
N ARG G 197 -0.46 72.70 24.97
CA ARG G 197 -1.21 73.88 24.45
C ARG G 197 -1.71 73.57 23.04
N GLU G 198 -0.93 72.81 22.26
CA GLU G 198 -1.20 72.48 20.84
C GLU G 198 -1.15 70.96 20.65
N PRO G 199 -1.98 70.37 19.76
CA PRO G 199 -1.83 68.96 19.37
C PRO G 199 -0.40 68.56 18.95
N GLU G 200 0.05 67.31 19.21
CA GLU G 200 1.44 66.89 18.92
C GLU G 200 1.45 66.06 17.66
N PRO G 201 2.05 66.52 16.54
CA PRO G 201 2.07 65.73 15.31
C PRO G 201 2.92 64.46 15.42
N ASP G 202 3.91 64.42 16.33
CA ASP G 202 4.76 63.20 16.51
C ASP G 202 4.82 62.81 18.00
N TYR G 203 4.00 61.85 18.43
CA TYR G 203 3.87 61.51 19.88
C TYR G 203 5.18 60.88 20.40
N LEU G 204 5.81 60.02 19.59
CA LEU G 204 7.11 59.39 19.95
C LEU G 204 8.12 60.50 20.33
N GLU G 205 8.34 61.46 19.42
CA GLU G 205 9.33 62.53 19.59
C GLU G 205 8.95 63.40 20.78
N ALA G 206 7.66 63.68 20.99
CA ALA G 206 7.19 64.56 22.10
C ALA G 206 7.41 63.82 23.43
N ALA G 207 7.23 62.51 23.43
CA ALA G 207 7.50 61.63 24.59
C ALA G 207 8.98 61.76 24.97
N LEU G 208 9.88 61.61 24.00
CA LEU G 208 11.35 61.69 24.21
C LEU G 208 11.76 63.11 24.62
N THR G 209 11.14 64.15 24.02
CA THR G 209 11.35 65.59 24.34
C THR G 209 10.93 65.81 25.79
N THR G 210 9.87 65.16 26.26
CA THR G 210 9.31 65.37 27.63
C THR G 210 10.14 64.61 28.67
N VAL G 211 10.62 63.40 28.33
CA VAL G 211 11.52 62.64 29.23
C VAL G 211 12.78 63.49 29.53
N MET G 212 13.43 64.02 28.50
CA MET G 212 14.64 64.87 28.62
C MET G 212 14.36 66.09 29.49
N GLN G 213 13.28 66.81 29.18
CA GLN G 213 12.92 68.06 29.92
C GLN G 213 12.65 67.73 31.38
N ILE G 214 11.91 66.65 31.65
CA ILE G 214 11.61 66.27 33.07
C ILE G 214 12.91 65.93 33.78
N HIS G 215 13.81 65.22 33.11
CA HIS G 215 15.07 64.78 33.75
C HIS G 215 15.95 65.96 34.18
N LEU G 216 16.05 67.01 33.36
CA LEU G 216 16.95 68.15 33.72
C LEU G 216 16.21 69.34 34.30
N THR G 217 14.89 69.45 34.14
CA THR G 217 14.20 70.66 34.67
C THR G 217 13.26 70.34 35.84
N GLU G 218 13.27 69.11 36.35
CA GLU G 218 12.32 68.79 37.45
C GLU G 218 13.05 68.17 38.64
N PRO G 219 12.43 68.18 39.84
CA PRO G 219 13.02 67.61 41.06
C PRO G 219 13.06 66.08 41.07
N PRO G 220 13.75 65.44 42.03
CA PRO G 220 13.92 63.99 42.04
C PRO G 220 12.61 63.22 41.97
N GLY G 221 12.62 62.13 41.19
CA GLY G 221 11.44 61.30 40.94
C GLY G 221 11.57 60.55 39.62
N ASP G 222 11.20 59.27 39.64
CA ASP G 222 11.30 58.39 38.44
C ASP G 222 10.15 58.71 37.50
N ILE G 223 10.37 58.38 36.23
CA ILE G 223 9.47 58.70 35.09
C ILE G 223 8.91 57.38 34.53
N LEU G 224 7.59 57.30 34.38
CA LEU G 224 6.89 56.21 33.64
C LEU G 224 6.30 56.81 32.35
N VAL G 225 6.77 56.33 31.19
CA VAL G 225 6.23 56.75 29.85
C VAL G 225 5.50 55.55 29.24
N PHE G 226 4.29 55.77 28.73
CA PHE G 226 3.49 54.73 28.05
C PHE G 226 3.65 54.83 26.53
N LEU G 227 4.23 53.80 25.93
CA LEU G 227 4.18 53.62 24.46
C LEU G 227 3.31 52.41 24.08
N THR G 228 3.35 52.01 22.80
CA THR G 228 2.23 51.23 22.20
C THR G 228 2.61 49.77 22.01
N GLY G 229 3.89 49.52 21.70
CA GLY G 229 4.44 48.16 21.49
C GLY G 229 5.95 48.10 21.57
N GLN G 230 6.49 46.87 21.50
CA GLN G 230 7.92 46.51 21.65
C GLN G 230 8.80 47.35 20.71
N GLU G 231 8.68 47.23 19.40
CA GLU G 231 9.65 47.84 18.44
C GLU G 231 9.75 49.35 18.71
N GLU G 232 8.65 50.00 19.07
CA GLU G 232 8.61 51.45 19.40
C GLU G 232 9.38 51.73 20.70
N ILE G 233 9.08 50.96 21.74
CA ILE G 233 9.79 51.02 23.06
C ILE G 233 11.28 50.80 22.84
N ASP G 234 11.67 49.81 22.02
CA ASP G 234 13.11 49.48 21.76
C ASP G 234 13.75 50.66 21.06
N THR G 235 13.09 51.25 20.03
CA THR G 235 13.59 52.45 19.28
C THR G 235 13.76 53.63 20.24
N ALA G 236 12.82 53.81 21.16
CA ALA G 236 12.78 54.93 22.14
C ALA G 236 13.96 54.83 23.10
N CYS G 237 14.27 53.62 23.56
CA CYS G 237 15.40 53.33 24.49
C CYS G 237 16.73 53.62 23.81
N GLU G 238 16.91 53.21 22.56
CA GLU G 238 18.15 53.45 21.80
C GLU G 238 18.27 54.96 21.50
N ILE G 239 17.18 55.64 21.14
CA ILE G 239 17.22 57.09 20.79
C ILE G 239 17.55 57.90 22.04
N LEU G 240 16.93 57.56 23.17
CA LEU G 240 17.10 58.27 24.47
C LEU G 240 18.52 58.05 25.02
N TYR G 241 19.07 56.85 24.84
CA TYR G 241 20.48 56.52 25.20
C TYR G 241 21.41 57.39 24.36
N GLU G 242 21.26 57.37 23.02
CA GLU G 242 22.07 58.13 22.02
C GLU G 242 22.11 59.60 22.40
N ARG G 243 20.99 60.14 22.92
CA ARG G 243 20.84 61.60 23.21
C ARG G 243 21.57 61.94 24.51
N MET G 244 21.53 61.04 25.49
CA MET G 244 22.19 61.20 26.81
C MET G 244 23.72 61.06 26.61
N LYS G 245 24.17 60.10 25.80
CA LYS G 245 25.60 59.97 25.41
C LYS G 245 26.07 61.30 24.81
N ALA G 246 25.29 61.85 23.88
CA ALA G 246 25.68 63.10 23.17
C ALA G 246 25.94 64.17 24.23
N LEU G 247 25.13 64.18 25.29
CA LEU G 247 25.34 65.12 26.41
C LEU G 247 26.57 64.67 27.22
N GLY G 248 27.21 65.61 27.92
CA GLY G 248 28.43 65.31 28.70
C GLY G 248 28.17 64.52 29.97
N PRO G 249 29.22 63.99 30.63
CA PRO G 249 29.09 63.21 31.87
C PRO G 249 28.56 63.99 33.09
N SER G 250 28.65 65.33 33.06
CA SER G 250 28.17 66.21 34.15
C SER G 250 26.66 66.00 34.38
N VAL G 251 25.92 65.77 33.30
CA VAL G 251 24.44 65.56 33.40
C VAL G 251 24.20 64.32 34.27
N PRO G 252 23.17 64.32 35.15
CA PRO G 252 22.92 63.18 36.04
C PRO G 252 22.63 61.91 35.24
N GLU G 253 23.13 60.76 35.73
CA GLU G 253 22.93 59.49 35.02
C GLU G 253 21.43 59.20 34.94
N LEU G 254 20.96 58.77 33.77
CA LEU G 254 19.53 58.43 33.59
C LEU G 254 19.45 56.94 33.26
N ILE G 255 18.64 56.19 33.99
CA ILE G 255 18.52 54.73 33.72
C ILE G 255 17.31 54.51 32.81
N ILE G 256 17.57 53.98 31.61
CA ILE G 256 16.48 53.74 30.61
C ILE G 256 16.14 52.25 30.67
N LEU G 257 14.88 51.92 30.99
CA LEU G 257 14.45 50.52 31.13
C LEU G 257 13.15 50.27 30.36
N PRO G 258 13.18 49.34 29.38
CA PRO G 258 11.97 48.90 28.70
C PRO G 258 11.18 47.94 29.60
N ILE G 259 9.87 47.90 29.43
CA ILE G 259 9.02 46.91 30.15
C ILE G 259 7.89 46.46 29.22
N TYR G 260 7.84 45.17 28.88
CA TYR G 260 6.75 44.59 28.06
C TYR G 260 6.68 43.08 28.32
N SER G 261 5.54 42.46 28.01
CA SER G 261 5.34 41.01 28.28
C SER G 261 6.37 40.18 27.52
N ALA G 262 6.64 40.56 26.27
CA ALA G 262 7.57 39.82 25.40
C ALA G 262 9.00 39.79 25.99
N LEU G 263 9.33 40.85 26.72
CA LEU G 263 10.69 41.01 27.31
C LEU G 263 10.98 39.86 28.28
N PRO G 264 12.22 39.33 28.29
CA PRO G 264 12.58 38.23 29.18
C PRO G 264 12.47 38.67 30.65
N SER G 265 12.14 37.73 31.53
CA SER G 265 11.89 38.02 32.97
C SER G 265 13.13 38.63 33.64
N GLU G 266 14.33 38.18 33.27
CA GLU G 266 15.55 38.73 33.93
C GLU G 266 15.63 40.24 33.67
N MET G 267 15.41 40.66 32.42
CA MET G 267 15.44 42.09 32.04
C MET G 267 14.25 42.84 32.66
N GLN G 268 13.08 42.19 32.70
CA GLN G 268 11.83 42.83 33.21
C GLN G 268 11.99 43.25 34.67
N SER G 269 12.58 42.37 35.49
CA SER G 269 12.73 42.62 36.95
C SER G 269 13.58 43.85 37.22
N ARG G 270 14.54 44.14 36.35
CA ARG G 270 15.51 45.23 36.62
C ARG G 270 14.76 46.57 36.70
N ILE G 271 13.46 46.61 36.42
CA ILE G 271 12.62 47.85 36.52
C ILE G 271 12.17 48.11 37.97
N PHE G 272 12.32 47.13 38.88
CA PHE G 272 11.85 47.23 40.28
C PHE G 272 13.00 47.71 41.19
N GLU G 273 14.26 47.46 40.78
CA GLU G 273 15.45 47.88 41.56
C GLU G 273 15.41 49.40 41.72
N PRO G 274 15.60 49.90 42.95
CA PRO G 274 15.57 51.34 43.21
C PRO G 274 16.72 52.04 42.48
N ALA G 275 16.47 53.25 41.98
CA ALA G 275 17.52 54.01 41.26
C ALA G 275 18.64 54.34 42.26
N PRO G 276 19.93 54.20 41.86
CA PRO G 276 21.05 54.54 42.75
C PRO G 276 21.09 56.06 42.98
N PRO G 277 21.62 56.53 44.12
CA PRO G 277 21.66 57.97 44.40
C PRO G 277 22.41 58.73 43.30
N GLY G 278 21.89 59.90 42.94
CA GLY G 278 22.50 60.74 41.89
C GLY G 278 22.03 60.36 40.50
N SER G 279 21.05 59.44 40.40
CA SER G 279 20.54 59.03 39.07
C SER G 279 19.01 59.02 39.07
N ARG G 280 18.41 59.15 37.89
CA ARG G 280 16.94 59.16 37.72
C ARG G 280 16.56 57.98 36.83
N LYS G 281 15.44 57.32 37.12
CA LYS G 281 15.02 56.12 36.36
C LYS G 281 13.80 56.44 35.49
N VAL G 282 13.87 56.10 34.20
CA VAL G 282 12.72 56.27 33.27
C VAL G 282 12.33 54.89 32.74
N VAL G 283 11.13 54.47 33.06
CA VAL G 283 10.59 53.17 32.57
C VAL G 283 9.72 53.50 31.36
N ILE G 284 10.05 52.87 30.22
CA ILE G 284 9.31 52.99 28.93
C ILE G 284 8.49 51.70 28.74
N ALA G 285 7.18 51.81 28.89
CA ALA G 285 6.27 50.67 29.16
C ALA G 285 5.17 50.62 28.12
N THR G 286 4.59 49.47 27.90
CA THR G 286 3.25 49.35 27.29
C THR G 286 2.23 49.59 28.38
N ASN G 287 0.96 49.28 28.07
CA ASN G 287 -0.22 49.45 28.95
C ASN G 287 -0.13 48.47 30.13
N ILE G 288 0.86 47.59 30.10
CA ILE G 288 1.08 46.57 31.16
C ILE G 288 1.34 47.29 32.50
N ALA G 289 2.06 48.40 32.49
CA ALA G 289 2.36 49.22 33.69
C ALA G 289 1.11 49.90 34.26
N GLU G 290 0.06 50.10 33.46
CA GLU G 290 -1.16 50.77 33.99
C GLU G 290 -1.79 49.98 35.13
N THR G 291 -1.94 48.66 34.98
CA THR G 291 -2.60 47.87 36.04
C THR G 291 -1.80 46.60 36.41
N ALA G 292 -1.32 45.86 35.41
CA ALA G 292 -0.64 44.57 35.62
C ALA G 292 0.66 44.70 36.43
N ILE G 293 1.48 45.73 36.16
CA ILE G 293 2.78 45.86 36.87
C ILE G 293 2.83 47.15 37.70
N THR G 294 3.25 47.04 38.96
CA THR G 294 3.38 48.24 39.83
C THR G 294 4.87 48.47 40.10
N ILE G 295 5.32 49.71 39.86
CA ILE G 295 6.74 50.15 40.05
C ILE G 295 6.76 51.20 41.16
N ASP G 296 7.56 50.98 42.18
CA ASP G 296 7.64 51.82 43.41
C ASP G 296 8.47 53.08 43.08
N TYR G 297 8.07 54.21 43.65
CA TYR G 297 8.79 55.50 43.55
C TYR G 297 8.69 56.06 42.12
N ILE G 298 7.50 56.04 41.54
CA ILE G 298 7.19 56.75 40.27
C ILE G 298 6.45 58.04 40.64
N TYR G 299 6.88 59.17 40.08
CA TYR G 299 6.32 60.52 40.38
C TYR G 299 6.00 61.33 39.11
N TYR G 300 6.51 60.92 37.95
CA TYR G 300 6.26 61.61 36.67
C TYR G 300 5.76 60.59 35.67
N VAL G 301 4.64 60.89 35.01
CA VAL G 301 4.09 60.03 33.93
C VAL G 301 4.03 60.84 32.65
N VAL G 302 4.50 60.24 31.56
CA VAL G 302 4.41 60.79 30.18
C VAL G 302 3.41 59.95 29.41
N ASP G 303 2.25 60.53 29.12
CA ASP G 303 1.05 59.86 28.55
C ASP G 303 0.83 60.42 27.16
N PRO G 304 1.42 59.82 26.10
CA PRO G 304 1.12 60.21 24.73
C PRO G 304 -0.33 59.95 24.30
N GLY G 305 -1.06 59.10 25.04
CA GLY G 305 -2.52 58.90 24.87
C GLY G 305 -2.86 57.86 23.81
N PHE G 306 -1.96 56.93 23.55
CA PHE G 306 -2.11 55.89 22.53
C PHE G 306 -1.85 54.53 23.18
N VAL G 307 -2.72 53.58 22.83
CA VAL G 307 -2.57 52.15 23.14
C VAL G 307 -2.83 51.42 21.82
N LYS G 308 -2.25 50.23 21.69
CA LYS G 308 -2.58 49.31 20.60
C LYS G 308 -3.69 48.42 21.14
N GLN G 309 -4.90 48.52 20.57
CA GLN G 309 -6.09 47.81 21.13
C GLN G 309 -6.58 46.80 20.11
N ASN G 310 -7.09 45.68 20.62
CA ASN G 310 -7.73 44.62 19.81
C ASN G 310 -9.16 45.05 19.46
N ALA G 311 -9.60 44.77 18.24
CA ALA G 311 -11.02 44.85 17.81
C ALA G 311 -11.28 43.80 16.74
N TYR G 312 -12.29 42.94 16.95
CA TYR G 312 -12.61 41.80 16.06
C TYR G 312 -13.68 42.26 15.06
N ASP G 313 -13.44 42.01 13.77
CA ASP G 313 -14.41 42.16 12.67
C ASP G 313 -14.94 40.77 12.32
N PRO G 314 -16.14 40.40 12.80
CA PRO G 314 -16.71 39.08 12.50
C PRO G 314 -17.05 38.91 11.02
N LYS G 315 -17.45 39.97 10.33
CA LYS G 315 -17.73 39.90 8.87
C LYS G 315 -16.49 39.36 8.15
N LEU G 316 -15.29 39.79 8.54
CA LEU G 316 -14.03 39.48 7.80
C LEU G 316 -13.21 38.37 8.47
N GLY G 317 -13.57 37.97 9.69
CA GLY G 317 -12.79 37.01 10.51
C GLY G 317 -11.41 37.51 10.78
N MET G 318 -11.26 38.79 11.15
CA MET G 318 -9.97 39.53 11.22
C MET G 318 -9.91 40.37 12.49
N ASP G 319 -8.85 40.28 13.26
CA ASP G 319 -8.59 41.20 14.39
C ASP G 319 -7.89 42.43 13.83
N SER G 320 -8.12 43.58 14.42
CA SER G 320 -7.37 44.82 14.17
C SER G 320 -6.59 45.22 15.43
N LEU G 321 -5.27 45.24 15.34
CA LEU G 321 -4.37 45.87 16.32
C LEU G 321 -3.91 47.19 15.78
N VAL G 322 -4.63 48.25 16.05
CA VAL G 322 -4.19 49.58 15.56
C VAL G 322 -4.00 50.51 16.75
N VAL G 323 -3.05 51.43 16.59
CA VAL G 323 -2.74 52.48 17.59
C VAL G 323 -3.94 53.42 17.61
N THR G 324 -4.62 53.50 18.73
CA THR G 324 -5.89 54.27 18.85
C THR G 324 -5.78 55.07 20.13
N PRO G 325 -6.46 56.23 20.20
CA PRO G 325 -6.53 56.99 21.44
C PRO G 325 -7.08 56.11 22.58
N ILE G 326 -6.51 56.26 23.76
CA ILE G 326 -6.97 55.61 25.00
C ILE G 326 -8.30 56.23 25.45
N SER G 327 -8.86 55.66 26.51
CA SER G 327 -10.13 56.09 27.13
C SER G 327 -9.80 57.07 28.27
N GLN G 328 -10.74 57.93 28.64
CA GLN G 328 -10.52 58.84 29.78
C GLN G 328 -10.14 58.01 31.01
N ALA G 329 -10.90 56.97 31.33
CA ALA G 329 -10.64 56.09 32.49
C ALA G 329 -9.18 55.63 32.43
N GLN G 330 -8.70 55.28 31.23
CA GLN G 330 -7.35 54.72 30.97
C GLN G 330 -6.30 55.82 31.17
N ALA G 331 -6.53 57.02 30.62
CA ALA G 331 -5.70 58.23 30.79
C ALA G 331 -5.54 58.56 32.27
N ASN G 332 -6.62 58.39 33.04
CA ASN G 332 -6.68 58.67 34.50
C ASN G 332 -5.95 57.54 35.22
N GLN G 333 -6.01 56.30 34.74
CA GLN G 333 -5.26 55.21 35.39
C GLN G 333 -3.76 55.48 35.21
N ARG G 334 -3.38 55.97 34.02
CA ARG G 334 -1.96 56.28 33.66
C ARG G 334 -1.49 57.44 34.53
N ALA G 335 -2.27 58.52 34.62
CA ALA G 335 -1.97 59.69 35.46
C ALA G 335 -1.80 59.24 36.92
N GLY G 336 -2.70 58.40 37.43
CA GLY G 336 -2.76 58.02 38.85
C GLY G 336 -1.49 57.31 39.32
N ARG G 337 -0.68 56.84 38.38
CA ARG G 337 0.49 55.98 38.65
C ARG G 337 1.62 56.84 39.24
N ALA G 338 1.50 58.17 39.15
CA ALA G 338 2.44 59.19 39.67
C ALA G 338 2.11 59.55 41.12
N GLY G 339 0.92 59.15 41.59
CA GLY G 339 0.39 59.44 42.94
C GLY G 339 0.46 58.25 43.89
N ARG G 340 1.10 57.17 43.47
CA ARG G 340 1.24 55.94 44.30
C ARG G 340 2.05 56.25 45.55
N THR G 341 3.11 57.06 45.41
CA THR G 341 4.01 57.37 46.55
C THR G 341 4.14 58.89 46.70
N GLY G 342 3.09 59.54 47.20
CA GLY G 342 3.07 61.00 47.39
C GLY G 342 2.66 61.74 46.13
N PRO G 343 2.56 63.08 46.16
CA PRO G 343 2.15 63.86 44.99
C PRO G 343 3.18 63.79 43.86
N GLY G 344 2.67 63.83 42.63
CA GLY G 344 3.44 63.81 41.37
C GLY G 344 2.66 64.45 40.22
N LYS G 345 3.27 64.41 39.02
CA LYS G 345 2.78 65.16 37.83
C LYS G 345 2.65 64.15 36.69
N CYS G 346 1.73 64.40 35.76
CA CYS G 346 1.53 63.62 34.50
C CYS G 346 1.47 64.62 33.34
N PHE G 347 2.31 64.36 32.34
CA PHE G 347 2.44 65.18 31.11
C PHE G 347 1.64 64.51 29.98
N ARG G 348 0.44 65.02 29.70
CA ARG G 348 -0.46 64.53 28.64
C ARG G 348 -0.12 65.25 27.33
N LEU G 349 0.48 64.51 26.39
CA LEU G 349 0.90 65.11 25.10
C LEU G 349 -0.31 65.20 24.18
N TYR G 350 -1.36 65.86 24.68
CA TYR G 350 -2.62 66.10 23.93
C TYR G 350 -3.35 67.26 24.57
N THR G 351 -4.29 67.86 23.84
CA THR G 351 -5.08 69.01 24.37
C THR G 351 -6.17 68.49 25.31
N GLU G 352 -6.68 69.36 26.18
CA GLU G 352 -7.77 69.01 27.15
C GLU G 352 -9.03 68.64 26.36
N ALA G 353 -9.29 69.34 25.25
CA ALA G 353 -10.46 69.07 24.38
C ALA G 353 -10.38 67.64 23.84
N ALA G 354 -9.18 67.19 23.45
CA ALA G 354 -9.01 65.81 22.94
C ALA G 354 -9.40 64.82 24.04
N TYR G 355 -8.97 65.07 25.28
CA TYR G 355 -9.32 64.18 26.42
C TYR G 355 -10.83 64.22 26.61
N GLN G 356 -11.41 65.42 26.53
CA GLN G 356 -12.87 65.61 26.68
C GLN G 356 -13.70 65.09 25.50
N SER G 357 -13.24 65.26 24.25
CA SER G 357 -14.10 64.85 23.12
C SER G 357 -13.49 63.76 22.22
N GLU G 358 -12.17 63.57 22.22
CA GLU G 358 -11.59 62.54 21.31
C GLU G 358 -11.34 61.22 22.04
N MET G 359 -11.61 61.17 23.34
CA MET G 359 -11.37 59.91 24.11
C MET G 359 -12.68 59.40 24.70
N LEU G 360 -12.99 58.12 24.47
CA LEU G 360 -14.22 57.51 25.03
C LEU G 360 -14.12 57.52 26.55
N PRO G 361 -15.19 57.84 27.29
CA PRO G 361 -15.13 57.87 28.76
C PRO G 361 -14.66 56.58 29.45
N THR G 362 -15.08 55.39 28.99
CA THR G 362 -14.57 54.08 29.52
C THR G 362 -14.02 53.21 28.37
N THR G 363 -13.03 52.36 28.64
CA THR G 363 -12.49 51.37 27.68
C THR G 363 -13.59 50.39 27.33
N ILE G 364 -13.78 50.11 26.04
CA ILE G 364 -14.78 49.10 25.61
C ILE G 364 -14.39 47.78 26.28
N PRO G 365 -15.27 47.11 27.05
CA PRO G 365 -14.94 45.83 27.64
C PRO G 365 -14.61 44.75 26.60
N ASP G 366 -13.77 43.78 26.98
CA ASP G 366 -13.16 42.77 26.08
C ASP G 366 -14.26 41.97 25.39
N ILE G 367 -15.31 41.60 26.11
CA ILE G 367 -16.37 40.72 25.54
C ILE G 367 -17.01 41.39 24.31
N GLN G 368 -16.92 42.71 24.19
CA GLN G 368 -17.52 43.43 23.02
C GLN G 368 -16.50 43.63 21.88
N ARG G 369 -15.28 43.13 21.94
CA ARG G 369 -14.36 43.32 20.81
C ARG G 369 -13.45 42.12 20.58
N GLN G 370 -13.77 40.93 21.11
CA GLN G 370 -13.00 39.68 20.80
C GLN G 370 -13.93 38.71 20.07
N ASN G 371 -13.33 37.77 19.32
CA ASN G 371 -14.08 36.60 18.78
C ASN G 371 -14.67 35.84 19.98
N LEU G 372 -15.93 35.37 19.89
CA LEU G 372 -16.63 34.71 21.03
C LEU G 372 -16.94 33.21 20.78
N ALA G 373 -16.40 32.60 19.72
CA ALA G 373 -16.59 31.17 19.43
C ALA G 373 -16.29 30.31 20.69
N ASN G 374 -15.23 30.65 21.41
CA ASN G 374 -14.82 29.96 22.66
C ASN G 374 -15.88 30.14 23.76
N THR G 375 -16.22 31.38 24.07
CA THR G 375 -17.18 31.71 25.14
C THR G 375 -18.54 31.05 24.86
N ILE G 376 -18.97 31.06 23.60
CA ILE G 376 -20.29 30.52 23.19
C ILE G 376 -20.28 29.00 23.41
N LEU G 377 -19.22 28.31 23.01
CA LEU G 377 -19.14 26.84 23.17
C LEU G 377 -19.27 26.48 24.67
N LEU G 378 -18.61 27.24 25.53
CA LEU G 378 -18.63 26.96 26.99
C LEU G 378 -20.05 27.13 27.49
N LEU G 379 -20.73 28.23 27.12
CA LEU G 379 -22.10 28.50 27.64
C LEU G 379 -23.05 27.43 27.08
N LYS G 380 -22.90 26.99 25.83
CA LYS G 380 -23.70 25.86 25.30
C LYS G 380 -23.48 24.61 26.17
N ALA G 381 -22.24 24.30 26.49
CA ALA G 381 -21.92 23.13 27.34
C ALA G 381 -22.60 23.26 28.73
N MET G 382 -22.76 24.47 29.24
CA MET G 382 -23.37 24.71 30.58
C MET G 382 -24.90 24.63 30.49
N GLY G 383 -25.46 24.42 29.29
CA GLY G 383 -26.90 24.25 29.02
C GLY G 383 -27.64 25.57 28.82
N ILE G 384 -26.99 26.57 28.22
CA ILE G 384 -27.56 27.93 27.96
C ILE G 384 -27.76 28.06 26.44
N ASN G 385 -28.97 28.45 25.98
CA ASN G 385 -29.31 28.32 24.54
C ASN G 385 -29.58 29.67 23.85
N ASP G 386 -30.51 30.44 24.37
CA ASP G 386 -30.86 31.72 23.70
C ASP G 386 -29.80 32.75 24.08
N LEU G 387 -28.60 32.66 23.48
CA LEU G 387 -27.42 33.43 23.93
C LEU G 387 -27.56 34.89 23.55
N LEU G 388 -28.29 35.20 22.50
CA LEU G 388 -28.58 36.62 22.20
C LEU G 388 -29.30 37.23 23.41
N ARG G 389 -30.12 36.46 24.15
CA ARG G 389 -30.88 37.01 25.30
C ARG G 389 -30.14 36.81 26.63
N PHE G 390 -28.94 36.24 26.63
CA PHE G 390 -28.16 35.97 27.86
C PHE G 390 -27.81 37.27 28.56
N ASP G 391 -27.79 37.28 29.89
CA ASP G 391 -27.89 38.55 30.70
C ASP G 391 -26.49 39.13 30.95
N PHE G 392 -25.75 39.48 29.90
CA PHE G 392 -24.43 40.14 29.96
C PHE G 392 -24.61 41.58 30.42
N MET G 393 -23.82 42.04 31.38
CA MET G 393 -23.77 43.47 31.78
C MET G 393 -23.61 44.34 30.53
N ASP G 394 -22.65 44.04 29.66
CA ASP G 394 -22.45 44.77 28.38
C ASP G 394 -22.50 43.75 27.26
N PRO G 395 -23.60 43.68 26.49
CA PRO G 395 -23.79 42.59 25.54
C PRO G 395 -22.87 42.75 24.34
N PRO G 396 -22.31 41.65 23.83
CA PRO G 396 -21.52 41.69 22.59
C PRO G 396 -22.36 42.10 21.40
N PRO G 397 -21.75 42.65 20.34
CA PRO G 397 -22.48 42.94 19.12
C PRO G 397 -23.23 41.69 18.63
N VAL G 398 -24.41 41.87 18.09
CA VAL G 398 -25.25 40.76 17.56
C VAL G 398 -24.49 39.97 16.52
N ASN G 399 -23.85 40.62 15.55
CA ASN G 399 -23.19 39.91 14.42
C ASN G 399 -22.03 39.05 14.93
N THR G 400 -21.39 39.44 16.03
CA THR G 400 -20.29 38.67 16.63
C THR G 400 -20.87 37.36 17.15
N MET G 401 -22.01 37.40 17.82
CA MET G 401 -22.61 36.17 18.40
C MET G 401 -23.12 35.30 17.28
N LEU G 402 -23.72 35.91 16.29
CA LEU G 402 -24.35 35.16 15.17
C LEU G 402 -23.24 34.45 14.40
N THR G 403 -22.12 35.10 14.08
CA THR G 403 -21.04 34.45 13.28
C THR G 403 -20.38 33.35 14.15
N ALA G 404 -20.19 33.60 15.44
CA ALA G 404 -19.68 32.58 16.37
C ALA G 404 -20.57 31.32 16.35
N LEU G 405 -21.89 31.49 16.42
CA LEU G 405 -22.86 30.37 16.38
C LEU G 405 -22.75 29.68 15.01
N GLU G 406 -22.57 30.43 13.93
CA GLU G 406 -22.45 29.84 12.56
C GLU G 406 -21.14 29.03 12.48
N GLU G 407 -20.10 29.47 13.13
CA GLU G 407 -18.77 28.79 13.07
C GLU G 407 -18.86 27.48 13.86
N LEU G 408 -19.51 27.49 15.01
CA LEU G 408 -19.70 26.26 15.82
C LEU G 408 -20.55 25.26 15.03
N TYR G 409 -21.54 25.75 14.29
CA TYR G 409 -22.36 24.90 13.38
C TYR G 409 -21.42 24.26 12.35
N ALA G 410 -20.58 25.03 11.67
CA ALA G 410 -19.73 24.52 10.57
C ALA G 410 -18.73 23.46 11.06
N LEU G 411 -18.36 23.49 12.33
CA LEU G 411 -17.35 22.56 12.90
C LEU G 411 -18.01 21.29 13.42
N GLY G 412 -19.33 21.32 13.60
CA GLY G 412 -20.11 20.13 14.01
C GLY G 412 -20.40 20.15 15.50
N ALA G 413 -20.12 21.27 16.17
CA ALA G 413 -20.34 21.46 17.62
C ALA G 413 -21.80 21.78 17.92
N LEU G 414 -22.56 22.29 16.94
CA LEU G 414 -24.02 22.56 17.01
C LEU G 414 -24.76 21.91 15.83
N ASP G 415 -26.01 21.45 16.06
CA ASP G 415 -26.89 20.94 14.98
C ASP G 415 -27.62 22.12 14.32
N ASP G 416 -28.51 21.83 13.36
CA ASP G 416 -29.29 22.79 12.53
C ASP G 416 -30.13 23.75 13.40
N GLU G 417 -30.50 23.35 14.62
CA GLU G 417 -31.32 24.14 15.59
C GLU G 417 -30.41 24.87 16.59
N GLY G 418 -29.10 24.69 16.48
CA GLY G 418 -28.11 25.37 17.35
C GLY G 418 -27.91 24.70 18.71
N LEU G 419 -28.35 23.47 18.89
CA LEU G 419 -28.15 22.73 20.16
C LEU G 419 -26.82 22.01 20.11
N LEU G 420 -26.22 21.78 21.28
CA LEU G 420 -24.87 21.18 21.43
C LEU G 420 -24.90 19.72 20.96
N THR G 421 -23.99 19.36 20.06
CA THR G 421 -23.83 17.96 19.57
C THR G 421 -22.92 17.17 20.52
N ARG G 422 -22.81 15.86 20.28
CA ARG G 422 -21.93 14.98 21.09
C ARG G 422 -20.51 15.51 20.90
N LEU G 423 -20.12 15.77 19.65
CA LEU G 423 -18.80 16.37 19.28
C LEU G 423 -18.57 17.68 20.02
N GLY G 424 -19.54 18.60 19.99
CA GLY G 424 -19.48 19.88 20.70
C GLY G 424 -19.11 19.70 22.17
N ARG G 425 -19.79 18.81 22.87
CA ARG G 425 -19.58 18.62 24.32
C ARG G 425 -18.14 18.13 24.51
N LYS G 426 -17.65 17.27 23.63
CA LYS G 426 -16.26 16.78 23.73
C LYS G 426 -15.27 17.94 23.48
N MET G 427 -15.57 18.81 22.51
CA MET G 427 -14.70 19.95 22.11
C MET G 427 -14.64 20.97 23.25
N ALA G 428 -15.71 21.05 24.05
CA ALA G 428 -15.79 21.97 25.19
C ALA G 428 -14.85 21.51 26.32
N ASP G 429 -14.45 20.24 26.36
CA ASP G 429 -13.50 19.76 27.40
C ASP G 429 -12.10 20.31 27.16
N PHE G 430 -11.78 20.63 25.90
CA PHE G 430 -10.44 21.12 25.49
C PHE G 430 -10.34 22.61 25.74
N PRO G 431 -9.34 23.07 26.52
CA PRO G 431 -9.21 24.48 26.89
C PRO G 431 -8.55 25.29 25.76
N MET G 432 -9.25 25.45 24.65
CA MET G 432 -8.72 26.08 23.40
C MET G 432 -9.90 26.48 22.52
N GLU G 433 -9.66 27.28 21.47
CA GLU G 433 -10.73 27.76 20.56
C GLU G 433 -11.31 26.53 19.89
N PRO G 434 -12.60 26.51 19.50
CA PRO G 434 -13.16 25.33 18.87
C PRO G 434 -12.38 24.80 17.65
N SER G 435 -11.92 25.70 16.77
CA SER G 435 -11.25 25.25 15.51
C SER G 435 -10.02 24.40 15.87
N LEU G 436 -9.32 24.68 16.96
CA LEU G 436 -8.15 23.84 17.37
C LEU G 436 -8.64 22.49 17.90
N SER G 437 -9.66 22.46 18.77
CA SER G 437 -10.20 21.19 19.29
C SER G 437 -10.69 20.36 18.11
N LYS G 438 -11.30 20.98 17.11
CA LYS G 438 -11.81 20.26 15.90
C LYS G 438 -10.66 19.51 15.24
N VAL G 439 -9.50 20.12 15.21
CA VAL G 439 -8.33 19.63 14.45
C VAL G 439 -7.66 18.51 15.27
N LEU G 440 -7.63 18.66 16.59
CA LEU G 440 -7.17 17.57 17.48
C LEU G 440 -8.02 16.32 17.23
N ILE G 441 -9.32 16.47 17.05
CA ILE G 441 -10.23 15.31 16.91
C ILE G 441 -10.12 14.74 15.49
N ALA G 442 -10.06 15.59 14.47
CA ALA G 442 -9.80 15.18 13.08
C ALA G 442 -8.46 14.43 13.03
N SER G 443 -7.49 14.77 13.86
CA SER G 443 -6.12 14.21 13.74
C SER G 443 -6.12 12.73 14.16
N VAL G 444 -7.16 12.25 14.86
CA VAL G 444 -7.18 10.82 15.32
C VAL G 444 -7.50 9.98 14.09
N ASP G 445 -8.56 10.32 13.34
CA ASP G 445 -8.95 9.62 12.10
C ASP G 445 -7.79 9.62 11.11
N LYS G 446 -6.98 10.68 11.06
CA LYS G 446 -5.90 10.85 10.05
C LYS G 446 -4.61 10.14 10.49
N GLY G 447 -4.54 9.73 11.77
CA GLY G 447 -3.35 9.08 12.39
C GLY G 447 -2.16 10.02 12.59
N CYS G 448 -2.39 11.24 13.06
CA CYS G 448 -1.36 12.28 13.27
C CYS G 448 -1.61 13.09 14.56
N SER G 449 -2.31 12.51 15.54
CA SER G 449 -2.68 13.21 16.80
C SER G 449 -1.42 13.54 17.62
N ASP G 450 -0.34 12.77 17.46
CA ASP G 450 0.90 12.96 18.26
C ASP G 450 1.51 14.28 17.84
N GLU G 451 1.60 14.49 16.52
CA GLU G 451 2.17 15.75 15.97
C GLU G 451 1.15 16.87 16.22
N MET G 452 -0.14 16.60 16.06
CA MET G 452 -1.15 17.69 16.13
C MET G 452 -1.21 18.22 17.57
N VAL G 453 -0.96 17.37 18.56
CA VAL G 453 -1.00 17.82 19.98
C VAL G 453 0.14 18.83 20.17
N THR G 454 1.31 18.54 19.63
CA THR G 454 2.48 19.44 19.70
C THR G 454 2.13 20.72 18.97
N ILE G 455 1.59 20.64 17.76
CA ILE G 455 1.32 21.89 16.99
C ILE G 455 0.30 22.73 17.74
N VAL G 456 -0.77 22.12 18.24
CA VAL G 456 -1.85 22.87 18.95
C VAL G 456 -1.27 23.54 20.20
N SER G 457 -0.34 22.87 20.89
CA SER G 457 0.30 23.41 22.11
C SER G 457 1.08 24.69 21.78
N MET G 458 1.78 24.69 20.64
CA MET G 458 2.61 25.83 20.17
C MET G 458 1.76 27.06 19.85
N LEU G 459 0.58 26.86 19.27
CA LEU G 459 -0.32 27.97 18.85
C LEU G 459 -0.78 28.81 20.03
N ASN G 460 -0.98 28.18 21.20
CA ASN G 460 -1.45 28.89 22.42
C ASN G 460 -0.44 29.94 22.90
N LEU G 461 0.86 29.65 22.79
CA LEU G 461 1.96 30.49 23.37
C LEU G 461 1.87 31.96 22.93
N GLN G 462 2.07 32.86 23.89
CA GLN G 462 2.02 34.32 23.67
C GLN G 462 3.11 34.80 22.71
N GLN G 463 4.36 34.36 22.91
CA GLN G 463 5.48 34.72 21.99
C GLN G 463 6.51 33.60 22.02
N ILE G 464 6.84 33.06 20.85
CA ILE G 464 7.81 31.94 20.70
C ILE G 464 9.21 32.45 20.34
N PHE G 465 9.31 33.41 19.43
CA PHE G 465 10.65 33.83 18.93
C PHE G 465 11.06 35.20 19.47
N TYR G 466 12.26 35.24 20.07
CA TYR G 466 12.83 36.49 20.61
C TYR G 466 13.62 37.18 19.50
N ARG G 467 13.37 38.47 19.30
CA ARG G 467 14.03 39.24 18.21
C ARG G 467 14.61 40.55 18.77
N PRO G 468 15.76 40.51 19.47
CA PRO G 468 16.36 41.74 20.01
C PRO G 468 16.74 42.70 18.87
N LYS G 469 16.60 44.00 19.11
CA LYS G 469 16.82 45.02 18.05
C LYS G 469 18.23 44.95 17.49
N ASP G 470 19.24 44.78 18.33
CA ASP G 470 20.65 44.76 17.84
C ASP G 470 20.92 43.43 17.11
N LYS G 471 20.24 42.34 17.43
CA LYS G 471 20.56 41.00 16.86
C LYS G 471 19.35 40.42 16.12
N GLN G 472 18.69 41.22 15.29
CA GLN G 472 17.50 40.83 14.49
C GLN G 472 17.91 39.84 13.39
N GLN G 473 18.99 40.07 12.65
CA GLN G 473 19.41 39.16 11.54
C GLN G 473 19.84 37.82 12.14
N GLN G 474 20.52 37.84 13.30
CA GLN G 474 21.04 36.62 13.99
C GLN G 474 19.85 35.75 14.42
N ALA G 475 18.81 36.37 14.97
CA ALA G 475 17.57 35.71 15.45
C ALA G 475 16.81 35.04 14.29
N ASP G 476 16.58 35.79 13.21
CA ASP G 476 15.90 35.30 11.99
C ASP G 476 16.70 34.12 11.37
N GLN G 477 18.04 34.18 11.39
CA GLN G 477 18.85 33.14 10.71
C GLN G 477 18.75 31.88 11.55
N LYS G 478 18.64 32.01 12.88
CA LYS G 478 18.54 30.83 13.78
C LYS G 478 17.14 30.23 13.62
N LYS G 479 16.12 31.07 13.50
CA LYS G 479 14.73 30.62 13.30
C LYS G 479 14.57 29.82 11.99
N ALA G 480 15.23 30.27 10.94
CA ALA G 480 15.15 29.70 9.57
C ALA G 480 15.64 28.25 9.56
N LYS G 481 16.48 27.86 10.51
CA LYS G 481 17.02 26.48 10.56
C LYS G 481 15.85 25.52 10.85
N PHE G 482 14.73 25.99 11.39
CA PHE G 482 13.52 25.17 11.72
C PHE G 482 12.41 25.22 10.63
N HIS G 483 12.51 26.11 9.63
CA HIS G 483 11.46 26.28 8.59
C HIS G 483 11.17 24.92 7.93
N ASP G 484 9.91 24.53 7.87
CA ASP G 484 9.42 23.41 7.02
C ASP G 484 8.93 24.03 5.71
N PRO G 485 9.24 23.40 4.54
CA PRO G 485 8.79 23.91 3.25
C PRO G 485 7.28 24.16 3.16
N THR G 486 6.45 23.44 3.93
CA THR G 486 4.97 23.55 3.87
C THR G 486 4.49 24.80 4.62
N GLY G 487 5.30 25.36 5.52
CA GLY G 487 4.93 26.58 6.24
C GLY G 487 5.07 26.44 7.75
N ASP G 488 4.24 27.19 8.48
CA ASP G 488 4.49 27.56 9.90
C ASP G 488 4.05 26.41 10.83
N HIS G 489 3.06 25.58 10.47
CA HIS G 489 2.47 24.60 11.42
C HIS G 489 3.58 23.57 11.69
N LEU G 490 4.23 23.03 10.66
CA LEU G 490 5.29 21.99 10.85
C LEU G 490 6.60 22.67 11.29
N THR G 491 6.78 23.98 11.09
CA THR G 491 7.88 24.73 11.74
C THR G 491 7.68 24.65 13.26
N LEU G 492 6.46 24.94 13.77
CA LEU G 492 6.18 24.86 15.23
C LEU G 492 6.52 23.45 15.74
N LEU G 493 6.21 22.42 14.95
CA LEU G 493 6.52 21.02 15.30
C LEU G 493 8.03 20.87 15.43
N ASN G 494 8.76 21.38 14.43
CA ASN G 494 10.25 21.30 14.34
C ASN G 494 10.83 21.98 15.59
N VAL G 495 10.37 23.19 15.92
CA VAL G 495 10.87 23.96 17.09
C VAL G 495 10.67 23.14 18.36
N TYR G 496 9.46 22.64 18.61
CA TYR G 496 9.16 21.90 19.85
C TYR G 496 10.09 20.67 19.92
N ASN G 497 10.25 19.97 18.78
CA ASN G 497 11.05 18.72 18.69
C ASN G 497 12.51 19.07 18.99
N ALA G 498 13.05 20.13 18.41
CA ALA G 498 14.47 20.48 18.54
C ALA G 498 14.74 20.80 20.02
N TRP G 499 13.86 21.52 20.66
CA TRP G 499 13.95 21.83 22.11
C TRP G 499 13.96 20.56 22.95
N LYS G 500 13.02 19.64 22.67
CA LYS G 500 12.94 18.33 23.36
C LYS G 500 14.30 17.64 23.19
N ASN G 501 14.77 17.49 21.94
CA ASN G 501 16.03 16.73 21.61
C ASN G 501 17.26 17.49 22.11
N SER G 502 17.12 18.72 22.60
CA SER G 502 18.18 19.50 23.29
C SER G 502 18.18 19.18 24.79
N GLY G 503 17.26 18.32 25.25
CA GLY G 503 17.05 18.01 26.68
C GLY G 503 16.34 19.15 27.40
N TYR G 504 15.47 19.88 26.71
CA TYR G 504 14.68 21.01 27.27
C TYR G 504 15.65 22.04 27.86
N SER G 505 16.76 22.31 27.15
CA SER G 505 17.88 23.19 27.58
C SER G 505 17.47 24.67 27.52
N ASN G 506 17.67 25.43 28.60
CA ASN G 506 17.45 26.90 28.56
C ASN G 506 18.55 27.51 27.69
N ALA G 507 19.77 26.95 27.76
CA ALA G 507 20.92 27.39 26.94
C ALA G 507 20.51 27.33 25.45
N TRP G 508 19.87 26.23 25.02
CA TRP G 508 19.53 26.01 23.59
C TRP G 508 18.47 27.03 23.16
N CYS G 509 17.57 27.39 24.07
CA CYS G 509 16.56 28.47 23.85
C CYS G 509 17.30 29.80 23.61
N PHE G 510 18.24 30.14 24.50
CA PHE G 510 19.04 31.40 24.44
C PHE G 510 19.83 31.41 23.12
N GLU G 511 20.54 30.33 22.80
CA GLU G 511 21.40 30.24 21.60
C GLU G 511 20.56 30.39 20.31
N ASN G 512 19.30 29.92 20.29
CA ASN G 512 18.45 29.91 19.06
C ASN G 512 17.38 31.01 19.09
N TYR G 513 17.51 31.99 19.98
CA TYR G 513 16.58 33.15 20.13
C TYR G 513 15.13 32.66 20.25
N ILE G 514 14.92 31.68 21.14
CA ILE G 514 13.57 31.11 21.41
C ILE G 514 13.27 31.32 22.90
N GLN G 515 12.09 31.84 23.23
CA GLN G 515 11.73 32.12 24.64
C GLN G 515 11.56 30.80 25.41
N ALA G 516 12.23 30.69 26.56
CA ALA G 516 12.14 29.50 27.43
C ALA G 516 10.74 29.40 28.02
N ARG G 517 10.17 30.54 28.41
CA ARG G 517 8.84 30.60 29.04
C ARG G 517 7.79 30.03 28.08
N ALA G 518 7.93 30.33 26.80
CA ALA G 518 6.93 29.89 25.79
C ALA G 518 7.04 28.37 25.64
N MET G 519 8.25 27.86 25.47
CA MET G 519 8.47 26.40 25.34
C MET G 519 7.99 25.69 26.61
N ARG G 520 8.12 26.33 27.77
CA ARG G 520 7.79 25.71 29.07
C ARG G 520 6.26 25.70 29.20
N ARG G 521 5.57 26.70 28.65
CA ARG G 521 4.10 26.67 28.59
C ARG G 521 3.63 25.63 27.56
N ALA G 522 4.24 25.61 26.36
CA ALA G 522 3.85 24.64 25.31
C ALA G 522 3.81 23.25 25.98
N ARG G 523 4.87 22.91 26.71
CA ARG G 523 5.05 21.55 27.28
C ARG G 523 3.93 21.30 28.28
N ASP G 524 3.63 22.27 29.16
CA ASP G 524 2.59 22.10 30.21
C ASP G 524 1.22 21.91 29.53
N VAL G 525 0.94 22.66 28.47
CA VAL G 525 -0.29 22.53 27.64
C VAL G 525 -0.31 21.13 27.02
N ARG G 526 0.79 20.71 26.40
CA ARG G 526 0.86 19.38 25.75
C ARG G 526 0.56 18.29 26.77
N GLN G 527 1.03 18.41 28.01
CA GLN G 527 0.78 17.39 29.05
C GLN G 527 -0.71 17.41 29.41
N GLN G 528 -1.32 18.57 29.51
CA GLN G 528 -2.77 18.68 29.80
C GLN G 528 -3.59 18.10 28.65
N ILE G 529 -3.22 18.40 27.41
CA ILE G 529 -4.03 17.96 26.23
C ILE G 529 -3.97 16.44 26.13
N VAL G 530 -2.79 15.84 26.29
CA VAL G 530 -2.63 14.36 26.31
C VAL G 530 -3.56 13.76 27.38
N LYS G 531 -3.60 14.32 28.60
CA LYS G 531 -4.48 13.81 29.69
C LYS G 531 -5.93 13.79 29.20
N ILE G 532 -6.36 14.88 28.53
CA ILE G 532 -7.76 15.05 28.05
C ILE G 532 -8.02 14.05 26.93
N MET G 533 -7.04 13.88 26.04
CA MET G 533 -7.14 12.93 24.91
C MET G 533 -7.29 11.51 25.46
N GLU G 534 -6.46 11.08 26.43
CA GLU G 534 -6.59 9.73 27.04
C GLU G 534 -7.99 9.60 27.66
N ARG G 535 -8.41 10.63 28.41
CA ARG G 535 -9.71 10.62 29.15
C ARG G 535 -10.88 10.46 28.19
N HIS G 536 -10.79 11.02 26.98
CA HIS G 536 -11.87 10.92 25.98
C HIS G 536 -11.63 9.72 25.04
N ARG G 537 -10.62 8.91 25.36
CA ARG G 537 -10.25 7.69 24.59
C ARG G 537 -9.87 8.05 23.15
N HIS G 538 -9.18 9.17 22.98
CA HIS G 538 -8.66 9.55 21.64
C HIS G 538 -7.19 9.11 21.63
N PRO G 539 -6.81 8.10 20.82
CA PRO G 539 -5.44 7.60 20.83
C PRO G 539 -4.42 8.59 20.28
N ILE G 540 -3.24 8.67 20.92
CA ILE G 540 -2.15 9.54 20.42
C ILE G 540 -1.41 8.71 19.38
N ILE G 541 -1.38 9.18 18.13
CA ILE G 541 -0.79 8.41 17.00
C ILE G 541 0.20 9.29 16.23
N SER G 542 1.39 8.77 15.94
CA SER G 542 2.37 9.47 15.09
C SER G 542 2.12 9.15 13.61
N CYS G 543 2.26 10.16 12.75
CA CYS G 543 2.09 9.99 11.28
C CYS G 543 3.45 9.62 10.67
N GLY G 544 4.53 9.71 11.47
CA GLY G 544 5.89 9.43 11.01
C GLY G 544 6.27 10.41 9.91
N ARG G 545 6.68 9.88 8.75
CA ARG G 545 7.11 10.66 7.55
C ARG G 545 5.90 11.27 6.83
N ASP G 546 4.69 10.73 7.01
CA ASP G 546 3.48 11.09 6.21
C ASP G 546 2.77 12.31 6.82
N THR G 547 3.39 13.50 6.71
CA THR G 547 2.91 14.75 7.34
C THR G 547 1.80 15.38 6.48
N ASP G 548 1.49 14.87 5.30
CA ASP G 548 0.29 15.38 4.59
C ASP G 548 -0.93 15.16 5.51
N LYS G 549 -0.91 14.14 6.37
CA LYS G 549 -2.07 13.84 7.25
C LYS G 549 -2.29 15.01 8.20
N ILE G 550 -1.23 15.70 8.64
CA ILE G 550 -1.36 16.88 9.55
C ILE G 550 -2.09 18.00 8.79
N ARG G 551 -1.71 18.26 7.54
CA ARG G 551 -2.26 19.38 6.75
C ARG G 551 -3.72 19.07 6.41
N GLN G 552 -4.05 17.82 6.09
CA GLN G 552 -5.45 17.37 5.82
C GLN G 552 -6.28 17.62 7.08
N ALA G 553 -5.82 17.16 8.23
CA ALA G 553 -6.52 17.37 9.53
C ALA G 553 -6.74 18.87 9.81
N LEU G 554 -5.75 19.73 9.53
CA LEU G 554 -5.86 21.19 9.75
C LEU G 554 -7.05 21.72 8.93
N CYS G 555 -7.24 21.20 7.71
CA CYS G 555 -8.37 21.63 6.86
C CYS G 555 -9.71 21.38 7.58
N ALA G 556 -9.78 20.48 8.55
CA ALA G 556 -11.05 20.10 9.20
C ALA G 556 -11.57 21.25 10.06
N GLY G 557 -10.68 22.07 10.63
CA GLY G 557 -11.16 23.17 11.48
C GLY G 557 -10.77 24.55 10.98
N PHE G 558 -9.94 24.63 9.94
CA PHE G 558 -9.47 25.96 9.45
C PHE G 558 -9.87 26.19 7.99
N PHE G 559 -10.93 25.51 7.53
CA PHE G 559 -11.37 25.65 6.11
C PHE G 559 -11.79 27.10 5.81
N ARG G 560 -12.41 27.77 6.78
CA ARG G 560 -12.85 29.19 6.57
C ARG G 560 -11.62 30.06 6.35
N ASN G 561 -10.54 29.83 7.10
CA ASN G 561 -9.31 30.65 6.98
C ASN G 561 -8.45 30.11 5.83
N THR G 562 -8.88 30.34 4.59
CA THR G 562 -8.09 29.84 3.42
C THR G 562 -7.94 30.96 2.38
N ALA G 563 -6.85 30.94 1.63
CA ALA G 563 -6.61 31.95 0.56
C ALA G 563 -5.91 31.32 -0.63
N ARG G 564 -6.02 31.96 -1.79
CA ARG G 564 -5.41 31.53 -3.07
C ARG G 564 -4.60 32.68 -3.68
N LYS G 565 -3.44 32.39 -4.24
CA LYS G 565 -2.42 33.38 -4.63
C LYS G 565 -2.88 34.17 -5.84
N ASP G 566 -2.77 35.51 -5.79
CA ASP G 566 -3.10 36.49 -6.86
C ASP G 566 -1.80 36.88 -7.57
N PRO G 567 -1.76 36.90 -8.91
CA PRO G 567 -0.69 37.60 -9.64
C PRO G 567 -0.85 39.11 -9.66
N GLY G 570 -0.24 39.63 -3.58
CA GLY G 570 -0.41 38.55 -2.59
C GLY G 570 -1.63 37.65 -2.86
N TYR G 571 -2.37 37.34 -1.80
CA TYR G 571 -3.41 36.29 -1.76
C TYR G 571 -4.79 36.94 -1.62
N LYS G 572 -5.86 36.22 -1.93
CA LYS G 572 -7.25 36.63 -1.61
C LYS G 572 -8.01 35.48 -0.93
N THR G 573 -8.84 35.78 0.08
CA THR G 573 -9.54 34.75 0.89
C THR G 573 -10.56 34.03 -0.01
N LEU G 574 -10.70 32.71 0.13
CA LEU G 574 -11.66 31.90 -0.64
C LEU G 574 -13.09 32.39 -0.44
N THR G 575 -13.48 32.72 0.80
CA THR G 575 -14.85 33.12 1.20
C THR G 575 -15.26 34.45 0.54
N GLU G 576 -14.63 35.58 0.85
CA GLU G 576 -15.12 36.93 0.43
C GLU G 576 -14.13 37.61 -0.52
N GLY G 577 -13.07 36.94 -0.96
CA GLY G 577 -12.08 37.52 -1.90
C GLY G 577 -11.17 38.59 -1.30
N THR G 578 -11.19 38.84 0.02
CA THR G 578 -10.44 39.99 0.63
C THR G 578 -8.94 39.76 0.47
N PRO G 579 -8.18 40.78 0.02
CA PRO G 579 -6.73 40.66 -0.09
C PRO G 579 -6.10 40.53 1.31
N VAL G 580 -5.20 39.55 1.45
CA VAL G 580 -4.45 39.21 2.69
C VAL G 580 -2.99 38.89 2.30
N TYR G 581 -2.07 38.96 3.26
CA TYR G 581 -0.61 38.92 2.99
C TYR G 581 0.09 37.97 3.97
N LEU G 582 1.10 37.26 3.48
CA LEU G 582 2.06 36.46 4.30
C LEU G 582 2.81 37.42 5.21
N HIS G 583 2.86 37.09 6.50
CA HIS G 583 3.65 37.81 7.52
C HIS G 583 5.12 37.53 7.24
N PRO G 584 6.00 38.54 7.39
CA PRO G 584 7.41 38.36 7.12
C PRO G 584 8.09 37.32 8.01
N SER G 585 7.53 37.05 9.19
CA SER G 585 8.03 35.95 10.06
C SER G 585 7.64 34.58 9.50
N SER G 586 6.86 34.45 8.45
CA SER G 586 6.36 33.12 8.00
C SER G 586 7.45 32.34 7.25
N ALA G 587 7.47 31.04 7.46
CA ALA G 587 8.34 30.07 6.77
C ALA G 587 8.02 30.07 5.27
N LEU G 588 6.86 30.62 4.89
CA LEU G 588 6.37 30.68 3.50
C LEU G 588 6.69 32.04 2.89
N PHE G 589 7.39 32.91 3.60
CA PHE G 589 7.52 34.32 3.18
C PHE G 589 8.11 34.40 1.77
N GLY G 590 9.35 33.96 1.58
CA GLY G 590 9.98 34.07 0.25
C GLY G 590 9.43 33.08 -0.78
N LYS G 591 8.42 32.29 -0.44
CA LYS G 591 8.17 30.96 -1.07
C LYS G 591 6.83 30.97 -1.80
N GLN G 592 6.65 30.06 -2.74
CA GLN G 592 5.43 29.94 -3.58
C GLN G 592 4.49 28.94 -2.93
N ALA G 593 3.21 29.25 -2.90
CA ALA G 593 2.15 28.35 -2.39
C ALA G 593 0.81 28.85 -2.90
N GLU G 594 0.18 28.13 -3.84
CA GLU G 594 -1.04 28.64 -4.51
C GLU G 594 -2.16 28.71 -3.49
N TRP G 595 -2.41 27.60 -2.81
CA TRP G 595 -3.48 27.49 -1.78
C TRP G 595 -2.83 27.44 -0.40
N VAL G 596 -3.30 28.28 0.53
CA VAL G 596 -2.73 28.29 1.91
C VAL G 596 -3.84 28.32 2.95
N LEU G 597 -3.53 27.86 4.16
CA LEU G 597 -4.45 27.83 5.32
C LEU G 597 -3.76 28.61 6.44
N TYR G 598 -4.46 29.51 7.11
CA TYR G 598 -3.83 30.33 8.19
C TYR G 598 -4.58 30.17 9.51
N HIS G 599 -3.88 30.38 10.62
CA HIS G 599 -4.47 30.23 11.97
C HIS G 599 -5.39 31.41 12.30
N GLU G 600 -4.94 32.60 11.95
CA GLU G 600 -5.50 33.89 12.45
C GLU G 600 -5.15 34.93 11.40
N LEU G 601 -6.06 35.84 11.12
CA LEU G 601 -5.85 36.99 10.20
C LEU G 601 -5.85 38.26 11.05
N VAL G 602 -4.77 39.03 11.07
CA VAL G 602 -4.66 40.21 11.97
C VAL G 602 -4.15 41.41 11.17
N LEU G 603 -4.96 42.46 11.12
CA LEU G 603 -4.62 43.77 10.53
C LEU G 603 -3.82 44.60 11.52
N THR G 604 -2.50 44.69 11.33
CA THR G 604 -1.61 45.64 12.04
C THR G 604 -1.42 46.78 11.04
N THR G 605 -0.31 46.77 10.30
CA THR G 605 0.03 47.73 9.22
C THR G 605 -0.47 47.18 7.89
N LYS G 606 -0.57 45.85 7.76
CA LYS G 606 -1.29 45.14 6.65
C LYS G 606 -2.21 44.03 7.22
N GLU G 607 -3.09 43.53 6.37
CA GLU G 607 -3.97 42.36 6.65
C GLU G 607 -3.13 41.08 6.60
N TYR G 608 -2.46 40.73 7.70
CA TYR G 608 -1.44 39.65 7.73
C TYR G 608 -2.08 38.33 8.17
N MET G 609 -1.87 37.29 7.37
CA MET G 609 -2.11 35.89 7.80
C MET G 609 -1.03 35.55 8.84
N HIS G 610 -1.41 34.82 9.88
CA HIS G 610 -0.44 34.34 10.91
C HIS G 610 -0.43 32.81 10.90
N PHE G 611 0.75 32.20 10.97
CA PHE G 611 0.92 30.73 10.96
C PHE G 611 0.28 30.11 9.71
N THR G 612 0.63 30.63 8.53
CA THR G 612 0.12 30.12 7.22
C THR G 612 0.78 28.79 6.85
N THR G 613 0.00 27.86 6.27
CA THR G 613 0.51 26.55 5.80
C THR G 613 -0.02 26.26 4.39
N ALA G 614 0.83 25.76 3.49
CA ALA G 614 0.41 25.43 2.10
C ALA G 614 -0.52 24.23 2.16
N ILE G 615 -1.61 24.27 1.40
CA ILE G 615 -2.55 23.11 1.29
C ILE G 615 -2.83 22.82 -0.18
N GLU G 616 -3.48 21.70 -0.43
CA GLU G 616 -4.10 21.31 -1.72
C GLU G 616 -5.61 21.48 -1.62
N PRO G 617 -6.29 22.04 -2.63
CA PRO G 617 -7.72 22.25 -2.57
C PRO G 617 -8.51 20.94 -2.34
N LYS G 618 -8.06 19.82 -2.89
CA LYS G 618 -8.75 18.53 -2.68
C LYS G 618 -9.01 18.35 -1.17
N TRP G 619 -8.07 18.75 -0.31
CA TRP G 619 -8.16 18.55 1.16
C TRP G 619 -9.32 19.36 1.76
N LEU G 620 -9.69 20.47 1.15
CA LEU G 620 -10.79 21.32 1.66
C LEU G 620 -12.11 20.58 1.51
N VAL G 621 -12.42 20.06 0.33
CA VAL G 621 -13.71 19.37 0.07
C VAL G 621 -13.73 18.06 0.86
N GLU G 622 -12.58 17.41 1.04
CA GLU G 622 -12.50 16.17 1.86
C GLU G 622 -12.87 16.49 3.32
N ALA G 623 -12.19 17.48 3.93
CA ALA G 623 -12.25 17.79 5.37
C ALA G 623 -13.51 18.58 5.75
N ALA G 624 -14.13 19.33 4.83
CA ALA G 624 -15.32 20.15 5.13
C ALA G 624 -16.38 19.98 4.04
N PRO G 625 -17.01 18.79 3.90
CA PRO G 625 -17.80 18.48 2.71
C PRO G 625 -19.08 19.33 2.66
N THR G 626 -19.50 19.92 3.78
CA THR G 626 -20.77 20.69 3.89
C THR G 626 -20.49 22.17 3.59
N PHE G 627 -19.25 22.63 3.78
CA PHE G 627 -18.84 24.05 3.61
C PHE G 627 -18.18 24.26 2.23
N PHE G 628 -18.07 23.23 1.38
CA PHE G 628 -17.46 23.33 0.03
C PHE G 628 -18.23 22.44 -0.96
N LYS G 629 -18.77 23.03 -2.02
CA LYS G 629 -19.39 22.30 -3.15
C LYS G 629 -18.41 22.37 -4.33
N LEU G 630 -18.51 21.39 -5.23
CA LEU G 630 -17.84 21.46 -6.55
C LEU G 630 -18.76 22.16 -7.55
N ALA G 631 -18.19 22.89 -8.49
CA ALA G 631 -18.94 23.67 -9.50
C ALA G 631 -18.26 23.51 -10.86
N PRO G 632 -19.04 23.19 -11.91
CA PRO G 632 -18.48 23.10 -13.26
C PRO G 632 -17.77 24.39 -13.73
N THR G 633 -16.87 24.29 -14.72
CA THR G 633 -16.04 25.37 -15.32
C THR G 633 -15.66 26.41 -14.26
#